data_6VWB
#
_entry.id   6VWB
#
_entity_poly.entity_id   1
_entity_poly.type   'polypeptide(L)'
_entity_poly.pdbx_seq_one_letter_code
;AAAPVRLGRKRPLPACPNPLFVRWLTEWRDEATRSRRRTRFVFQKALRSLRRYPLPLRSGKEAKILQHFGDGLCRMLDER
LQRHRTSGGD
;
_entity_poly.pdbx_strand_id   A
#
# COMPACT_ATOMS: atom_id res chain seq x y z
N ALA A 1 1.52 20.80 13.11
CA ALA A 1 2.87 20.22 12.95
C ALA A 1 2.95 19.43 11.63
N ALA A 2 2.12 18.38 11.52
CA ALA A 2 1.93 17.62 10.27
C ALA A 2 0.52 17.88 9.71
N ALA A 3 0.26 17.43 8.47
CA ALA A 3 -1.05 17.58 7.81
C ALA A 3 -2.12 16.70 8.51
N PRO A 4 -3.19 17.32 9.15
CA PRO A 4 -4.25 16.56 9.86
C PRO A 4 -5.08 15.68 8.92
N VAL A 5 -4.87 14.36 9.01
CA VAL A 5 -5.70 13.38 8.30
C VAL A 5 -7.12 13.39 8.87
N ARG A 6 -8.10 13.70 8.00
CA ARG A 6 -9.52 13.66 8.37
C ARG A 6 -9.97 12.20 8.35
N LEU A 7 -10.12 11.64 9.56
CA LEU A 7 -10.42 10.21 9.78
C LEU A 7 -11.73 10.05 10.57
N GLY A 8 -11.97 8.83 11.05
CA GLY A 8 -13.11 8.53 11.91
C GLY A 8 -13.38 7.05 12.02
N ARG A 9 -14.53 6.72 12.63
CA ARG A 9 -15.00 5.32 12.79
C ARG A 9 -15.87 4.89 11.57
N LYS A 10 -15.77 5.66 10.47
CA LYS A 10 -16.51 5.43 9.22
C LYS A 10 -16.10 4.09 8.56
N ARG A 11 -17.10 3.38 7.99
CA ARG A 11 -16.87 2.12 7.29
C ARG A 11 -16.88 2.34 5.75
N PRO A 12 -16.15 1.50 4.93
CA PRO A 12 -15.35 0.33 5.38
C PRO A 12 -14.01 0.73 6.06
N LEU A 13 -13.77 0.20 7.27
CA LEU A 13 -12.53 0.43 8.04
C LEU A 13 -11.32 -0.23 7.34
N PRO A 14 -10.08 0.36 7.48
CA PRO A 14 -8.86 -0.18 6.84
C PRO A 14 -8.36 -1.45 7.57
N ALA A 15 -8.49 -2.59 6.89
CA ALA A 15 -8.16 -3.92 7.44
C ALA A 15 -6.64 -4.07 7.65
N CYS A 16 -5.87 -3.28 6.88
CA CYS A 16 -4.42 -3.15 7.06
C CYS A 16 -4.09 -1.72 7.58
N PRO A 17 -3.93 -1.55 8.93
CA PRO A 17 -3.57 -0.27 9.58
C PRO A 17 -2.04 -0.17 9.89
N ASN A 18 -1.25 -1.03 9.22
CA ASN A 18 0.21 -1.17 9.41
C ASN A 18 0.95 0.10 8.93
N PRO A 19 1.53 0.94 9.87
CA PRO A 19 2.09 2.29 9.56
C PRO A 19 3.12 2.31 8.41
N LEU A 20 3.81 1.17 8.22
CA LEU A 20 4.79 0.99 7.12
C LEU A 20 4.06 1.01 5.76
N PHE A 21 3.09 0.08 5.60
CA PHE A 21 2.33 -0.09 4.35
C PHE A 21 1.44 1.14 4.08
N VAL A 22 0.65 1.54 5.11
CA VAL A 22 -0.27 2.69 5.04
C VAL A 22 0.43 3.95 4.52
N ARG A 23 1.63 4.24 5.09
CA ARG A 23 2.38 5.44 4.72
C ARG A 23 2.86 5.35 3.27
N TRP A 24 3.68 4.33 2.95
CA TRP A 24 4.42 4.24 1.65
C TRP A 24 3.46 4.16 0.45
N LEU A 25 2.30 3.53 0.66
CA LEU A 25 1.22 3.49 -0.33
C LEU A 25 0.65 4.91 -0.54
N THR A 26 0.39 5.66 0.56
CA THR A 26 -0.12 7.05 0.47
C THR A 26 0.94 8.01 -0.14
N GLU A 27 2.24 7.74 0.12
CA GLU A 27 3.36 8.55 -0.41
C GLU A 27 3.37 8.44 -1.94
N TRP A 28 3.39 7.18 -2.40
CA TRP A 28 3.45 6.83 -3.83
C TRP A 28 2.09 7.14 -4.52
N ARG A 29 1.00 7.21 -3.73
CA ARG A 29 -0.35 7.56 -4.24
C ARG A 29 -0.36 9.00 -4.75
N ASP A 30 0.03 9.93 -3.85
CA ASP A 30 0.10 11.37 -4.15
C ASP A 30 1.20 11.68 -5.19
N GLU A 31 2.24 10.83 -5.23
CA GLU A 31 3.31 10.89 -6.25
C GLU A 31 2.81 10.39 -7.63
N ALA A 32 1.89 9.40 -7.63
CA ALA A 32 1.28 8.85 -8.86
C ALA A 32 0.31 9.87 -9.47
N THR A 33 -0.39 10.58 -8.57
CA THR A 33 -1.28 11.71 -8.90
C THR A 33 -0.44 12.92 -9.40
N ARG A 34 0.74 13.10 -8.78
CA ARG A 34 1.71 14.16 -9.14
C ARG A 34 2.31 13.91 -10.54
N SER A 35 2.49 12.62 -10.88
CA SER A 35 2.99 12.19 -12.20
C SER A 35 1.89 12.30 -13.28
N ARG A 36 0.60 12.33 -12.84
CA ARG A 36 -0.59 12.49 -13.71
C ARG A 36 -0.70 11.38 -14.78
N ARG A 37 -0.03 10.25 -14.52
CA ARG A 37 0.03 9.11 -15.44
C ARG A 37 -1.08 8.08 -15.09
N ARG A 38 -1.24 7.05 -15.95
CA ARG A 38 -2.14 5.89 -15.72
C ARG A 38 -1.88 5.22 -14.35
N THR A 39 -0.60 5.33 -13.89
CA THR A 39 -0.13 4.82 -12.60
C THR A 39 -0.98 5.34 -11.43
N ARG A 40 -1.57 6.54 -11.59
CA ARG A 40 -2.50 7.14 -10.62
C ARG A 40 -3.65 6.17 -10.29
N PHE A 41 -4.44 5.81 -11.33
CA PHE A 41 -5.67 5.01 -11.14
C PHE A 41 -5.35 3.59 -10.66
N VAL A 42 -4.38 2.94 -11.32
CA VAL A 42 -4.04 1.52 -11.06
C VAL A 42 -3.44 1.34 -9.65
N PHE A 43 -2.70 2.37 -9.16
CA PHE A 43 -2.05 2.33 -7.84
C PHE A 43 -3.06 2.63 -6.74
N GLN A 44 -3.94 3.62 -6.97
CA GLN A 44 -4.96 4.04 -5.98
C GLN A 44 -5.94 2.89 -5.70
N LYS A 45 -6.32 2.17 -6.78
CA LYS A 45 -7.19 0.97 -6.68
C LYS A 45 -6.45 -0.16 -5.94
N ALA A 46 -5.16 -0.32 -6.25
CA ALA A 46 -4.28 -1.32 -5.60
C ALA A 46 -4.11 -1.02 -4.09
N LEU A 47 -4.08 0.29 -3.75
CA LEU A 47 -3.98 0.78 -2.35
C LEU A 47 -5.25 0.39 -1.58
N ARG A 48 -6.42 0.64 -2.23
CA ARG A 48 -7.73 0.31 -1.65
C ARG A 48 -7.82 -1.20 -1.38
N SER A 49 -7.41 -2.00 -2.38
CA SER A 49 -7.49 -3.48 -2.35
C SER A 49 -6.54 -4.09 -1.31
N LEU A 50 -5.37 -3.46 -1.13
CA LEU A 50 -4.34 -3.92 -0.17
C LEU A 50 -4.86 -3.74 1.27
N ARG A 51 -5.40 -2.53 1.54
CA ARG A 51 -5.93 -2.16 2.86
C ARG A 51 -7.38 -2.66 3.06
N ARG A 52 -8.00 -3.18 1.98
CA ARG A 52 -9.32 -3.85 2.04
C ARG A 52 -9.15 -5.29 2.52
N TYR A 53 -7.98 -5.87 2.20
CA TYR A 53 -7.68 -7.28 2.49
C TYR A 53 -7.15 -7.46 3.94
N PRO A 54 -7.90 -8.21 4.82
CA PRO A 54 -7.43 -8.54 6.18
C PRO A 54 -6.46 -9.75 6.18
N LEU A 55 -5.32 -9.60 5.48
CA LEU A 55 -4.25 -10.62 5.43
C LEU A 55 -3.02 -10.12 6.20
N PRO A 56 -2.18 -11.03 6.77
CA PRO A 56 -0.91 -10.65 7.42
C PRO A 56 0.19 -10.25 6.41
N LEU A 57 0.10 -9.00 5.89
CA LEU A 57 1.13 -8.43 5.00
C LEU A 57 2.41 -8.09 5.81
N ARG A 58 3.43 -8.93 5.63
CA ARG A 58 4.75 -8.80 6.29
C ARG A 58 5.87 -8.72 5.24
N SER A 59 5.51 -9.05 3.99
CA SER A 59 6.43 -9.10 2.85
C SER A 59 5.68 -8.71 1.56
N GLY A 60 6.46 -8.46 0.48
CA GLY A 60 5.94 -8.06 -0.83
C GLY A 60 5.15 -9.15 -1.54
N LYS A 61 5.28 -10.41 -1.07
CA LYS A 61 4.59 -11.58 -1.63
C LYS A 61 3.06 -11.48 -1.39
N GLU A 62 2.69 -10.96 -0.20
CA GLU A 62 1.27 -10.74 0.19
C GLU A 62 0.66 -9.58 -0.63
N ALA A 63 1.52 -8.74 -1.21
CA ALA A 63 1.09 -7.66 -2.14
C ALA A 63 0.99 -8.20 -3.59
N LYS A 64 1.83 -9.21 -3.91
CA LYS A 64 1.87 -9.84 -5.25
C LYS A 64 0.59 -10.63 -5.56
N ILE A 65 0.00 -11.28 -4.54
CA ILE A 65 -1.21 -12.10 -4.72
C ILE A 65 -2.43 -11.26 -5.16
N LEU A 66 -2.39 -9.93 -4.92
CA LEU A 66 -3.42 -9.00 -5.43
C LEU A 66 -3.22 -8.79 -6.94
N GLN A 67 -4.26 -9.10 -7.73
CA GLN A 67 -4.28 -8.89 -9.19
C GLN A 67 -4.46 -7.39 -9.52
N HIS A 68 -4.91 -6.59 -8.52
CA HIS A 68 -5.03 -5.11 -8.64
C HIS A 68 -3.65 -4.43 -8.62
N PHE A 69 -2.65 -5.12 -8.03
CA PHE A 69 -1.24 -4.75 -8.19
C PHE A 69 -0.74 -5.34 -9.53
N GLY A 70 -0.53 -4.47 -10.53
CA GLY A 70 0.10 -4.87 -11.80
C GLY A 70 1.53 -5.35 -11.59
N ASP A 71 2.14 -5.99 -12.61
CA ASP A 71 3.51 -6.52 -12.52
C ASP A 71 4.52 -5.43 -12.11
N GLY A 72 4.35 -4.23 -12.71
CA GLY A 72 5.16 -3.05 -12.39
C GLY A 72 5.03 -2.63 -10.93
N LEU A 73 3.78 -2.63 -10.42
CA LEU A 73 3.48 -2.27 -9.02
C LEU A 73 4.14 -3.30 -8.05
N CYS A 74 3.95 -4.60 -8.34
CA CYS A 74 4.49 -5.72 -7.50
C CYS A 74 6.03 -5.63 -7.35
N ARG A 75 6.70 -5.17 -8.42
CA ARG A 75 8.16 -4.93 -8.43
C ARG A 75 8.53 -3.79 -7.45
N MET A 76 7.94 -2.61 -7.68
CA MET A 76 8.31 -1.35 -7.01
C MET A 76 7.99 -1.38 -5.50
N LEU A 77 6.87 -2.01 -5.15
CA LEU A 77 6.40 -2.12 -3.74
C LEU A 77 7.22 -3.17 -2.98
N ASP A 78 7.64 -4.25 -3.66
CA ASP A 78 8.52 -5.28 -3.05
C ASP A 78 9.89 -4.63 -2.72
N GLU A 79 10.37 -3.77 -3.65
CA GLU A 79 11.61 -3.00 -3.50
C GLU A 79 11.48 -1.95 -2.38
N ARG A 80 10.29 -1.33 -2.26
CA ARG A 80 10.00 -0.31 -1.23
C ARG A 80 10.26 -0.88 0.19
N LEU A 81 9.69 -2.09 0.41
CA LEU A 81 9.88 -2.85 1.68
C LEU A 81 11.35 -3.29 1.84
N GLN A 82 11.93 -3.87 0.77
CA GLN A 82 13.29 -4.47 0.79
C GLN A 82 14.38 -3.42 1.11
N ARG A 83 14.33 -2.28 0.42
CA ARG A 83 15.31 -1.17 0.56
C ARG A 83 15.24 -0.60 1.98
N HIS A 84 14.00 -0.39 2.48
CA HIS A 84 13.80 0.13 3.85
C HIS A 84 14.24 -0.89 4.91
N ARG A 85 14.08 -2.20 4.59
CA ARG A 85 14.46 -3.33 5.47
C ARG A 85 15.99 -3.35 5.66
N THR A 86 16.71 -3.24 4.54
CA THR A 86 18.18 -3.21 4.51
C THR A 86 18.71 -1.90 5.14
N SER A 87 17.91 -0.83 5.04
CA SER A 87 18.22 0.50 5.62
C SER A 87 18.08 0.48 7.16
N GLY A 88 17.35 -0.52 7.69
CA GLY A 88 17.20 -0.68 9.14
C GLY A 88 16.00 -1.56 9.49
N GLY A 89 14.89 -1.38 8.75
CA GLY A 89 13.63 -2.06 9.03
C GLY A 89 12.65 -1.16 9.77
N ASP A 90 13.23 -0.27 10.61
CA ASP A 90 12.49 0.76 11.34
C ASP A 90 13.43 1.96 11.62
N ALA A 1 -14.62 17.04 -10.20
CA ALA A 1 -13.70 17.25 -9.06
C ALA A 1 -13.62 15.97 -8.21
N ALA A 2 -12.77 15.98 -7.17
CA ALA A 2 -12.63 14.86 -6.21
C ALA A 2 -13.90 14.74 -5.36
N ALA A 3 -14.89 14.01 -5.91
CA ALA A 3 -16.19 13.81 -5.25
C ALA A 3 -16.09 12.70 -4.18
N PRO A 4 -16.24 13.03 -2.85
CA PRO A 4 -16.18 12.02 -1.77
C PRO A 4 -17.50 11.22 -1.69
N VAL A 5 -17.39 9.89 -1.89
CA VAL A 5 -18.53 8.96 -1.76
C VAL A 5 -19.05 8.97 -0.32
N ARG A 6 -20.39 9.08 -0.16
CA ARG A 6 -21.02 9.18 1.17
C ARG A 6 -20.94 7.82 1.88
N LEU A 7 -20.01 7.73 2.84
CA LEU A 7 -19.81 6.53 3.67
C LEU A 7 -20.15 6.89 5.12
N GLY A 8 -20.39 5.87 5.95
CA GLY A 8 -20.72 6.06 7.36
C GLY A 8 -20.78 4.73 8.10
N ARG A 9 -19.92 4.57 9.12
CA ARG A 9 -19.85 3.36 9.95
C ARG A 9 -19.73 3.73 11.44
N LYS A 10 -20.48 3.00 12.28
CA LYS A 10 -20.25 2.97 13.73
C LYS A 10 -19.15 1.93 14.03
N ARG A 11 -18.56 2.01 15.22
CA ARG A 11 -17.64 1.00 15.76
C ARG A 11 -18.36 -0.40 15.84
N PRO A 12 -17.64 -1.56 15.72
CA PRO A 12 -16.17 -1.63 15.56
C PRO A 12 -15.66 -1.32 14.14
N LEU A 13 -14.43 -0.80 14.06
CA LEU A 13 -13.76 -0.47 12.79
C LEU A 13 -13.09 -1.74 12.20
N PRO A 14 -12.95 -1.85 10.84
CA PRO A 14 -12.27 -3.00 10.18
C PRO A 14 -10.75 -3.00 10.37
N ALA A 15 -10.09 -4.04 9.85
CA ALA A 15 -8.65 -4.24 9.97
C ALA A 15 -7.98 -4.02 8.60
N CYS A 16 -6.65 -3.94 8.61
CA CYS A 16 -5.83 -3.66 7.43
C CYS A 16 -4.37 -4.10 7.72
N PRO A 17 -3.44 -4.18 6.70
CA PRO A 17 -1.98 -4.40 6.94
C PRO A 17 -1.34 -3.36 7.90
N ASN A 18 -0.05 -3.60 8.23
CA ASN A 18 0.75 -2.72 9.12
C ASN A 18 0.77 -1.25 8.59
N PRO A 19 0.57 -0.22 9.48
CA PRO A 19 0.47 1.22 9.09
C PRO A 19 1.67 1.77 8.26
N LEU A 20 2.84 1.10 8.35
CA LEU A 20 4.03 1.46 7.52
C LEU A 20 3.70 1.31 6.02
N PHE A 21 2.98 0.22 5.69
CA PHE A 21 2.57 -0.11 4.31
C PHE A 21 1.70 1.00 3.70
N VAL A 22 0.57 1.34 4.39
CA VAL A 22 -0.39 2.34 3.87
C VAL A 22 0.28 3.72 3.75
N ARG A 23 1.16 4.05 4.70
CA ARG A 23 1.88 5.34 4.70
C ARG A 23 2.75 5.49 3.45
N TRP A 24 3.59 4.48 3.20
CA TRP A 24 4.52 4.45 2.06
C TRP A 24 3.77 4.38 0.73
N LEU A 25 2.61 3.69 0.73
CA LEU A 25 1.70 3.67 -0.41
C LEU A 25 1.13 5.08 -0.64
N THR A 26 0.77 5.80 0.43
CA THR A 26 0.17 7.14 0.36
C THR A 26 1.18 8.19 -0.18
N GLU A 27 2.49 7.98 0.13
CA GLU A 27 3.57 8.87 -0.33
C GLU A 27 3.87 8.63 -1.81
N TRP A 28 3.90 7.35 -2.24
CA TRP A 28 4.15 6.99 -3.65
C TRP A 28 2.86 7.21 -4.50
N ARG A 29 1.71 7.27 -3.81
CA ARG A 29 0.42 7.69 -4.39
C ARG A 29 0.52 9.17 -4.78
N ASP A 30 1.10 9.96 -3.85
CA ASP A 30 1.32 11.41 -4.04
C ASP A 30 2.19 11.67 -5.29
N GLU A 31 3.20 10.80 -5.49
CA GLU A 31 4.07 10.85 -6.69
C GLU A 31 3.28 10.55 -7.98
N ALA A 32 2.40 9.53 -7.89
CA ALA A 32 1.55 9.09 -9.02
C ALA A 32 0.48 10.16 -9.36
N THR A 33 0.01 10.87 -8.32
CA THR A 33 -0.98 11.95 -8.43
C THR A 33 -0.32 13.24 -8.96
N ARG A 34 0.99 13.37 -8.73
CA ARG A 34 1.80 14.50 -9.23
C ARG A 34 1.96 14.37 -10.75
N SER A 35 2.16 13.14 -11.24
CA SER A 35 2.28 12.85 -12.68
C SER A 35 0.90 12.78 -13.39
N ARG A 36 -0.15 12.48 -12.58
CA ARG A 36 -1.55 12.26 -13.05
C ARG A 36 -1.66 11.12 -14.11
N ARG A 37 -0.66 10.21 -14.17
CA ARG A 37 -0.61 9.12 -15.18
C ARG A 37 -1.56 7.96 -14.83
N ARG A 38 -1.48 6.88 -15.64
CA ARG A 38 -2.26 5.63 -15.45
C ARG A 38 -1.91 4.99 -14.09
N THR A 39 -0.64 5.16 -13.67
CA THR A 39 -0.11 4.67 -12.38
C THR A 39 -0.96 5.15 -11.20
N ARG A 40 -1.53 6.36 -11.31
CA ARG A 40 -2.42 6.97 -10.30
C ARG A 40 -3.66 6.08 -10.05
N PHE A 41 -4.36 5.71 -11.13
CA PHE A 41 -5.65 4.97 -11.06
C PHE A 41 -5.44 3.54 -10.52
N VAL A 42 -4.49 2.82 -11.16
CA VAL A 42 -4.20 1.41 -10.84
C VAL A 42 -3.67 1.27 -9.39
N PHE A 43 -2.98 2.32 -8.91
CA PHE A 43 -2.38 2.34 -7.57
C PHE A 43 -3.48 2.41 -6.51
N GLN A 44 -4.48 3.28 -6.74
CA GLN A 44 -5.63 3.46 -5.81
C GLN A 44 -6.40 2.14 -5.61
N LYS A 45 -6.63 1.43 -6.73
CA LYS A 45 -7.38 0.17 -6.73
C LYS A 45 -6.58 -0.95 -6.03
N ALA A 46 -5.24 -0.95 -6.23
CA ALA A 46 -4.33 -1.92 -5.59
C ALA A 46 -4.24 -1.68 -4.06
N LEU A 47 -4.06 -0.40 -3.70
CA LEU A 47 -3.95 0.06 -2.29
C LEU A 47 -5.20 -0.35 -1.49
N ARG A 48 -6.37 -0.12 -2.09
CA ARG A 48 -7.67 -0.38 -1.48
C ARG A 48 -7.87 -1.89 -1.29
N SER A 49 -7.66 -2.67 -2.38
CA SER A 49 -7.82 -4.14 -2.36
C SER A 49 -6.89 -4.81 -1.32
N LEU A 50 -5.70 -4.21 -1.11
CA LEU A 50 -4.74 -4.69 -0.10
C LEU A 50 -5.31 -4.58 1.31
N ARG A 51 -5.88 -3.40 1.60
CA ARG A 51 -6.39 -3.06 2.95
C ARG A 51 -7.83 -3.55 3.18
N ARG A 52 -8.50 -3.99 2.10
CA ARG A 52 -9.87 -4.52 2.17
C ARG A 52 -9.89 -6.05 2.05
N TYR A 53 -8.71 -6.68 1.97
CA TYR A 53 -8.59 -8.13 2.02
C TYR A 53 -8.07 -8.54 3.43
N PRO A 54 -8.88 -9.29 4.24
CA PRO A 54 -8.47 -9.74 5.59
C PRO A 54 -7.41 -10.88 5.52
N LEU A 55 -6.14 -10.48 5.61
CA LEU A 55 -4.99 -11.41 5.71
C LEU A 55 -3.96 -10.87 6.72
N PRO A 56 -3.15 -11.76 7.38
CA PRO A 56 -2.06 -11.33 8.27
C PRO A 56 -0.81 -10.90 7.46
N LEU A 57 -0.84 -9.67 6.91
CA LEU A 57 0.27 -9.13 6.12
C LEU A 57 1.46 -8.78 7.04
N ARG A 58 2.47 -9.66 7.05
CA ARG A 58 3.74 -9.47 7.74
C ARG A 58 4.93 -9.65 6.75
N SER A 59 4.62 -10.06 5.51
CA SER A 59 5.61 -10.29 4.45
C SER A 59 4.99 -9.86 3.11
N GLY A 60 5.86 -9.47 2.14
CA GLY A 60 5.43 -8.99 0.82
C GLY A 60 4.64 -10.03 0.00
N LYS A 61 4.74 -11.31 0.42
CA LYS A 61 4.01 -12.44 -0.19
C LYS A 61 2.47 -12.22 -0.13
N GLU A 62 1.98 -11.73 1.02
CA GLU A 62 0.55 -11.45 1.24
C GLU A 62 0.09 -10.22 0.40
N ALA A 63 1.06 -9.42 -0.07
CA ALA A 63 0.79 -8.31 -1.01
C ALA A 63 0.78 -8.82 -2.48
N LYS A 64 1.60 -9.86 -2.75
CA LYS A 64 1.73 -10.47 -4.09
C LYS A 64 0.43 -11.15 -4.53
N ILE A 65 -0.29 -11.77 -3.55
CA ILE A 65 -1.51 -12.55 -3.84
C ILE A 65 -2.66 -11.68 -4.42
N LEU A 66 -2.59 -10.35 -4.20
CA LEU A 66 -3.49 -9.40 -4.87
C LEU A 66 -3.02 -9.20 -6.33
N GLN A 67 -3.83 -9.69 -7.27
CA GLN A 67 -3.61 -9.56 -8.73
C GLN A 67 -3.54 -8.07 -9.17
N HIS A 68 -4.22 -7.22 -8.37
CA HIS A 68 -4.29 -5.75 -8.59
C HIS A 68 -2.87 -5.12 -8.60
N PHE A 69 -1.95 -5.70 -7.83
CA PHE A 69 -0.53 -5.29 -7.84
C PHE A 69 0.16 -5.86 -9.09
N GLY A 70 0.45 -4.95 -10.05
CA GLY A 70 1.22 -5.29 -11.24
C GLY A 70 2.66 -5.68 -10.95
N ASP A 71 3.38 -6.18 -11.97
CA ASP A 71 4.73 -6.72 -11.81
C ASP A 71 5.71 -5.68 -11.20
N GLY A 72 5.86 -4.53 -11.87
CA GLY A 72 6.79 -3.49 -11.43
C GLY A 72 6.36 -2.80 -10.13
N LEU A 73 5.04 -2.77 -9.90
CA LEU A 73 4.43 -2.16 -8.71
C LEU A 73 4.83 -2.94 -7.44
N CYS A 74 4.51 -4.24 -7.43
CA CYS A 74 4.78 -5.17 -6.31
C CYS A 74 6.29 -5.29 -6.07
N ARG A 75 7.06 -5.46 -7.17
CA ARG A 75 8.54 -5.62 -7.13
C ARG A 75 9.24 -4.47 -6.39
N MET A 76 8.83 -3.22 -6.70
CA MET A 76 9.37 -2.01 -6.08
C MET A 76 9.12 -2.04 -4.57
N LEU A 77 7.88 -2.43 -4.19
CA LEU A 77 7.45 -2.51 -2.79
C LEU A 77 8.28 -3.56 -2.01
N ASP A 78 8.44 -4.77 -2.58
CA ASP A 78 9.23 -5.85 -1.95
C ASP A 78 10.67 -5.40 -1.69
N GLU A 79 11.27 -4.79 -2.73
CA GLU A 79 12.66 -4.31 -2.73
C GLU A 79 12.88 -3.29 -1.59
N ARG A 80 11.97 -2.29 -1.51
CA ARG A 80 12.07 -1.16 -0.56
C ARG A 80 11.77 -1.61 0.90
N LEU A 81 10.66 -2.35 1.08
CA LEU A 81 10.18 -2.81 2.40
C LEU A 81 11.23 -3.74 3.07
N GLN A 82 11.79 -4.69 2.29
CA GLN A 82 12.82 -5.65 2.79
C GLN A 82 14.16 -4.93 3.07
N ARG A 83 14.47 -3.90 2.25
CA ARG A 83 15.69 -3.08 2.41
C ARG A 83 15.63 -2.26 3.71
N HIS A 84 14.40 -1.88 4.10
CA HIS A 84 14.15 -1.18 5.37
C HIS A 84 14.01 -2.18 6.53
N ARG A 85 13.53 -3.39 6.24
CA ARG A 85 13.25 -4.43 7.26
C ARG A 85 14.55 -4.95 7.90
N THR A 86 15.63 -5.02 7.09
CA THR A 86 16.97 -5.39 7.59
C THR A 86 17.61 -4.24 8.42
N SER A 87 17.12 -3.00 8.22
CA SER A 87 17.50 -1.84 9.03
C SER A 87 16.56 -1.72 10.26
N GLY A 88 15.35 -2.28 10.13
CA GLY A 88 14.31 -2.24 11.16
C GLY A 88 14.56 -3.26 12.25
N GLY A 89 15.41 -2.87 13.21
CA GLY A 89 15.83 -3.75 14.31
C GLY A 89 17.30 -3.54 14.64
N ASP A 90 18.05 -3.07 13.64
CA ASP A 90 19.48 -2.77 13.77
C ASP A 90 19.67 -1.24 13.90
N ALA A 1 -11.26 18.55 6.25
CA ALA A 1 -10.39 18.69 5.06
C ALA A 1 -10.59 17.51 4.10
N ALA A 2 -10.21 16.32 4.59
CA ALA A 2 -10.34 15.07 3.83
C ALA A 2 -11.77 14.50 3.96
N ALA A 3 -12.18 13.72 2.96
CA ALA A 3 -13.46 12.99 2.96
C ALA A 3 -13.38 11.79 3.93
N PRO A 4 -14.41 11.56 4.80
CA PRO A 4 -14.45 10.37 5.69
C PRO A 4 -14.45 9.06 4.89
N VAL A 5 -13.34 8.30 4.97
CA VAL A 5 -13.19 7.01 4.28
C VAL A 5 -14.05 5.93 4.97
N ARG A 6 -14.78 5.14 4.16
CA ARG A 6 -15.73 4.13 4.67
C ARG A 6 -14.97 2.82 4.98
N LEU A 7 -14.78 2.56 6.29
CA LEU A 7 -14.08 1.36 6.79
C LEU A 7 -14.52 1.01 8.22
N GLY A 8 -14.13 -0.19 8.69
CA GLY A 8 -14.43 -0.67 10.03
C GLY A 8 -13.77 -2.00 10.33
N ARG A 9 -13.75 -2.40 11.61
CA ARG A 9 -13.15 -3.65 12.07
C ARG A 9 -14.17 -4.79 12.07
N LYS A 10 -13.92 -5.83 11.27
CA LYS A 10 -14.71 -7.07 11.27
C LYS A 10 -14.12 -8.08 12.25
N ARG A 11 -14.98 -8.71 13.09
CA ARG A 11 -14.58 -9.79 14.01
C ARG A 11 -14.90 -11.17 13.38
N PRO A 12 -13.93 -12.17 13.37
CA PRO A 12 -12.59 -12.07 14.00
C PRO A 12 -11.60 -11.19 13.19
N LEU A 13 -10.82 -10.37 13.91
CA LEU A 13 -9.86 -9.44 13.32
C LEU A 13 -8.60 -10.20 12.86
N PRO A 14 -7.98 -9.82 11.70
CA PRO A 14 -6.72 -10.44 11.21
C PRO A 14 -5.49 -9.83 11.92
N ALA A 15 -4.33 -10.49 11.82
CA ALA A 15 -3.10 -10.08 12.50
C ALA A 15 -2.39 -8.96 11.71
N CYS A 16 -2.95 -7.74 11.79
CA CYS A 16 -2.45 -6.56 11.07
C CYS A 16 -1.22 -5.97 11.82
N PRO A 17 -0.10 -5.66 11.10
CA PRO A 17 1.14 -5.08 11.71
C PRO A 17 1.01 -3.54 11.91
N ASN A 18 2.16 -2.86 12.08
CA ASN A 18 2.22 -1.38 12.12
C ASN A 18 1.74 -0.76 10.79
N PRO A 19 1.27 0.54 10.78
CA PRO A 19 0.81 1.24 9.53
C PRO A 19 1.98 1.73 8.64
N LEU A 20 3.04 0.90 8.55
CA LEU A 20 4.24 1.14 7.72
C LEU A 20 3.84 1.27 6.24
N PHE A 21 3.20 0.20 5.71
CA PHE A 21 2.81 0.07 4.31
C PHE A 21 1.86 1.20 3.87
N VAL A 22 0.81 1.46 4.66
CA VAL A 22 -0.25 2.42 4.28
C VAL A 22 0.34 3.84 4.06
N ARG A 23 1.36 4.19 4.87
CA ARG A 23 2.04 5.50 4.80
C ARG A 23 2.99 5.57 3.58
N TRP A 24 3.68 4.45 3.27
CA TRP A 24 4.54 4.34 2.06
C TRP A 24 3.70 4.49 0.79
N LEU A 25 2.52 3.84 0.81
CA LEU A 25 1.54 3.90 -0.28
C LEU A 25 0.88 5.30 -0.35
N THR A 26 0.88 6.07 0.76
CA THR A 26 0.41 7.48 0.79
C THR A 26 1.41 8.43 0.08
N GLU A 27 2.72 8.23 0.37
CA GLU A 27 3.80 9.05 -0.22
C GLU A 27 3.96 8.74 -1.72
N TRP A 28 3.71 7.48 -2.07
CA TRP A 28 3.84 6.98 -3.44
C TRP A 28 2.53 7.28 -4.23
N ARG A 29 1.41 7.43 -3.49
CA ARG A 29 0.14 7.94 -4.05
C ARG A 29 0.33 9.38 -4.50
N ASP A 30 1.09 10.16 -3.68
CA ASP A 30 1.49 11.54 -4.05
C ASP A 30 2.27 11.53 -5.38
N GLU A 31 3.31 10.64 -5.47
CA GLU A 31 4.18 10.50 -6.66
C GLU A 31 3.38 10.18 -7.95
N ALA A 32 2.41 9.26 -7.83
CA ALA A 32 1.59 8.78 -8.96
C ALA A 32 0.54 9.85 -9.38
N THR A 33 -0.09 10.49 -8.37
CA THR A 33 -1.21 11.45 -8.59
C THR A 33 -0.69 12.82 -9.09
N ARG A 34 0.53 13.20 -8.66
CA ARG A 34 1.17 14.47 -9.09
C ARG A 34 1.75 14.30 -10.51
N SER A 35 2.09 13.03 -10.86
CA SER A 35 2.50 12.66 -12.22
C SER A 35 1.27 12.68 -13.16
N ARG A 36 0.07 12.53 -12.55
CA ARG A 36 -1.25 12.67 -13.19
C ARG A 36 -1.47 11.66 -14.35
N ARG A 37 -0.69 10.57 -14.34
CA ARG A 37 -0.75 9.51 -15.36
C ARG A 37 -1.80 8.45 -14.96
N ARG A 38 -1.96 7.42 -15.81
CA ARG A 38 -2.87 6.29 -15.54
C ARG A 38 -2.36 5.46 -14.33
N THR A 39 -1.05 5.61 -14.03
CA THR A 39 -0.40 4.96 -12.89
C THR A 39 -1.10 5.27 -11.57
N ARG A 40 -1.75 6.45 -11.46
CA ARG A 40 -2.48 6.85 -10.25
C ARG A 40 -3.79 6.02 -10.11
N PHE A 41 -4.46 5.73 -11.25
CA PHE A 41 -5.76 5.00 -11.28
C PHE A 41 -5.57 3.54 -10.84
N VAL A 42 -4.52 2.90 -11.40
CA VAL A 42 -4.18 1.50 -11.08
C VAL A 42 -3.65 1.40 -9.63
N PHE A 43 -3.02 2.51 -9.17
CA PHE A 43 -2.44 2.62 -7.82
C PHE A 43 -3.56 2.78 -6.78
N GLN A 44 -4.61 3.54 -7.14
CA GLN A 44 -5.79 3.75 -6.27
C GLN A 44 -6.47 2.40 -6.00
N LYS A 45 -6.64 1.60 -7.06
CA LYS A 45 -7.23 0.24 -6.99
C LYS A 45 -6.35 -0.69 -6.12
N ALA A 46 -5.03 -0.58 -6.32
CA ALA A 46 -4.02 -1.37 -5.56
C ALA A 46 -4.04 -1.01 -4.06
N LEU A 47 -4.22 0.29 -3.78
CA LEU A 47 -4.24 0.83 -2.40
C LEU A 47 -5.56 0.41 -1.72
N ARG A 48 -6.65 0.42 -2.51
CA ARG A 48 -7.99 0.03 -2.03
C ARG A 48 -8.07 -1.48 -1.78
N SER A 49 -7.33 -2.27 -2.59
CA SER A 49 -7.27 -3.75 -2.46
C SER A 49 -6.41 -4.14 -1.25
N LEU A 50 -5.37 -3.31 -1.00
CA LEU A 50 -4.49 -3.46 0.18
C LEU A 50 -5.27 -3.14 1.48
N ARG A 51 -6.21 -2.18 1.38
CA ARG A 51 -7.09 -1.78 2.50
C ARG A 51 -8.42 -2.59 2.52
N ARG A 52 -8.69 -3.32 1.43
CA ARG A 52 -9.78 -4.32 1.36
C ARG A 52 -9.31 -5.62 2.04
N TYR A 53 -8.00 -5.85 1.98
CA TYR A 53 -7.33 -7.00 2.58
C TYR A 53 -6.38 -6.53 3.70
N PRO A 54 -6.88 -6.43 4.98
CA PRO A 54 -6.03 -6.11 6.15
C PRO A 54 -5.42 -7.39 6.76
N LEU A 55 -5.21 -8.40 5.88
CA LEU A 55 -4.70 -9.74 6.21
C LEU A 55 -3.33 -9.68 6.95
N PRO A 56 -2.87 -10.81 7.61
CA PRO A 56 -1.54 -10.87 8.28
C PRO A 56 -0.36 -10.64 7.32
N LEU A 57 -0.07 -9.35 7.06
CA LEU A 57 1.05 -8.92 6.21
C LEU A 57 2.31 -8.82 7.08
N ARG A 58 3.13 -9.87 7.06
CA ARG A 58 4.40 -9.93 7.80
C ARG A 58 5.58 -9.55 6.88
N SER A 59 5.38 -9.77 5.56
CA SER A 59 6.38 -9.50 4.51
C SER A 59 5.68 -9.02 3.23
N GLY A 60 6.49 -8.52 2.28
CA GLY A 60 6.01 -8.02 0.99
C GLY A 60 5.32 -9.05 0.12
N LYS A 61 5.50 -10.35 0.44
CA LYS A 61 4.81 -11.46 -0.24
C LYS A 61 3.28 -11.42 -0.03
N GLU A 62 2.85 -11.00 1.17
CA GLU A 62 1.42 -10.85 1.50
C GLU A 62 0.81 -9.61 0.82
N ALA A 63 1.67 -8.69 0.38
CA ALA A 63 1.28 -7.55 -0.48
C ALA A 63 1.31 -7.97 -1.97
N LYS A 64 2.22 -8.91 -2.26
CA LYS A 64 2.55 -9.40 -3.63
C LYS A 64 1.34 -10.12 -4.24
N ILE A 65 0.59 -10.86 -3.38
CA ILE A 65 -0.57 -11.69 -3.79
C ILE A 65 -1.81 -10.85 -4.18
N LEU A 66 -1.79 -9.52 -3.91
CA LEU A 66 -2.85 -8.59 -4.38
C LEU A 66 -2.62 -8.31 -5.88
N GLN A 67 -3.54 -8.82 -6.73
CA GLN A 67 -3.42 -8.78 -8.19
C GLN A 67 -3.65 -7.36 -8.76
N HIS A 68 -4.33 -6.49 -7.97
CA HIS A 68 -4.50 -5.05 -8.30
C HIS A 68 -3.13 -4.35 -8.45
N PHE A 69 -2.15 -4.79 -7.64
CA PHE A 69 -0.73 -4.50 -7.92
C PHE A 69 -0.32 -5.32 -9.15
N GLY A 70 -0.43 -4.69 -10.34
CA GLY A 70 -0.04 -5.33 -11.62
C GLY A 70 1.44 -5.67 -11.65
N ASP A 71 1.85 -6.59 -12.56
CA ASP A 71 3.25 -7.13 -12.62
C ASP A 71 4.33 -6.04 -12.46
N GLY A 72 4.24 -4.99 -13.29
CA GLY A 72 5.19 -3.87 -13.25
C GLY A 72 5.16 -3.11 -11.92
N LEU A 73 3.93 -2.82 -11.42
CA LEU A 73 3.70 -2.10 -10.14
C LEU A 73 4.14 -2.95 -8.92
N CYS A 74 4.14 -4.29 -9.11
CA CYS A 74 4.49 -5.27 -8.08
C CYS A 74 6.02 -5.43 -8.01
N ARG A 75 6.69 -5.20 -9.17
CA ARG A 75 8.16 -5.07 -9.25
C ARG A 75 8.60 -3.80 -8.52
N MET A 76 7.88 -2.69 -8.82
CA MET A 76 8.11 -1.36 -8.23
C MET A 76 7.94 -1.40 -6.69
N LEU A 77 6.90 -2.14 -6.23
CA LEU A 77 6.61 -2.33 -4.80
C LEU A 77 7.76 -3.07 -4.10
N ASP A 78 8.27 -4.10 -4.80
CA ASP A 78 9.41 -4.92 -4.35
C ASP A 78 10.67 -4.04 -4.20
N GLU A 79 10.85 -3.13 -5.18
CA GLU A 79 11.99 -2.18 -5.23
C GLU A 79 11.87 -1.09 -4.15
N ARG A 80 10.63 -0.76 -3.75
CA ARG A 80 10.36 0.24 -2.68
C ARG A 80 10.87 -0.28 -1.33
N LEU A 81 10.51 -1.54 -1.04
CA LEU A 81 10.97 -2.28 0.15
C LEU A 81 12.48 -2.54 0.09
N GLN A 82 13.01 -2.71 -1.14
CA GLN A 82 14.43 -3.00 -1.38
C GLN A 82 15.31 -1.75 -1.17
N ARG A 83 14.77 -0.56 -1.52
CA ARG A 83 15.47 0.72 -1.32
C ARG A 83 15.55 1.09 0.17
N HIS A 84 14.51 0.70 0.94
CA HIS A 84 14.53 0.78 2.41
C HIS A 84 15.53 -0.26 2.97
N ARG A 85 15.55 -1.45 2.34
CA ARG A 85 16.40 -2.59 2.76
C ARG A 85 17.89 -2.28 2.55
N THR A 86 18.18 -1.34 1.64
CA THR A 86 19.55 -0.82 1.42
C THR A 86 20.04 -0.05 2.67
N SER A 87 19.11 0.67 3.33
CA SER A 87 19.34 1.37 4.61
C SER A 87 18.97 0.46 5.82
N GLY A 88 18.48 -0.76 5.52
CA GLY A 88 17.98 -1.70 6.53
C GLY A 88 19.11 -2.42 7.28
N GLY A 89 19.71 -1.73 8.27
CA GLY A 89 20.69 -2.32 9.17
C GLY A 89 20.04 -3.08 10.33
N ASP A 90 18.75 -2.80 10.59
CA ASP A 90 17.94 -3.45 11.65
C ASP A 90 17.11 -4.62 11.07
N ALA A 1 -8.82 27.87 -1.53
CA ALA A 1 -7.46 28.07 -0.99
C ALA A 1 -7.23 27.19 0.25
N ALA A 2 -6.20 26.31 0.16
CA ALA A 2 -5.83 25.35 1.23
C ALA A 2 -7.00 24.42 1.59
N ALA A 3 -7.17 23.36 0.79
CA ALA A 3 -8.23 22.34 0.99
C ALA A 3 -7.84 21.42 2.18
N PRO A 4 -8.70 21.31 3.26
CA PRO A 4 -8.39 20.46 4.45
C PRO A 4 -8.31 18.96 4.09
N VAL A 5 -7.18 18.34 4.48
CA VAL A 5 -6.92 16.90 4.26
C VAL A 5 -7.92 16.04 5.08
N ARG A 6 -8.67 15.17 4.37
CA ARG A 6 -9.71 14.33 4.98
C ARG A 6 -9.10 13.09 5.64
N LEU A 7 -9.01 13.13 6.97
CA LEU A 7 -8.53 12.02 7.80
C LEU A 7 -9.74 11.40 8.51
N GLY A 8 -10.63 10.80 7.70
CA GLY A 8 -11.92 10.29 8.19
C GLY A 8 -11.84 8.87 8.73
N ARG A 9 -11.06 8.68 9.80
CA ARG A 9 -11.00 7.40 10.53
C ARG A 9 -12.25 7.28 11.43
N LYS A 10 -13.23 6.48 10.99
CA LYS A 10 -14.51 6.32 11.68
C LYS A 10 -14.35 5.30 12.83
N ARG A 11 -14.60 5.76 14.07
CA ARG A 11 -14.46 4.94 15.28
C ARG A 11 -15.62 3.90 15.37
N PRO A 12 -15.42 2.68 15.99
CA PRO A 12 -14.19 2.26 16.73
C PRO A 12 -13.02 1.90 15.80
N LEU A 13 -11.80 2.33 16.20
CA LEU A 13 -10.57 2.11 15.43
C LEU A 13 -10.06 0.66 15.62
N PRO A 14 -9.58 -0.03 14.54
CA PRO A 14 -9.18 -1.44 14.61
C PRO A 14 -7.72 -1.64 15.09
N ALA A 15 -7.42 -2.84 15.61
CA ALA A 15 -6.09 -3.20 16.10
C ALA A 15 -5.41 -4.04 15.02
N CYS A 16 -4.30 -3.50 14.48
CA CYS A 16 -3.61 -4.08 13.32
C CYS A 16 -2.07 -3.98 13.49
N PRO A 17 -1.25 -4.70 12.64
CA PRO A 17 0.22 -4.46 12.54
C PRO A 17 0.56 -3.01 12.05
N ASN A 18 1.87 -2.70 11.98
CA ASN A 18 2.37 -1.36 11.56
C ASN A 18 1.84 -0.98 10.16
N PRO A 19 1.07 0.17 10.02
CA PRO A 19 0.54 0.65 8.73
C PRO A 19 1.59 1.41 7.87
N LEU A 20 2.87 1.05 8.03
CA LEU A 20 4.01 1.59 7.23
C LEU A 20 3.76 1.41 5.72
N PHE A 21 3.14 0.28 5.35
CA PHE A 21 2.87 -0.07 3.93
C PHE A 21 1.96 0.98 3.30
N VAL A 22 0.77 1.17 3.91
CA VAL A 22 -0.29 2.03 3.36
C VAL A 22 0.07 3.52 3.50
N ARG A 23 1.01 3.82 4.43
CA ARG A 23 1.63 5.15 4.56
C ARG A 23 2.41 5.46 3.27
N TRP A 24 3.33 4.55 2.92
CA TRP A 24 4.21 4.68 1.74
C TRP A 24 3.39 4.59 0.44
N LEU A 25 2.27 3.83 0.47
CA LEU A 25 1.38 3.69 -0.70
C LEU A 25 0.69 5.02 -1.00
N THR A 26 0.22 5.71 0.07
CA THR A 26 -0.46 7.02 -0.02
C THR A 26 0.51 8.12 -0.55
N GLU A 27 1.75 8.11 -0.04
CA GLU A 27 2.79 9.10 -0.42
C GLU A 27 3.21 8.93 -1.89
N TRP A 28 3.30 7.67 -2.32
CA TRP A 28 3.78 7.32 -3.68
C TRP A 28 2.62 7.38 -4.69
N ARG A 29 1.37 7.22 -4.19
CA ARG A 29 0.14 7.44 -4.98
C ARG A 29 -0.01 8.96 -5.23
N ASP A 30 0.44 9.75 -4.23
CA ASP A 30 0.44 11.22 -4.29
C ASP A 30 1.49 11.71 -5.32
N GLU A 31 2.64 11.01 -5.36
CA GLU A 31 3.68 11.27 -6.39
C GLU A 31 3.24 10.79 -7.78
N ALA A 32 2.40 9.75 -7.80
CA ALA A 32 1.81 9.23 -9.04
C ALA A 32 0.70 10.18 -9.55
N THR A 33 0.06 10.89 -8.60
CA THR A 33 -0.95 11.94 -8.87
C THR A 33 -0.25 13.23 -9.31
N ARG A 34 0.99 13.42 -8.82
CA ARG A 34 1.89 14.50 -9.23
C ARG A 34 2.35 14.27 -10.68
N SER A 35 2.50 12.98 -11.05
CA SER A 35 2.84 12.57 -12.44
C SER A 35 1.59 12.54 -13.35
N ARG A 36 0.39 12.42 -12.73
CA ARG A 36 -0.93 12.40 -13.40
C ARG A 36 -1.08 11.25 -14.43
N ARG A 37 -0.27 10.19 -14.27
CA ARG A 37 -0.29 9.00 -15.16
C ARG A 37 -1.21 7.92 -14.56
N ARG A 38 -1.48 6.86 -15.35
CA ARG A 38 -2.43 5.76 -14.97
C ARG A 38 -2.02 5.02 -13.68
N THR A 39 -0.72 5.14 -13.35
CA THR A 39 -0.13 4.53 -12.14
C THR A 39 -0.91 4.94 -10.87
N ARG A 40 -1.36 6.22 -10.78
CA ARG A 40 -2.11 6.74 -9.60
C ARG A 40 -3.46 6.02 -9.43
N PHE A 41 -4.07 5.64 -10.56
CA PHE A 41 -5.42 5.04 -10.58
C PHE A 41 -5.35 3.59 -10.10
N VAL A 42 -4.51 2.79 -10.78
CA VAL A 42 -4.37 1.35 -10.51
C VAL A 42 -3.74 1.07 -9.14
N PHE A 43 -2.90 2.03 -8.66
CA PHE A 43 -2.24 1.95 -7.34
C PHE A 43 -3.22 2.29 -6.23
N GLN A 44 -4.14 3.23 -6.51
CA GLN A 44 -5.18 3.64 -5.56
C GLN A 44 -6.20 2.48 -5.39
N LYS A 45 -6.48 1.76 -6.50
CA LYS A 45 -7.40 0.59 -6.49
C LYS A 45 -6.74 -0.63 -5.83
N ALA A 46 -5.41 -0.70 -5.98
CA ALA A 46 -4.59 -1.71 -5.28
C ALA A 46 -4.54 -1.42 -3.77
N LEU A 47 -4.55 -0.12 -3.43
CA LEU A 47 -4.59 0.37 -2.04
C LEU A 47 -5.96 0.01 -1.42
N ARG A 48 -7.02 0.07 -2.26
CA ARG A 48 -8.39 -0.33 -1.85
C ARG A 48 -8.43 -1.83 -1.50
N SER A 49 -7.72 -2.65 -2.31
CA SER A 49 -7.70 -4.12 -2.19
C SER A 49 -6.89 -4.57 -0.94
N LEU A 50 -5.79 -3.85 -0.65
CA LEU A 50 -4.98 -4.13 0.55
C LEU A 50 -5.76 -3.75 1.82
N ARG A 51 -6.44 -2.60 1.77
CA ARG A 51 -7.29 -2.12 2.89
C ARG A 51 -8.63 -2.87 2.97
N ARG A 52 -8.98 -3.62 1.91
CA ARG A 52 -10.14 -4.52 1.89
C ARG A 52 -9.82 -5.77 2.74
N TYR A 53 -8.53 -6.10 2.84
CA TYR A 53 -8.02 -7.27 3.59
C TYR A 53 -7.21 -6.83 4.82
N PRO A 54 -7.82 -6.86 6.06
CA PRO A 54 -7.11 -6.57 7.32
C PRO A 54 -6.48 -7.85 7.93
N LEU A 55 -6.06 -8.76 7.04
CA LEU A 55 -5.43 -10.05 7.41
C LEU A 55 -4.02 -9.77 8.01
N PRO A 56 -3.49 -10.68 8.91
CA PRO A 56 -2.15 -10.49 9.51
C PRO A 56 -1.00 -10.60 8.44
N LEU A 57 -0.46 -9.44 8.07
CA LEU A 57 0.67 -9.32 7.12
C LEU A 57 2.00 -9.62 7.83
N ARG A 58 2.56 -10.83 7.59
CA ARG A 58 3.89 -11.24 8.10
C ARG A 58 4.98 -11.04 7.00
N SER A 59 4.56 -11.06 5.74
CA SER A 59 5.43 -10.79 4.59
C SER A 59 4.70 -9.92 3.56
N GLY A 60 5.48 -9.35 2.63
CA GLY A 60 4.93 -8.60 1.50
C GLY A 60 4.11 -9.49 0.56
N LYS A 61 4.35 -10.81 0.64
CA LYS A 61 3.69 -11.84 -0.19
C LYS A 61 2.15 -11.77 -0.08
N GLU A 62 1.64 -11.57 1.15
CA GLU A 62 0.18 -11.52 1.41
C GLU A 62 -0.44 -10.20 0.92
N ALA A 63 0.42 -9.19 0.67
CA ALA A 63 0.01 -7.92 0.03
C ALA A 63 0.08 -8.05 -1.51
N LYS A 64 0.99 -8.90 -2.01
CA LYS A 64 1.23 -9.12 -3.46
C LYS A 64 0.15 -10.01 -4.09
N ILE A 65 -0.47 -10.92 -3.29
CA ILE A 65 -1.47 -11.88 -3.80
C ILE A 65 -2.77 -11.19 -4.28
N LEU A 66 -3.01 -9.93 -3.82
CA LEU A 66 -4.12 -9.11 -4.32
C LEU A 66 -3.88 -8.77 -5.81
N GLN A 67 -4.78 -9.26 -6.68
CA GLN A 67 -4.63 -9.18 -8.15
C GLN A 67 -4.80 -7.74 -8.69
N HIS A 68 -5.27 -6.82 -7.82
CA HIS A 68 -5.41 -5.38 -8.15
C HIS A 68 -4.03 -4.70 -8.30
N PHE A 69 -3.00 -5.29 -7.66
CA PHE A 69 -1.59 -4.89 -7.85
C PHE A 69 -1.09 -5.44 -9.21
N GLY A 70 -0.91 -4.53 -10.19
CA GLY A 70 -0.34 -4.89 -11.51
C GLY A 70 1.12 -5.36 -11.41
N ASP A 71 1.62 -6.05 -12.46
CA ASP A 71 2.96 -6.69 -12.42
C ASP A 71 4.08 -5.65 -12.22
N GLY A 72 3.96 -4.51 -12.91
CA GLY A 72 4.93 -3.42 -12.83
C GLY A 72 4.87 -2.71 -11.50
N LEU A 73 3.65 -2.56 -10.96
CA LEU A 73 3.41 -1.94 -9.66
C LEU A 73 4.01 -2.81 -8.52
N CYS A 74 3.78 -4.13 -8.64
CA CYS A 74 4.08 -5.12 -7.60
C CYS A 74 5.60 -5.25 -7.38
N ARG A 75 6.36 -5.29 -8.50
CA ARG A 75 7.84 -5.31 -8.48
C ARG A 75 8.40 -4.00 -7.89
N MET A 76 7.78 -2.85 -8.26
CA MET A 76 8.19 -1.52 -7.77
C MET A 76 8.01 -1.41 -6.25
N LEU A 77 7.03 -2.15 -5.69
CA LEU A 77 6.81 -2.18 -4.23
C LEU A 77 7.93 -2.96 -3.51
N ASP A 78 8.32 -4.12 -4.10
CA ASP A 78 9.43 -4.93 -3.59
C ASP A 78 10.72 -4.09 -3.52
N GLU A 79 10.96 -3.35 -4.62
CA GLU A 79 12.11 -2.45 -4.75
C GLU A 79 12.04 -1.33 -3.69
N ARG A 80 10.92 -0.59 -3.65
CA ARG A 80 10.68 0.57 -2.71
C ARG A 80 11.05 0.20 -1.25
N LEU A 81 10.42 -0.88 -0.77
CA LEU A 81 10.62 -1.39 0.61
C LEU A 81 12.08 -1.86 0.82
N GLN A 82 12.66 -2.50 -0.22
CA GLN A 82 14.05 -3.03 -0.18
C GLN A 82 15.08 -1.89 -0.18
N ARG A 83 14.77 -0.76 -0.86
CA ARG A 83 15.71 0.37 -1.00
C ARG A 83 15.92 1.04 0.36
N HIS A 84 14.80 1.34 1.04
CA HIS A 84 14.82 1.98 2.38
C HIS A 84 15.23 0.99 3.49
N ARG A 85 15.06 -0.33 3.24
CA ARG A 85 15.49 -1.39 4.18
C ARG A 85 17.03 -1.50 4.18
N THR A 86 17.61 -1.46 2.96
CA THR A 86 19.08 -1.48 2.75
C THR A 86 19.70 -0.12 3.18
N SER A 87 18.95 0.97 2.93
CA SER A 87 19.34 2.34 3.33
C SER A 87 19.02 2.59 4.82
N GLY A 88 18.35 1.61 5.46
CA GLY A 88 18.02 1.68 6.88
C GLY A 88 19.17 1.20 7.76
N GLY A 89 20.32 1.87 7.64
CA GLY A 89 21.49 1.62 8.49
C GLY A 89 21.62 2.68 9.58
N ASP A 90 22.84 3.12 9.85
CA ASP A 90 23.15 4.15 10.84
C ASP A 90 24.57 4.74 10.57
N ALA A 1 -11.00 12.15 -11.14
CA ALA A 1 -12.02 11.08 -11.09
C ALA A 1 -11.73 10.14 -9.89
N ALA A 2 -12.58 10.23 -8.85
CA ALA A 2 -12.49 9.39 -7.65
C ALA A 2 -13.92 9.02 -7.20
N ALA A 3 -14.25 7.72 -7.30
CA ALA A 3 -15.59 7.18 -6.95
C ALA A 3 -15.90 7.36 -5.44
N PRO A 4 -17.21 7.52 -5.04
CA PRO A 4 -17.61 7.72 -3.62
C PRO A 4 -17.18 6.52 -2.73
N VAL A 5 -16.80 6.81 -1.47
CA VAL A 5 -16.15 5.82 -0.58
C VAL A 5 -17.12 4.68 -0.17
N ARG A 6 -16.77 3.44 -0.56
CA ARG A 6 -17.47 2.22 -0.14
C ARG A 6 -16.68 1.54 0.97
N LEU A 7 -17.20 1.68 2.19
CA LEU A 7 -16.58 1.20 3.43
C LEU A 7 -17.65 0.53 4.31
N GLY A 8 -17.19 -0.33 5.23
CA GLY A 8 -18.08 -1.02 6.17
C GLY A 8 -17.27 -1.79 7.19
N ARG A 9 -17.92 -2.20 8.30
CA ARG A 9 -17.26 -2.96 9.36
C ARG A 9 -17.12 -4.42 8.94
N LYS A 10 -15.99 -4.72 8.26
CA LYS A 10 -15.75 -6.04 7.65
C LYS A 10 -15.38 -7.10 8.70
N ARG A 11 -15.68 -8.36 8.34
CA ARG A 11 -15.49 -9.55 9.20
C ARG A 11 -14.25 -10.33 8.73
N PRO A 12 -13.32 -10.76 9.65
CA PRO A 12 -13.39 -10.51 11.11
C PRO A 12 -12.75 -9.15 11.52
N LEU A 13 -12.39 -9.04 12.80
CA LEU A 13 -11.64 -7.88 13.34
C LEU A 13 -10.29 -7.70 12.58
N PRO A 14 -9.79 -6.43 12.43
CA PRO A 14 -8.51 -6.17 11.72
C PRO A 14 -7.32 -6.84 12.44
N ALA A 15 -6.54 -7.64 11.70
CA ALA A 15 -5.43 -8.41 12.27
C ALA A 15 -4.22 -7.50 12.52
N CYS A 16 -3.57 -7.08 11.42
CA CYS A 16 -2.44 -6.16 11.49
C CYS A 16 -2.33 -5.32 10.18
N PRO A 17 -3.21 -4.28 10.01
CA PRO A 17 -3.03 -3.26 8.95
C PRO A 17 -1.91 -2.28 9.37
N ASN A 18 -0.67 -2.71 9.16
CA ASN A 18 0.54 -2.02 9.64
C ASN A 18 0.71 -0.62 8.95
N PRO A 19 0.99 0.48 9.74
CA PRO A 19 1.05 1.88 9.21
C PRO A 19 2.18 2.11 8.17
N LEU A 20 3.18 1.20 8.14
CA LEU A 20 4.26 1.22 7.13
C LEU A 20 3.65 1.07 5.72
N PHE A 21 2.74 0.09 5.58
CA PHE A 21 2.04 -0.20 4.32
C PHE A 21 1.10 0.96 3.95
N VAL A 22 0.33 1.45 4.92
CA VAL A 22 -0.64 2.56 4.71
C VAL A 22 0.09 3.83 4.19
N ARG A 23 1.21 4.16 4.83
CA ARG A 23 1.97 5.40 4.58
C ARG A 23 2.72 5.33 3.24
N TRP A 24 3.60 4.31 3.07
CA TRP A 24 4.50 4.19 1.90
C TRP A 24 3.72 4.07 0.58
N LEU A 25 2.61 3.32 0.62
CA LEU A 25 1.69 3.22 -0.52
C LEU A 25 1.09 4.60 -0.86
N THR A 26 0.64 5.37 0.16
CA THR A 26 0.02 6.70 -0.04
C THR A 26 1.05 7.75 -0.55
N GLU A 27 2.33 7.61 -0.13
CA GLU A 27 3.41 8.53 -0.54
C GLU A 27 3.74 8.35 -2.03
N TRP A 28 3.89 7.08 -2.47
CA TRP A 28 4.15 6.74 -3.89
C TRP A 28 2.93 7.17 -4.73
N ARG A 29 1.72 6.87 -4.22
CA ARG A 29 0.43 7.20 -4.87
C ARG A 29 0.33 8.73 -5.08
N ASP A 30 0.88 9.50 -4.13
CA ASP A 30 0.88 10.97 -4.18
C ASP A 30 1.68 11.47 -5.40
N GLU A 31 2.90 10.94 -5.58
CA GLU A 31 3.74 11.25 -6.75
C GLU A 31 3.13 10.69 -8.06
N ALA A 32 2.44 9.54 -7.96
CA ALA A 32 1.76 8.90 -9.10
C ALA A 32 0.60 9.78 -9.62
N THR A 33 -0.07 10.44 -8.66
CA THR A 33 -1.19 11.36 -8.90
C THR A 33 -0.67 12.72 -9.39
N ARG A 34 0.50 13.10 -8.87
CA ARG A 34 1.21 14.36 -9.23
C ARG A 34 1.66 14.32 -10.70
N SER A 35 2.09 13.12 -11.15
CA SER A 35 2.48 12.86 -12.55
C SER A 35 1.24 12.82 -13.48
N ARG A 36 0.05 12.59 -12.87
CA ARG A 36 -1.26 12.55 -13.57
C ARG A 36 -1.33 11.42 -14.63
N ARG A 37 -0.45 10.41 -14.46
CA ARG A 37 -0.39 9.24 -15.35
C ARG A 37 -1.34 8.16 -14.82
N ARG A 38 -1.60 7.13 -15.64
CA ARG A 38 -2.57 6.04 -15.32
C ARG A 38 -2.22 5.32 -13.99
N THR A 39 -0.93 5.40 -13.61
CA THR A 39 -0.42 4.86 -12.35
C THR A 39 -1.20 5.38 -11.13
N ARG A 40 -1.70 6.63 -11.18
CA ARG A 40 -2.50 7.22 -10.08
C ARG A 40 -3.73 6.35 -9.77
N PHE A 41 -4.36 5.83 -10.84
CA PHE A 41 -5.61 5.08 -10.77
C PHE A 41 -5.36 3.66 -10.28
N VAL A 42 -4.42 2.96 -10.93
CA VAL A 42 -4.13 1.54 -10.66
C VAL A 42 -3.43 1.34 -9.29
N PHE A 43 -2.64 2.35 -8.87
CA PHE A 43 -1.90 2.33 -7.59
C PHE A 43 -2.88 2.65 -6.45
N GLN A 44 -3.81 3.59 -6.70
CA GLN A 44 -4.89 3.94 -5.74
C GLN A 44 -5.86 2.75 -5.59
N LYS A 45 -6.10 2.03 -6.70
CA LYS A 45 -6.99 0.85 -6.71
C LYS A 45 -6.37 -0.29 -5.88
N ALA A 46 -5.05 -0.46 -6.04
CA ALA A 46 -4.26 -1.43 -5.26
C ALA A 46 -4.21 -1.06 -3.78
N LEU A 47 -4.06 0.25 -3.51
CA LEU A 47 -3.93 0.82 -2.17
C LEU A 47 -5.23 0.58 -1.38
N ARG A 48 -6.37 0.88 -2.03
CA ARG A 48 -7.71 0.72 -1.44
C ARG A 48 -8.04 -0.76 -1.24
N SER A 49 -7.54 -1.63 -2.14
CA SER A 49 -7.70 -3.10 -2.02
C SER A 49 -7.02 -3.62 -0.74
N LEU A 50 -5.79 -3.14 -0.51
CA LEU A 50 -5.01 -3.43 0.72
C LEU A 50 -5.73 -2.86 1.97
N ARG A 51 -6.45 -1.75 1.77
CA ARG A 51 -7.24 -1.09 2.82
C ARG A 51 -8.62 -1.75 3.02
N ARG A 52 -9.03 -2.61 2.07
CA ARG A 52 -10.24 -3.47 2.20
C ARG A 52 -9.84 -4.86 2.73
N TYR A 53 -8.53 -5.13 2.78
CA TYR A 53 -7.96 -6.38 3.29
C TYR A 53 -7.16 -6.10 4.59
N PRO A 54 -7.78 -6.25 5.79
CA PRO A 54 -7.09 -6.11 7.10
C PRO A 54 -6.41 -7.43 7.52
N LEU A 55 -5.82 -8.13 6.53
CA LEU A 55 -5.23 -9.46 6.68
C LEU A 55 -3.97 -9.43 7.57
N PRO A 56 -3.59 -10.58 8.24
CA PRO A 56 -2.33 -10.68 8.99
C PRO A 56 -1.10 -10.70 8.04
N LEU A 57 -0.62 -9.49 7.68
CA LEU A 57 0.60 -9.34 6.86
C LEU A 57 1.87 -9.51 7.72
N ARG A 58 2.72 -10.47 7.30
CA ARG A 58 4.07 -10.67 7.86
C ARG A 58 5.12 -10.16 6.85
N SER A 59 4.70 -10.05 5.57
CA SER A 59 5.57 -9.70 4.44
C SER A 59 4.85 -8.70 3.52
N GLY A 60 5.62 -8.09 2.60
CA GLY A 60 5.06 -7.26 1.52
C GLY A 60 4.29 -8.10 0.50
N LYS A 61 4.63 -9.40 0.43
CA LYS A 61 3.98 -10.38 -0.48
C LYS A 61 2.48 -10.52 -0.16
N GLU A 62 2.12 -10.33 1.11
CA GLU A 62 0.74 -10.41 1.60
C GLU A 62 -0.14 -9.31 0.97
N ALA A 63 0.51 -8.18 0.60
CA ALA A 63 -0.13 -7.08 -0.13
C ALA A 63 -0.08 -7.34 -1.65
N LYS A 64 1.06 -7.89 -2.12
CA LYS A 64 1.33 -8.11 -3.56
C LYS A 64 0.37 -9.14 -4.20
N ILE A 65 -0.14 -10.11 -3.40
CA ILE A 65 -1.01 -11.20 -3.91
C ILE A 65 -2.41 -10.70 -4.35
N LEU A 66 -2.76 -9.45 -3.96
CA LEU A 66 -4.01 -8.81 -4.43
C LEU A 66 -3.87 -8.49 -5.94
N GLN A 67 -4.91 -8.86 -6.71
CA GLN A 67 -4.95 -8.74 -8.19
C GLN A 67 -4.79 -7.28 -8.68
N HIS A 68 -5.20 -6.34 -7.82
CA HIS A 68 -5.17 -4.89 -8.08
C HIS A 68 -3.72 -4.37 -8.19
N PHE A 69 -2.79 -5.06 -7.48
CA PHE A 69 -1.35 -4.82 -7.61
C PHE A 69 -0.84 -5.43 -8.93
N GLY A 70 -0.50 -4.57 -9.91
CA GLY A 70 0.09 -5.03 -11.18
C GLY A 70 1.46 -5.65 -10.98
N ASP A 71 1.96 -6.37 -12.00
CA ASP A 71 3.29 -7.03 -11.94
C ASP A 71 4.41 -6.00 -11.75
N GLY A 72 4.28 -4.87 -12.45
CA GLY A 72 5.18 -3.73 -12.29
C GLY A 72 5.07 -3.11 -10.90
N LEU A 73 3.82 -2.98 -10.41
CA LEU A 73 3.52 -2.40 -9.08
C LEU A 73 4.12 -3.27 -7.96
N CYS A 74 4.00 -4.60 -8.12
CA CYS A 74 4.43 -5.59 -7.12
C CYS A 74 5.96 -5.58 -6.93
N ARG A 75 6.71 -5.58 -8.05
CA ARG A 75 8.19 -5.60 -8.02
C ARG A 75 8.76 -4.25 -7.55
N MET A 76 8.07 -3.14 -7.90
CA MET A 76 8.47 -1.79 -7.44
C MET A 76 8.30 -1.65 -5.93
N LEU A 77 7.15 -2.14 -5.41
CA LEU A 77 6.81 -2.09 -3.98
C LEU A 77 7.72 -3.02 -3.17
N ASP A 78 8.02 -4.19 -3.74
CA ASP A 78 8.84 -5.23 -3.09
C ASP A 78 10.28 -4.72 -2.87
N GLU A 79 10.87 -4.18 -3.95
CA GLU A 79 12.21 -3.59 -3.93
C GLU A 79 12.21 -2.21 -3.22
N ARG A 80 11.02 -1.59 -3.09
CA ARG A 80 10.87 -0.35 -2.28
C ARG A 80 11.10 -0.67 -0.80
N LEU A 81 10.49 -1.78 -0.34
CA LEU A 81 10.66 -2.28 1.05
C LEU A 81 12.15 -2.57 1.33
N GLN A 82 12.82 -3.22 0.36
CA GLN A 82 14.24 -3.60 0.47
C GLN A 82 15.19 -2.37 0.42
N ARG A 83 14.92 -1.45 -0.52
CA ARG A 83 15.75 -0.24 -0.77
C ARG A 83 15.70 0.72 0.43
N HIS A 84 14.47 0.88 0.98
CA HIS A 84 14.22 1.77 2.13
C HIS A 84 14.78 1.13 3.42
N ARG A 85 14.75 -0.21 3.48
CA ARG A 85 15.32 -0.97 4.61
C ARG A 85 16.86 -1.05 4.49
N THR A 86 17.43 -0.72 3.30
CA THR A 86 18.88 -0.49 3.15
C THR A 86 19.24 0.89 3.72
N SER A 87 18.32 1.87 3.51
CA SER A 87 18.45 3.25 4.06
C SER A 87 18.31 3.23 5.61
N GLY A 88 17.53 2.25 6.10
CA GLY A 88 17.39 1.99 7.54
C GLY A 88 17.79 0.57 7.87
N GLY A 89 19.05 0.23 7.54
CA GLY A 89 19.57 -1.13 7.70
C GLY A 89 20.08 -1.40 9.10
N ASP A 90 19.12 -1.53 10.03
CA ASP A 90 19.42 -1.82 11.44
C ASP A 90 18.35 -2.77 12.03
N ALA A 1 -9.10 16.23 -10.35
CA ALA A 1 -8.88 15.66 -8.98
C ALA A 1 -10.12 14.88 -8.53
N ALA A 2 -10.01 14.25 -7.34
CA ALA A 2 -11.12 13.51 -6.72
C ALA A 2 -11.38 14.08 -5.31
N ALA A 3 -12.67 14.35 -5.00
CA ALA A 3 -13.09 14.85 -3.68
C ALA A 3 -12.93 13.75 -2.60
N PRO A 4 -12.31 14.09 -1.41
CA PRO A 4 -12.12 13.11 -0.31
C PRO A 4 -13.47 12.57 0.25
N VAL A 5 -13.75 11.28 -0.02
CA VAL A 5 -14.98 10.60 0.43
C VAL A 5 -14.97 10.45 1.97
N ARG A 6 -16.16 10.65 2.59
CA ARG A 6 -16.32 10.57 4.05
C ARG A 6 -16.32 9.11 4.52
N LEU A 7 -15.19 8.70 5.14
CA LEU A 7 -15.02 7.37 5.74
C LEU A 7 -14.77 7.54 7.25
N GLY A 8 -15.87 7.51 8.04
CA GLY A 8 -15.79 7.56 9.51
C GLY A 8 -15.34 6.23 10.10
N ARG A 9 -14.74 6.27 11.31
CA ARG A 9 -14.28 5.08 12.05
C ARG A 9 -15.48 4.32 12.68
N LYS A 10 -16.28 3.69 11.79
CA LYS A 10 -17.46 2.93 12.17
C LYS A 10 -17.06 1.47 12.39
N ARG A 11 -17.32 0.96 13.61
CA ARG A 11 -16.99 -0.42 13.98
C ARG A 11 -17.97 -1.43 13.32
N PRO A 12 -17.52 -2.68 12.94
CA PRO A 12 -16.14 -3.19 13.14
C PRO A 12 -15.10 -2.49 12.21
N LEU A 13 -13.96 -2.11 12.80
CA LEU A 13 -12.88 -1.40 12.10
C LEU A 13 -12.22 -2.37 11.08
N PRO A 14 -11.92 -1.89 9.84
CA PRO A 14 -11.53 -2.76 8.71
C PRO A 14 -10.22 -3.52 8.98
N ALA A 15 -10.22 -4.84 8.70
CA ALA A 15 -9.04 -5.68 8.92
C ALA A 15 -8.08 -5.45 7.77
N CYS A 16 -7.15 -4.51 8.00
CA CYS A 16 -6.25 -3.98 6.98
C CYS A 16 -4.77 -4.18 7.41
N PRO A 17 -3.78 -4.19 6.45
CA PRO A 17 -2.33 -4.25 6.77
C PRO A 17 -1.84 -3.03 7.59
N ASN A 18 -0.59 -3.15 8.09
CA ASN A 18 0.02 -2.21 9.06
C ASN A 18 0.12 -0.76 8.50
N PRO A 19 -0.01 0.28 9.41
CA PRO A 19 0.12 1.72 9.01
C PRO A 19 1.48 2.07 8.37
N LEU A 20 2.48 1.19 8.57
CA LEU A 20 3.80 1.30 7.90
C LEU A 20 3.63 1.25 6.37
N PHE A 21 2.90 0.21 5.92
CA PHE A 21 2.64 -0.03 4.49
C PHE A 21 1.76 1.12 3.93
N VAL A 22 0.72 1.49 4.72
CA VAL A 22 -0.21 2.58 4.38
C VAL A 22 0.52 3.91 4.09
N ARG A 23 1.55 4.19 4.92
CA ARG A 23 2.41 5.38 4.75
C ARG A 23 3.13 5.34 3.41
N TRP A 24 3.79 4.20 3.11
CA TRP A 24 4.61 4.03 1.88
C TRP A 24 3.72 4.06 0.62
N LEU A 25 2.46 3.58 0.78
CA LEU A 25 1.44 3.64 -0.27
C LEU A 25 0.97 5.09 -0.48
N THR A 26 0.96 5.90 0.60
CA THR A 26 0.59 7.33 0.53
C THR A 26 1.68 8.15 -0.21
N GLU A 27 2.96 7.76 -0.02
CA GLU A 27 4.11 8.42 -0.68
C GLU A 27 4.04 8.20 -2.19
N TRP A 28 3.83 6.93 -2.57
CA TRP A 28 3.76 6.48 -3.98
C TRP A 28 2.49 7.08 -4.65
N ARG A 29 1.38 7.12 -3.88
CA ARG A 29 0.11 7.75 -4.30
C ARG A 29 0.33 9.23 -4.65
N ASP A 30 1.12 9.91 -3.82
CA ASP A 30 1.42 11.34 -3.96
C ASP A 30 2.23 11.60 -5.25
N GLU A 31 3.17 10.68 -5.54
CA GLU A 31 3.98 10.71 -6.78
C GLU A 31 3.09 10.45 -8.01
N ALA A 32 2.22 9.43 -7.90
CA ALA A 32 1.38 8.94 -9.01
C ALA A 32 0.30 9.96 -9.41
N THR A 33 -0.25 10.64 -8.39
CA THR A 33 -1.26 11.70 -8.56
C THR A 33 -0.63 12.95 -9.21
N ARG A 34 0.59 13.29 -8.77
CA ARG A 34 1.34 14.45 -9.30
C ARG A 34 1.77 14.18 -10.75
N SER A 35 2.03 12.89 -11.08
CA SER A 35 2.38 12.47 -12.45
C SER A 35 1.18 12.63 -13.42
N ARG A 36 -0.04 12.71 -12.85
CA ARG A 36 -1.31 12.93 -13.59
C ARG A 36 -1.52 11.86 -14.69
N ARG A 37 -1.03 10.65 -14.44
CA ARG A 37 -1.01 9.56 -15.41
C ARG A 37 -1.82 8.36 -14.88
N ARG A 38 -1.97 7.32 -15.73
CA ARG A 38 -2.68 6.06 -15.40
C ARG A 38 -2.21 5.44 -14.07
N THR A 39 -0.89 5.63 -13.76
CA THR A 39 -0.26 5.15 -12.52
C THR A 39 -1.06 5.55 -11.26
N ARG A 40 -1.74 6.72 -11.32
CA ARG A 40 -2.63 7.18 -10.22
C ARG A 40 -3.74 6.17 -9.97
N PHE A 41 -4.53 5.91 -11.02
CA PHE A 41 -5.79 5.15 -10.96
C PHE A 41 -5.56 3.68 -10.61
N VAL A 42 -4.55 3.08 -11.25
CA VAL A 42 -4.21 1.67 -11.07
C VAL A 42 -3.59 1.41 -9.69
N PHE A 43 -2.83 2.41 -9.17
CA PHE A 43 -2.21 2.30 -7.85
C PHE A 43 -3.24 2.51 -6.73
N GLN A 44 -4.22 3.43 -6.95
CA GLN A 44 -5.33 3.65 -6.00
C GLN A 44 -6.18 2.38 -5.87
N LYS A 45 -6.34 1.68 -7.00
CA LYS A 45 -7.05 0.40 -7.06
C LYS A 45 -6.25 -0.71 -6.35
N ALA A 46 -4.91 -0.70 -6.54
CA ALA A 46 -3.99 -1.65 -5.87
C ALA A 46 -3.90 -1.37 -4.35
N LEU A 47 -4.06 -0.08 -3.99
CA LEU A 47 -4.00 0.40 -2.59
C LEU A 47 -5.24 -0.09 -1.85
N ARG A 48 -6.43 0.19 -2.45
CA ARG A 48 -7.74 -0.25 -1.94
C ARG A 48 -7.80 -1.78 -1.81
N SER A 49 -7.21 -2.46 -2.82
CA SER A 49 -7.18 -3.94 -2.85
C SER A 49 -6.37 -4.47 -1.65
N LEU A 50 -5.10 -4.01 -1.51
CA LEU A 50 -4.18 -4.49 -0.46
C LEU A 50 -4.75 -4.17 0.94
N ARG A 51 -5.40 -3.01 1.04
CA ARG A 51 -5.89 -2.47 2.31
C ARG A 51 -7.24 -3.10 2.72
N ARG A 52 -7.99 -3.64 1.73
CA ARG A 52 -9.25 -4.38 1.99
C ARG A 52 -8.99 -5.90 2.06
N TYR A 53 -7.74 -6.31 1.76
CA TYR A 53 -7.27 -7.69 1.98
C TYR A 53 -6.79 -7.82 3.45
N PRO A 54 -7.44 -8.70 4.29
CA PRO A 54 -7.05 -8.93 5.69
C PRO A 54 -5.98 -10.02 5.86
N LEU A 55 -5.20 -10.25 4.78
CA LEU A 55 -4.16 -11.29 4.75
C LEU A 55 -3.01 -10.96 5.74
N PRO A 56 -2.33 -12.00 6.31
CA PRO A 56 -1.10 -11.79 7.11
C PRO A 56 0.09 -11.47 6.18
N LEU A 57 0.29 -10.16 5.91
CA LEU A 57 1.41 -9.67 5.07
C LEU A 57 2.74 -9.83 5.84
N ARG A 58 3.35 -11.02 5.67
CA ARG A 58 4.59 -11.40 6.37
C ARG A 58 5.82 -10.96 5.56
N SER A 59 5.69 -11.03 4.23
CA SER A 59 6.72 -10.62 3.28
C SER A 59 6.04 -10.19 1.96
N GLY A 60 6.86 -9.68 1.01
CA GLY A 60 6.36 -9.11 -0.26
C GLY A 60 5.47 -10.03 -1.10
N LYS A 61 5.56 -11.36 -0.86
CA LYS A 61 4.72 -12.37 -1.52
C LYS A 61 3.22 -12.06 -1.39
N GLU A 62 2.74 -11.87 -0.15
CA GLU A 62 1.30 -11.68 0.14
C GLU A 62 0.76 -10.36 -0.49
N ALA A 63 1.65 -9.41 -0.79
CA ALA A 63 1.30 -8.14 -1.43
C ALA A 63 1.21 -8.30 -2.96
N LYS A 64 2.16 -9.07 -3.54
CA LYS A 64 2.35 -9.16 -5.00
C LYS A 64 1.42 -10.22 -5.64
N ILE A 65 0.84 -11.14 -4.80
CA ILE A 65 -0.10 -12.17 -5.30
C ILE A 65 -1.43 -11.55 -5.78
N LEU A 66 -1.65 -10.26 -5.43
CA LEU A 66 -2.72 -9.45 -6.00
C LEU A 66 -2.31 -9.05 -7.43
N GLN A 67 -3.15 -9.39 -8.42
CA GLN A 67 -2.85 -9.15 -9.86
C GLN A 67 -2.94 -7.65 -10.21
N HIS A 68 -3.47 -6.84 -9.26
CA HIS A 68 -3.44 -5.36 -9.33
C HIS A 68 -2.00 -4.84 -9.37
N PHE A 69 -1.10 -5.58 -8.72
CA PHE A 69 0.33 -5.25 -8.66
C PHE A 69 1.01 -5.72 -9.95
N GLY A 70 0.98 -4.85 -10.98
CA GLY A 70 1.67 -5.07 -12.25
C GLY A 70 3.19 -5.11 -12.09
N ASP A 71 3.92 -5.55 -13.13
CA ASP A 71 5.38 -5.83 -13.05
C ASP A 71 6.20 -4.71 -12.36
N GLY A 72 5.89 -3.44 -12.72
CA GLY A 72 6.58 -2.28 -12.14
C GLY A 72 6.23 -2.05 -10.67
N LEU A 73 4.91 -2.08 -10.37
CA LEU A 73 4.37 -1.88 -9.01
C LEU A 73 4.88 -2.99 -8.06
N CYS A 74 4.97 -4.20 -8.61
CA CYS A 74 5.37 -5.42 -7.90
C CYS A 74 6.84 -5.34 -7.50
N ARG A 75 7.73 -5.07 -8.48
CA ARG A 75 9.20 -5.08 -8.26
C ARG A 75 9.63 -3.95 -7.31
N MET A 76 9.04 -2.75 -7.46
CA MET A 76 9.40 -1.58 -6.65
C MET A 76 9.05 -1.80 -5.18
N LEU A 77 7.80 -2.22 -4.89
CA LEU A 77 7.31 -2.39 -3.51
C LEU A 77 8.00 -3.57 -2.81
N ASP A 78 8.24 -4.65 -3.58
CA ASP A 78 8.88 -5.88 -3.05
C ASP A 78 10.32 -5.58 -2.58
N GLU A 79 11.08 -4.91 -3.48
CA GLU A 79 12.46 -4.46 -3.23
C GLU A 79 12.50 -3.32 -2.19
N ARG A 80 11.37 -2.59 -2.05
CA ARG A 80 11.26 -1.48 -1.09
C ARG A 80 11.38 -1.99 0.35
N LEU A 81 10.54 -2.98 0.71
CA LEU A 81 10.58 -3.64 2.03
C LEU A 81 11.94 -4.34 2.26
N GLN A 82 12.39 -5.06 1.22
CA GLN A 82 13.65 -5.85 1.23
C GLN A 82 14.87 -4.98 1.59
N ARG A 83 15.09 -3.92 0.80
CA ARG A 83 16.24 -3.02 0.96
C ARG A 83 16.05 -2.05 2.15
N HIS A 84 14.78 -1.79 2.58
CA HIS A 84 14.51 -0.90 3.74
C HIS A 84 15.01 -1.54 5.04
N ARG A 85 14.97 -2.89 5.11
CA ARG A 85 15.51 -3.63 6.25
C ARG A 85 16.99 -3.26 6.49
N THR A 86 17.75 -3.14 5.38
CA THR A 86 19.18 -2.76 5.41
C THR A 86 19.35 -1.24 5.60
N SER A 87 18.37 -0.46 5.08
CA SER A 87 18.37 1.01 5.16
C SER A 87 18.16 1.50 6.62
N GLY A 88 17.59 0.64 7.47
CA GLY A 88 17.33 1.00 8.87
C GLY A 88 17.26 -0.21 9.79
N GLY A 89 18.24 -1.12 9.67
CA GLY A 89 18.31 -2.29 10.54
C GLY A 89 19.37 -3.28 10.09
N ASP A 90 18.94 -4.46 9.58
CA ASP A 90 19.84 -5.55 9.18
C ASP A 90 20.10 -5.48 7.65
N ALA A 1 -2.91 17.16 0.46
CA ALA A 1 -3.84 17.06 1.60
C ALA A 1 -4.41 15.64 1.69
N ALA A 2 -4.31 15.04 2.90
CA ALA A 2 -4.92 13.75 3.23
C ALA A 2 -6.18 14.01 4.08
N ALA A 3 -7.35 13.62 3.56
CA ALA A 3 -8.65 13.81 4.24
C ALA A 3 -8.67 13.04 5.58
N PRO A 4 -8.97 13.72 6.74
CA PRO A 4 -8.96 13.09 8.07
C PRO A 4 -10.03 11.97 8.19
N VAL A 5 -9.56 10.72 8.14
CA VAL A 5 -10.41 9.53 8.33
C VAL A 5 -10.93 9.48 9.79
N ARG A 6 -12.22 9.17 9.95
CA ARG A 6 -12.83 8.96 11.28
C ARG A 6 -12.58 7.52 11.73
N LEU A 7 -12.14 7.34 12.99
CA LEU A 7 -11.78 6.03 13.53
C LEU A 7 -12.92 5.51 14.42
N GLY A 8 -13.78 4.66 13.83
CA GLY A 8 -14.92 4.08 14.53
C GLY A 8 -14.60 2.70 15.11
N ARG A 9 -15.02 2.46 16.35
CA ARG A 9 -14.85 1.17 17.04
C ARG A 9 -16.09 0.26 16.85
N LYS A 10 -16.97 0.66 15.92
CA LYS A 10 -18.14 -0.14 15.51
C LYS A 10 -17.70 -1.39 14.74
N ARG A 11 -18.34 -2.53 15.05
CA ARG A 11 -18.11 -3.81 14.37
C ARG A 11 -18.53 -3.72 12.87
N PRO A 12 -17.79 -4.36 11.91
CA PRO A 12 -16.65 -5.31 12.17
C PRO A 12 -15.38 -4.60 12.71
N LEU A 13 -14.53 -5.39 13.39
CA LEU A 13 -13.31 -4.90 14.06
C LEU A 13 -12.34 -4.30 13.02
N PRO A 14 -11.65 -3.16 13.35
CA PRO A 14 -10.70 -2.51 12.43
C PRO A 14 -9.44 -3.39 12.22
N ALA A 15 -9.51 -4.28 11.22
CA ALA A 15 -8.44 -5.21 10.87
C ALA A 15 -8.03 -4.95 9.42
N CYS A 16 -6.82 -4.44 9.24
CA CYS A 16 -6.25 -4.11 7.92
C CYS A 16 -4.72 -4.30 7.97
N PRO A 17 -4.02 -4.33 6.78
CA PRO A 17 -2.55 -4.13 6.69
C PRO A 17 -2.04 -2.96 7.55
N ASN A 18 -0.80 -3.09 8.04
CA ASN A 18 -0.17 -2.12 8.94
C ASN A 18 -0.10 -0.71 8.30
N PRO A 19 -0.43 0.38 9.08
CA PRO A 19 -0.42 1.78 8.57
C PRO A 19 0.99 2.24 8.10
N LEU A 20 2.03 1.44 8.40
CA LEU A 20 3.37 1.61 7.82
C LEU A 20 3.30 1.42 6.29
N PHE A 21 2.73 0.26 5.87
CA PHE A 21 2.58 -0.10 4.43
C PHE A 21 1.74 0.97 3.71
N VAL A 22 0.58 1.29 4.33
CA VAL A 22 -0.38 2.26 3.79
C VAL A 22 0.28 3.65 3.58
N ARG A 23 1.09 4.05 4.57
CA ARG A 23 1.82 5.35 4.55
C ARG A 23 2.80 5.42 3.35
N TRP A 24 3.57 4.34 3.16
CA TRP A 24 4.58 4.25 2.08
C TRP A 24 3.91 4.23 0.70
N LEU A 25 2.73 3.59 0.64
CA LEU A 25 1.87 3.58 -0.54
C LEU A 25 1.22 4.97 -0.76
N THR A 26 1.08 5.77 0.32
CA THR A 26 0.55 7.15 0.21
C THR A 26 1.63 8.09 -0.39
N GLU A 27 2.91 7.83 -0.04
CA GLU A 27 4.07 8.58 -0.59
C GLU A 27 4.18 8.30 -2.10
N TRP A 28 4.03 7.03 -2.43
CA TRP A 28 4.20 6.46 -3.77
C TRP A 28 3.02 6.87 -4.69
N ARG A 29 1.77 6.89 -4.14
CA ARG A 29 0.59 7.32 -4.91
C ARG A 29 0.60 8.84 -5.08
N ASP A 30 1.28 9.56 -4.16
CA ASP A 30 1.42 11.03 -4.23
C ASP A 30 2.27 11.40 -5.45
N GLU A 31 3.32 10.60 -5.71
CA GLU A 31 4.13 10.71 -6.94
C GLU A 31 3.26 10.47 -8.20
N ALA A 32 2.49 9.37 -8.16
CA ALA A 32 1.59 8.94 -9.25
C ALA A 32 0.47 9.96 -9.54
N THR A 33 0.00 10.64 -8.47
CA THR A 33 -1.07 11.67 -8.54
C THR A 33 -0.49 13.00 -9.06
N ARG A 34 0.77 13.28 -8.67
CA ARG A 34 1.53 14.46 -9.15
C ARG A 34 1.77 14.36 -10.67
N SER A 35 1.93 13.11 -11.15
CA SER A 35 2.09 12.83 -12.59
C SER A 35 0.77 13.07 -13.37
N ARG A 36 -0.37 13.02 -12.62
CA ARG A 36 -1.75 13.26 -13.14
C ARG A 36 -2.17 12.22 -14.21
N ARG A 37 -1.47 11.07 -14.24
CA ARG A 37 -1.65 10.02 -15.27
C ARG A 37 -2.41 8.83 -14.67
N ARG A 38 -2.77 7.85 -15.52
CA ARG A 38 -3.57 6.65 -15.14
C ARG A 38 -2.94 5.85 -13.97
N THR A 39 -1.61 6.01 -13.79
CA THR A 39 -0.85 5.37 -12.70
C THR A 39 -1.42 5.69 -11.30
N ARG A 40 -2.04 6.89 -11.14
CA ARG A 40 -2.71 7.27 -9.87
C ARG A 40 -3.91 6.34 -9.59
N PHE A 41 -4.68 5.99 -10.64
CA PHE A 41 -5.88 5.15 -10.51
C PHE A 41 -5.49 3.71 -10.17
N VAL A 42 -4.69 3.09 -11.05
CA VAL A 42 -4.33 1.65 -10.94
C VAL A 42 -3.59 1.33 -9.63
N PHE A 43 -2.80 2.31 -9.12
CA PHE A 43 -2.05 2.13 -7.88
C PHE A 43 -2.96 2.28 -6.64
N GLN A 44 -3.88 3.27 -6.67
CA GLN A 44 -4.84 3.48 -5.56
C GLN A 44 -5.87 2.35 -5.51
N LYS A 45 -6.11 1.70 -6.66
CA LYS A 45 -6.90 0.45 -6.74
C LYS A 45 -6.17 -0.65 -5.95
N ALA A 46 -4.84 -0.74 -6.15
CA ALA A 46 -3.96 -1.69 -5.44
C ALA A 46 -3.92 -1.41 -3.92
N LEU A 47 -3.93 -0.11 -3.56
CA LEU A 47 -3.85 0.35 -2.15
C LEU A 47 -5.13 -0.09 -1.38
N ARG A 48 -6.30 0.16 -2.00
CA ARG A 48 -7.62 -0.17 -1.41
C ARG A 48 -7.79 -1.69 -1.26
N SER A 49 -7.43 -2.42 -2.34
CA SER A 49 -7.55 -3.89 -2.39
C SER A 49 -6.63 -4.56 -1.36
N LEU A 50 -5.45 -3.94 -1.12
CA LEU A 50 -4.52 -4.39 -0.06
C LEU A 50 -5.22 -4.28 1.32
N ARG A 51 -5.82 -3.10 1.59
CA ARG A 51 -6.50 -2.81 2.88
C ARG A 51 -7.80 -3.63 3.05
N ARG A 52 -8.37 -4.11 1.94
CA ARG A 52 -9.55 -5.00 1.95
C ARG A 52 -9.15 -6.44 2.33
N TYR A 53 -7.86 -6.76 2.22
CA TYR A 53 -7.29 -8.06 2.63
C TYR A 53 -6.50 -7.92 3.95
N PRO A 54 -7.12 -8.24 5.13
CA PRO A 54 -6.42 -8.28 6.44
C PRO A 54 -5.68 -9.62 6.67
N LEU A 55 -5.25 -10.26 5.55
CA LEU A 55 -4.51 -11.53 5.56
C LEU A 55 -3.15 -11.37 6.30
N PRO A 56 -2.52 -12.48 6.79
CA PRO A 56 -1.17 -12.40 7.43
C PRO A 56 -0.06 -11.97 6.44
N LEU A 57 0.17 -10.63 6.35
CA LEU A 57 1.36 -10.08 5.70
C LEU A 57 2.58 -10.37 6.60
N ARG A 58 3.18 -11.55 6.39
CA ARG A 58 4.39 -11.99 7.11
C ARG A 58 5.61 -11.80 6.19
N SER A 59 5.33 -11.80 4.89
CA SER A 59 6.31 -11.63 3.81
C SER A 59 5.70 -10.70 2.75
N GLY A 60 6.56 -10.17 1.86
CA GLY A 60 6.13 -9.34 0.74
C GLY A 60 5.30 -10.13 -0.28
N LYS A 61 5.48 -11.47 -0.28
CA LYS A 61 4.78 -12.41 -1.21
C LYS A 61 3.25 -12.28 -1.08
N GLU A 62 2.76 -12.10 0.15
CA GLU A 62 1.32 -11.95 0.43
C GLU A 62 0.77 -10.59 -0.03
N ALA A 63 1.66 -9.62 -0.27
CA ALA A 63 1.31 -8.31 -0.86
C ALA A 63 1.33 -8.39 -2.40
N LYS A 64 2.19 -9.30 -2.93
CA LYS A 64 2.38 -9.51 -4.38
C LYS A 64 1.18 -10.26 -4.99
N ILE A 65 0.54 -11.17 -4.20
CA ILE A 65 -0.58 -12.01 -4.69
C ILE A 65 -1.87 -11.19 -4.98
N LEU A 66 -1.88 -9.90 -4.55
CA LEU A 66 -2.95 -8.96 -4.95
C LEU A 66 -2.78 -8.63 -6.45
N GLN A 67 -3.78 -9.06 -7.25
CA GLN A 67 -3.80 -8.91 -8.72
C GLN A 67 -3.65 -7.45 -9.19
N HIS A 68 -4.12 -6.50 -8.35
CA HIS A 68 -4.08 -5.05 -8.64
C HIS A 68 -2.63 -4.53 -8.71
N PHE A 69 -1.73 -5.15 -7.95
CA PHE A 69 -0.28 -4.93 -8.07
C PHE A 69 0.24 -5.71 -9.30
N GLY A 70 0.66 -4.98 -10.35
CA GLY A 70 1.30 -5.59 -11.53
C GLY A 70 2.68 -6.17 -11.21
N ASP A 71 3.31 -6.87 -12.17
CA ASP A 71 4.62 -7.54 -11.93
C ASP A 71 5.68 -6.53 -11.48
N GLY A 72 5.81 -5.44 -12.25
CA GLY A 72 6.74 -4.37 -11.93
C GLY A 72 6.41 -3.67 -10.63
N LEU A 73 5.10 -3.48 -10.37
CA LEU A 73 4.60 -2.75 -9.20
C LEU A 73 4.86 -3.55 -7.90
N CYS A 74 4.78 -4.90 -8.02
CA CYS A 74 5.03 -5.82 -6.90
C CYS A 74 6.51 -5.75 -6.48
N ARG A 75 7.40 -5.97 -7.46
CA ARG A 75 8.86 -6.02 -7.22
C ARG A 75 9.40 -4.63 -6.81
N MET A 76 8.73 -3.55 -7.27
CA MET A 76 9.00 -2.17 -6.83
C MET A 76 8.76 -2.02 -5.31
N LEU A 77 7.64 -2.63 -4.83
CA LEU A 77 7.26 -2.63 -3.40
C LEU A 77 8.29 -3.44 -2.57
N ASP A 78 8.70 -4.61 -3.10
CA ASP A 78 9.73 -5.47 -2.48
C ASP A 78 11.04 -4.72 -2.32
N GLU A 79 11.48 -4.04 -3.40
CA GLU A 79 12.73 -3.26 -3.42
C GLU A 79 12.68 -2.14 -2.36
N ARG A 80 11.54 -1.46 -2.26
CA ARG A 80 11.38 -0.30 -1.35
C ARG A 80 11.59 -0.74 0.13
N LEU A 81 10.91 -1.82 0.52
CA LEU A 81 10.93 -2.34 1.91
C LEU A 81 12.28 -3.03 2.26
N GLN A 82 12.90 -3.71 1.26
CA GLN A 82 14.14 -4.48 1.47
C GLN A 82 15.40 -3.58 1.43
N ARG A 83 15.38 -2.53 0.59
CA ARG A 83 16.45 -1.50 0.58
C ARG A 83 16.43 -0.73 1.91
N HIS A 84 15.22 -0.56 2.48
CA HIS A 84 15.05 0.05 3.82
C HIS A 84 15.71 -0.80 4.92
N ARG A 85 15.33 -2.09 5.02
CA ARG A 85 15.77 -2.98 6.12
C ARG A 85 17.31 -3.15 6.13
N THR A 86 17.92 -3.14 4.92
CA THR A 86 19.38 -3.28 4.75
C THR A 86 20.12 -2.02 5.25
N SER A 87 19.45 -0.86 5.11
CA SER A 87 19.97 0.45 5.58
C SER A 87 19.45 0.78 7.00
N GLY A 88 18.43 0.01 7.45
CA GLY A 88 17.68 0.32 8.65
C GLY A 88 18.29 -0.31 9.90
N GLY A 89 18.50 0.51 10.95
CA GLY A 89 19.04 0.05 12.22
C GLY A 89 17.95 -0.53 13.12
N ASP A 90 17.62 -1.82 12.87
CA ASP A 90 16.59 -2.63 13.59
C ASP A 90 15.30 -1.83 13.90
N ALA A 1 -15.19 18.13 -9.27
CA ALA A 1 -14.63 17.12 -8.35
C ALA A 1 -15.75 16.17 -7.87
N ALA A 2 -15.35 15.00 -7.35
CA ALA A 2 -16.28 13.99 -6.80
C ALA A 2 -16.76 14.43 -5.41
N ALA A 3 -18.08 14.30 -5.17
CA ALA A 3 -18.69 14.58 -3.85
C ALA A 3 -18.13 13.58 -2.81
N PRO A 4 -17.63 14.07 -1.63
CA PRO A 4 -17.02 13.20 -0.58
C PRO A 4 -18.01 12.10 -0.09
N VAL A 5 -17.91 10.91 -0.71
CA VAL A 5 -18.83 9.79 -0.49
C VAL A 5 -18.63 9.16 0.90
N ARG A 6 -19.74 9.03 1.66
CA ARG A 6 -19.72 8.42 2.99
C ARG A 6 -19.69 6.89 2.86
N LEU A 7 -18.76 6.26 3.57
CA LEU A 7 -18.51 4.82 3.53
C LEU A 7 -18.43 4.28 4.96
N GLY A 8 -18.20 2.97 5.10
CA GLY A 8 -18.02 2.33 6.40
C GLY A 8 -17.00 1.22 6.33
N ARG A 9 -16.60 0.70 7.50
CA ARG A 9 -15.68 -0.43 7.61
C ARG A 9 -16.47 -1.73 7.32
N LYS A 10 -16.51 -2.10 6.03
CA LYS A 10 -17.25 -3.28 5.55
C LYS A 10 -16.47 -4.58 5.87
N ARG A 11 -17.22 -5.58 6.33
CA ARG A 11 -16.69 -6.89 6.70
C ARG A 11 -16.38 -7.75 5.44
N PRO A 12 -15.45 -8.76 5.50
CA PRO A 12 -14.60 -9.07 6.69
C PRO A 12 -13.41 -8.08 6.85
N LEU A 13 -13.27 -7.54 8.07
CA LEU A 13 -12.24 -6.53 8.40
C LEU A 13 -10.81 -7.14 8.35
N PRO A 14 -9.74 -6.33 8.05
CA PRO A 14 -8.35 -6.83 7.94
C PRO A 14 -7.79 -7.28 9.30
N ALA A 15 -6.90 -8.28 9.28
CA ALA A 15 -6.28 -8.84 10.48
C ALA A 15 -5.28 -7.83 11.08
N CYS A 16 -4.55 -7.15 10.19
CA CYS A 16 -3.57 -6.14 10.58
C CYS A 16 -3.37 -5.16 9.41
N PRO A 17 -4.10 -3.98 9.38
CA PRO A 17 -3.87 -2.91 8.39
C PRO A 17 -2.63 -2.07 8.77
N ASN A 18 -1.46 -2.70 8.60
CA ASN A 18 -0.15 -2.22 9.08
C ASN A 18 0.20 -0.79 8.58
N PRO A 19 0.44 0.19 9.52
CA PRO A 19 0.71 1.62 9.19
C PRO A 19 2.03 1.86 8.41
N LEU A 20 2.90 0.83 8.36
CA LEU A 20 4.10 0.83 7.50
C LEU A 20 3.67 1.04 6.02
N PHE A 21 2.74 0.19 5.58
CA PHE A 21 2.25 0.17 4.20
C PHE A 21 1.37 1.39 3.90
N VAL A 22 0.55 1.82 4.87
CA VAL A 22 -0.39 2.96 4.64
C VAL A 22 0.42 4.25 4.36
N ARG A 23 1.63 4.35 4.97
CA ARG A 23 2.57 5.47 4.74
C ARG A 23 3.13 5.40 3.30
N TRP A 24 3.79 4.27 2.98
CA TRP A 24 4.51 4.05 1.71
C TRP A 24 3.57 4.10 0.47
N LEU A 25 2.35 3.59 0.66
CA LEU A 25 1.33 3.51 -0.41
C LEU A 25 0.71 4.89 -0.66
N THR A 26 0.27 5.60 0.41
CA THR A 26 -0.38 6.94 0.28
C THR A 26 0.61 7.99 -0.25
N GLU A 27 1.88 7.89 0.17
CA GLU A 27 2.94 8.83 -0.23
C GLU A 27 3.35 8.60 -1.70
N TRP A 28 3.40 7.33 -2.14
CA TRP A 28 3.75 7.01 -3.54
C TRP A 28 2.52 7.17 -4.47
N ARG A 29 1.31 7.15 -3.86
CA ARG A 29 0.06 7.51 -4.54
C ARG A 29 0.06 9.01 -4.86
N ASP A 30 0.67 9.81 -3.95
CA ASP A 30 0.87 11.27 -4.15
C ASP A 30 1.76 11.50 -5.37
N GLU A 31 2.86 10.74 -5.47
CA GLU A 31 3.78 10.79 -6.63
C GLU A 31 3.07 10.40 -7.94
N ALA A 32 2.16 9.42 -7.84
CA ALA A 32 1.36 8.93 -8.98
C ALA A 32 0.27 9.97 -9.39
N THR A 33 -0.27 10.70 -8.40
CA THR A 33 -1.24 11.79 -8.59
C THR A 33 -0.54 13.03 -9.19
N ARG A 34 0.73 13.19 -8.80
CA ARG A 34 1.59 14.31 -9.20
C ARG A 34 2.09 14.09 -10.65
N SER A 35 2.15 12.81 -11.05
CA SER A 35 2.42 12.40 -12.43
C SER A 35 1.20 12.67 -13.34
N ARG A 36 -0.01 12.76 -12.71
CA ARG A 36 -1.30 13.06 -13.39
C ARG A 36 -1.56 12.08 -14.56
N ARG A 37 -1.29 10.81 -14.29
CA ARG A 37 -1.28 9.73 -15.29
C ARG A 37 -2.09 8.53 -14.77
N ARG A 38 -2.31 7.51 -15.62
CA ARG A 38 -3.04 6.26 -15.29
C ARG A 38 -2.46 5.57 -14.03
N THR A 39 -1.14 5.77 -13.80
CA THR A 39 -0.40 5.24 -12.64
C THR A 39 -1.11 5.56 -11.31
N ARG A 40 -1.80 6.73 -11.24
CA ARG A 40 -2.57 7.14 -10.06
C ARG A 40 -3.71 6.16 -9.79
N PHE A 41 -4.52 5.91 -10.84
CA PHE A 41 -5.78 5.17 -10.77
C PHE A 41 -5.55 3.68 -10.45
N VAL A 42 -4.54 3.08 -11.12
CA VAL A 42 -4.22 1.64 -10.97
C VAL A 42 -3.49 1.34 -9.65
N PHE A 43 -2.64 2.30 -9.18
CA PHE A 43 -1.90 2.17 -7.91
C PHE A 43 -2.87 2.36 -6.73
N GLN A 44 -3.82 3.30 -6.90
CA GLN A 44 -4.86 3.59 -5.89
C GLN A 44 -5.86 2.43 -5.80
N LYS A 45 -6.16 1.78 -6.94
CA LYS A 45 -7.04 0.60 -7.00
C LYS A 45 -6.42 -0.57 -6.23
N ALA A 46 -5.11 -0.74 -6.44
CA ALA A 46 -4.29 -1.76 -5.77
C ALA A 46 -4.14 -1.45 -4.26
N LEU A 47 -4.07 -0.15 -3.94
CA LEU A 47 -3.98 0.38 -2.56
C LEU A 47 -5.27 0.04 -1.80
N ARG A 48 -6.42 0.35 -2.44
CA ARG A 48 -7.76 0.15 -1.88
C ARG A 48 -8.01 -1.34 -1.59
N SER A 49 -7.56 -2.18 -2.54
CA SER A 49 -7.67 -3.64 -2.41
C SER A 49 -6.89 -4.15 -1.19
N LEU A 50 -5.61 -3.71 -1.10
CA LEU A 50 -4.68 -4.14 -0.03
C LEU A 50 -5.15 -3.70 1.38
N ARG A 51 -5.75 -2.51 1.44
CA ARG A 51 -6.20 -1.86 2.69
C ARG A 51 -7.55 -2.42 3.20
N ARG A 52 -8.43 -2.78 2.25
CA ARG A 52 -9.81 -3.18 2.55
C ARG A 52 -9.90 -4.72 2.72
N TYR A 53 -8.97 -5.46 2.07
CA TYR A 53 -8.97 -6.94 2.07
C TYR A 53 -8.55 -7.48 3.47
N PRO A 54 -9.23 -8.56 3.99
CA PRO A 54 -8.82 -9.22 5.26
C PRO A 54 -7.51 -10.03 5.10
N LEU A 55 -6.38 -9.33 5.25
CA LEU A 55 -5.05 -9.95 5.33
C LEU A 55 -4.14 -9.12 6.27
N PRO A 56 -3.07 -9.75 6.86
CA PRO A 56 -2.07 -9.02 7.63
C PRO A 56 -0.89 -8.54 6.74
N LEU A 57 -1.04 -7.33 6.16
CA LEU A 57 -0.04 -6.76 5.23
C LEU A 57 1.23 -6.36 6.00
N ARG A 58 2.16 -7.32 6.16
CA ARG A 58 3.36 -7.19 6.99
C ARG A 58 4.63 -7.16 6.13
N SER A 59 4.56 -7.84 4.98
CA SER A 59 5.65 -7.93 3.99
C SER A 59 5.08 -7.70 2.58
N GLY A 60 5.99 -7.45 1.62
CA GLY A 60 5.63 -7.21 0.23
C GLY A 60 4.96 -8.40 -0.45
N LYS A 61 5.07 -9.58 0.19
CA LYS A 61 4.39 -10.81 -0.25
C LYS A 61 2.87 -10.67 -0.15
N GLU A 62 2.39 -10.12 0.99
CA GLU A 62 0.94 -9.90 1.23
C GLU A 62 0.39 -8.78 0.32
N ALA A 63 1.29 -7.98 -0.27
CA ALA A 63 0.94 -6.96 -1.28
C ALA A 63 0.89 -7.60 -2.68
N LYS A 64 1.91 -8.42 -3.01
CA LYS A 64 2.14 -8.91 -4.40
C LYS A 64 1.11 -10.00 -4.80
N ILE A 65 0.49 -10.67 -3.80
CA ILE A 65 -0.52 -11.73 -4.04
C ILE A 65 -1.87 -11.17 -4.54
N LEU A 66 -2.08 -9.84 -4.44
CA LEU A 66 -3.29 -9.18 -4.97
C LEU A 66 -3.25 -9.13 -6.51
N GLN A 67 -4.40 -9.50 -7.12
CA GLN A 67 -4.62 -9.50 -8.58
C GLN A 67 -4.31 -8.12 -9.21
N HIS A 68 -4.60 -7.06 -8.44
CA HIS A 68 -4.53 -5.65 -8.86
C HIS A 68 -3.08 -5.21 -9.18
N PHE A 69 -2.10 -5.87 -8.55
CA PHE A 69 -0.67 -5.65 -8.82
C PHE A 69 -0.24 -6.52 -10.02
N GLY A 70 0.01 -5.86 -11.18
CA GLY A 70 0.65 -6.50 -12.34
C GLY A 70 2.13 -6.71 -12.08
N ASP A 71 2.85 -7.39 -12.99
CA ASP A 71 4.29 -7.72 -12.81
C ASP A 71 5.14 -6.47 -12.57
N GLY A 72 4.96 -5.45 -13.43
CA GLY A 72 5.68 -4.19 -13.31
C GLY A 72 5.37 -3.46 -12.01
N LEU A 73 4.05 -3.27 -11.75
CA LEU A 73 3.53 -2.54 -10.57
C LEU A 73 3.97 -3.21 -9.24
N CYS A 74 4.01 -4.55 -9.26
CA CYS A 74 4.38 -5.38 -8.11
C CYS A 74 5.87 -5.23 -7.80
N ARG A 75 6.71 -5.35 -8.84
CA ARG A 75 8.18 -5.27 -8.71
C ARG A 75 8.62 -3.85 -8.32
N MET A 76 7.83 -2.83 -8.72
CA MET A 76 8.05 -1.44 -8.31
C MET A 76 7.92 -1.31 -6.78
N LEU A 77 6.75 -1.74 -6.24
CA LEU A 77 6.45 -1.62 -4.81
C LEU A 77 7.34 -2.57 -3.97
N ASP A 78 7.29 -3.85 -4.29
CA ASP A 78 7.88 -4.96 -3.48
C ASP A 78 9.41 -4.86 -3.43
N GLU A 79 10.05 -4.54 -4.59
CA GLU A 79 11.51 -4.36 -4.65
C GLU A 79 11.95 -2.98 -4.12
N ARG A 80 11.01 -2.01 -4.01
CA ARG A 80 11.28 -0.75 -3.27
C ARG A 80 11.40 -1.06 -1.75
N LEU A 81 10.51 -1.94 -1.25
CA LEU A 81 10.57 -2.45 0.14
C LEU A 81 11.89 -3.21 0.38
N GLN A 82 12.25 -4.05 -0.60
CA GLN A 82 13.50 -4.85 -0.59
C GLN A 82 14.74 -3.94 -0.60
N ARG A 83 14.76 -2.96 -1.52
CA ARG A 83 15.94 -2.10 -1.77
C ARG A 83 16.22 -1.18 -0.57
N HIS A 84 15.14 -0.60 -0.01
CA HIS A 84 15.21 0.27 1.19
C HIS A 84 15.61 -0.56 2.42
N ARG A 85 15.15 -1.82 2.47
CA ARG A 85 15.49 -2.77 3.56
C ARG A 85 17.00 -3.11 3.52
N THR A 86 17.54 -3.23 2.29
CA THR A 86 18.98 -3.49 2.03
C THR A 86 19.81 -2.21 2.32
N SER A 87 19.21 -1.03 2.09
CA SER A 87 19.83 0.27 2.40
C SER A 87 19.74 0.58 3.90
N GLY A 88 18.75 -0.05 4.57
CA GLY A 88 18.46 0.20 5.98
C GLY A 88 17.68 1.49 6.19
N GLY A 89 17.73 2.00 7.43
CA GLY A 89 17.06 3.25 7.80
C GLY A 89 17.36 3.60 9.25
N ASP A 90 17.15 2.61 10.14
CA ASP A 90 17.44 2.75 11.57
C ASP A 90 17.60 1.35 12.20
N ALA A 1 -5.16 -4.29 37.19
CA ALA A 1 -5.71 -4.97 36.00
C ALA A 1 -5.37 -4.16 34.74
N ALA A 2 -5.25 -4.87 33.60
CA ALA A 2 -4.91 -4.26 32.30
C ALA A 2 -6.12 -3.48 31.74
N ALA A 3 -6.26 -2.22 32.15
CA ALA A 3 -7.33 -1.32 31.70
C ALA A 3 -6.94 -0.68 30.35
N PRO A 4 -7.86 -0.70 29.32
CA PRO A 4 -7.62 -0.02 28.02
C PRO A 4 -7.55 1.51 28.18
N VAL A 5 -6.33 2.02 28.49
CA VAL A 5 -6.07 3.46 28.59
C VAL A 5 -6.11 4.09 27.17
N ARG A 6 -6.91 5.16 27.02
CA ARG A 6 -7.25 5.72 25.70
C ARG A 6 -6.21 6.77 25.26
N LEU A 7 -5.44 6.43 24.23
CA LEU A 7 -4.61 7.37 23.47
C LEU A 7 -5.21 7.47 22.04
N GLY A 8 -4.52 8.22 21.16
CA GLY A 8 -4.95 8.36 19.75
C GLY A 8 -4.50 7.19 18.87
N ARG A 9 -4.80 5.96 19.32
CA ARG A 9 -4.34 4.70 18.71
C ARG A 9 -5.53 3.92 18.12
N LYS A 10 -5.28 2.68 17.64
CA LYS A 10 -6.35 1.82 17.08
C LYS A 10 -7.37 1.42 18.16
N ARG A 11 -8.63 1.26 17.72
CA ARG A 11 -9.76 0.85 18.57
C ARG A 11 -10.02 -0.67 18.41
N PRO A 12 -10.16 -1.47 19.53
CA PRO A 12 -10.10 -0.97 20.93
C PRO A 12 -8.65 -0.76 21.45
N LEU A 13 -7.71 -1.58 20.95
CA LEU A 13 -6.30 -1.56 21.39
C LEU A 13 -5.36 -1.49 20.19
N PRO A 14 -4.13 -0.88 20.36
CA PRO A 14 -3.06 -0.90 19.35
C PRO A 14 -2.20 -2.18 19.44
N ALA A 15 -2.88 -3.32 19.71
CA ALA A 15 -2.24 -4.65 19.76
C ALA A 15 -1.87 -5.12 18.35
N CYS A 16 -2.48 -4.48 17.34
CA CYS A 16 -2.11 -4.61 15.94
C CYS A 16 -0.74 -3.94 15.68
N PRO A 17 0.12 -4.50 14.77
CA PRO A 17 1.39 -3.84 14.38
C PRO A 17 1.14 -2.58 13.51
N ASN A 18 2.09 -1.64 13.52
CA ASN A 18 2.00 -0.40 12.74
C ASN A 18 2.01 -0.74 11.23
N PRO A 19 1.01 -0.25 10.43
CA PRO A 19 0.99 -0.49 8.98
C PRO A 19 1.84 0.55 8.23
N LEU A 20 3.17 0.29 8.17
CA LEU A 20 4.15 1.11 7.42
C LEU A 20 3.79 1.14 5.91
N PHE A 21 3.02 0.11 5.50
CA PHE A 21 2.38 0.02 4.18
C PHE A 21 1.61 1.31 3.85
N VAL A 22 0.73 1.77 4.78
CA VAL A 22 -0.17 2.93 4.52
C VAL A 22 0.62 4.22 4.26
N ARG A 23 1.83 4.31 4.83
CA ARG A 23 2.75 5.43 4.57
C ARG A 23 3.18 5.40 3.10
N TRP A 24 3.84 4.30 2.69
CA TRP A 24 4.42 4.15 1.34
C TRP A 24 3.33 4.06 0.25
N LEU A 25 2.11 3.70 0.66
CA LEU A 25 0.92 3.72 -0.20
C LEU A 25 0.52 5.19 -0.47
N THR A 26 0.35 5.97 0.61
CA THR A 26 -0.06 7.40 0.54
C THR A 26 0.96 8.24 -0.26
N GLU A 27 2.26 8.03 0.04
CA GLU A 27 3.35 8.81 -0.56
C GLU A 27 3.48 8.51 -2.07
N TRP A 28 3.46 7.20 -2.44
CA TRP A 28 3.58 6.77 -3.86
C TRP A 28 2.32 7.22 -4.64
N ARG A 29 1.12 7.11 -4.00
CA ARG A 29 -0.16 7.53 -4.60
C ARG A 29 -0.16 9.04 -4.90
N ASP A 30 0.42 9.81 -3.97
CA ASP A 30 0.51 11.27 -4.08
C ASP A 30 1.51 11.66 -5.20
N GLU A 31 2.60 10.89 -5.30
CA GLU A 31 3.61 11.03 -6.39
C GLU A 31 3.03 10.61 -7.75
N ALA A 32 2.13 9.65 -7.74
CA ALA A 32 1.48 9.12 -8.95
C ALA A 32 0.41 10.10 -9.48
N THR A 33 -0.27 10.77 -8.52
CA THR A 33 -1.24 11.85 -8.82
C THR A 33 -0.49 13.12 -9.28
N ARG A 34 0.73 13.29 -8.74
CA ARG A 34 1.64 14.39 -9.10
C ARG A 34 2.11 14.22 -10.56
N SER A 35 2.44 12.96 -10.91
CA SER A 35 2.86 12.57 -12.27
C SER A 35 1.65 12.53 -13.23
N ARG A 36 0.42 12.38 -12.64
CA ARG A 36 -0.88 12.42 -13.36
C ARG A 36 -1.04 11.27 -14.38
N ARG A 37 -0.24 10.20 -14.23
CA ARG A 37 -0.21 9.07 -15.18
C ARG A 37 -1.13 7.92 -14.72
N ARG A 38 -1.16 6.85 -15.53
CA ARG A 38 -2.04 5.67 -15.32
C ARG A 38 -1.66 4.92 -14.02
N THR A 39 -0.38 5.05 -13.63
CA THR A 39 0.16 4.52 -12.38
C THR A 39 -0.67 4.97 -11.15
N ARG A 40 -1.24 6.19 -11.23
CA ARG A 40 -2.13 6.73 -10.19
C ARG A 40 -3.38 5.84 -10.01
N PHE A 41 -4.12 5.65 -11.11
CA PHE A 41 -5.41 4.91 -11.11
C PHE A 41 -5.22 3.48 -10.57
N VAL A 42 -4.26 2.75 -11.16
CA VAL A 42 -3.99 1.36 -10.80
C VAL A 42 -3.50 1.23 -9.34
N PHE A 43 -2.82 2.29 -8.84
CA PHE A 43 -2.29 2.32 -7.47
C PHE A 43 -3.42 2.56 -6.47
N GLN A 44 -4.37 3.45 -6.84
CA GLN A 44 -5.55 3.77 -5.99
C GLN A 44 -6.46 2.53 -5.83
N LYS A 45 -6.59 1.76 -6.92
CA LYS A 45 -7.36 0.50 -6.93
C LYS A 45 -6.78 -0.51 -5.91
N ALA A 46 -5.46 -0.74 -6.02
CA ALA A 46 -4.73 -1.69 -5.15
C ALA A 46 -4.69 -1.20 -3.68
N LEU A 47 -4.50 0.13 -3.52
CA LEU A 47 -4.37 0.80 -2.19
C LEU A 47 -5.63 0.57 -1.36
N ARG A 48 -6.77 0.99 -1.94
CA ARG A 48 -8.08 1.00 -1.27
C ARG A 48 -8.56 -0.42 -0.97
N SER A 49 -8.28 -1.37 -1.89
CA SER A 49 -8.61 -2.80 -1.71
C SER A 49 -7.86 -3.39 -0.50
N LEU A 50 -6.58 -3.03 -0.37
CA LEU A 50 -5.74 -3.43 0.78
C LEU A 50 -6.24 -2.77 2.07
N ARG A 51 -6.77 -1.54 1.95
CA ARG A 51 -7.27 -0.76 3.09
C ARG A 51 -8.73 -1.08 3.43
N ARG A 52 -9.40 -1.86 2.57
CA ARG A 52 -10.69 -2.49 2.91
C ARG A 52 -10.45 -3.65 3.88
N TYR A 53 -9.25 -4.25 3.79
CA TYR A 53 -8.77 -5.29 4.71
C TYR A 53 -7.96 -4.67 5.88
N PRO A 54 -8.50 -4.74 7.15
CA PRO A 54 -7.77 -4.29 8.34
C PRO A 54 -6.96 -5.45 8.99
N LEU A 55 -6.65 -6.47 8.17
CA LEU A 55 -5.93 -7.69 8.63
C LEU A 55 -4.50 -7.34 9.13
N PRO A 56 -3.89 -8.19 10.04
CA PRO A 56 -2.52 -7.94 10.56
C PRO A 56 -1.43 -8.21 9.48
N LEU A 57 -1.25 -7.23 8.58
CA LEU A 57 -0.26 -7.30 7.48
C LEU A 57 1.15 -6.98 8.00
N ARG A 58 1.84 -8.05 8.42
CA ARG A 58 3.23 -7.98 8.92
C ARG A 58 4.24 -8.40 7.82
N SER A 59 3.70 -8.79 6.65
CA SER A 59 4.49 -9.26 5.50
C SER A 59 3.95 -8.58 4.23
N GLY A 60 4.85 -8.37 3.25
CA GLY A 60 4.48 -7.85 1.93
C GLY A 60 3.49 -8.77 1.21
N LYS A 61 3.66 -10.08 1.45
CA LYS A 61 2.83 -11.15 0.88
C LYS A 61 1.33 -10.96 1.18
N GLU A 62 1.03 -10.46 2.40
CA GLU A 62 -0.36 -10.20 2.86
C GLU A 62 -1.08 -9.21 1.93
N ALA A 63 -0.31 -8.27 1.38
CA ALA A 63 -0.79 -7.28 0.41
C ALA A 63 -0.71 -7.81 -1.03
N LYS A 64 0.35 -8.58 -1.32
CA LYS A 64 0.65 -9.09 -2.68
C LYS A 64 -0.30 -10.21 -3.14
N ILE A 65 -1.13 -10.74 -2.22
CA ILE A 65 -2.14 -11.78 -2.55
C ILE A 65 -3.49 -11.17 -3.02
N LEU A 66 -3.64 -9.83 -2.91
CA LEU A 66 -4.84 -9.13 -3.43
C LEU A 66 -4.78 -9.02 -4.97
N GLN A 67 -5.91 -9.35 -5.61
CA GLN A 67 -6.07 -9.40 -7.09
C GLN A 67 -5.81 -8.01 -7.74
N HIS A 68 -6.20 -6.94 -7.03
CA HIS A 68 -6.11 -5.55 -7.53
C HIS A 68 -4.66 -5.05 -7.64
N PHE A 69 -3.72 -5.78 -7.01
CA PHE A 69 -2.28 -5.58 -7.21
C PHE A 69 -1.85 -6.27 -8.51
N GLY A 70 -1.55 -5.48 -9.55
CA GLY A 70 -0.99 -6.01 -10.80
C GLY A 70 0.43 -6.52 -10.62
N ASP A 71 0.98 -7.19 -11.65
CA ASP A 71 2.36 -7.77 -11.59
C ASP A 71 3.39 -6.71 -11.16
N GLY A 72 3.40 -5.58 -11.88
CA GLY A 72 4.35 -4.51 -11.66
C GLY A 72 4.25 -3.87 -10.27
N LEU A 73 3.01 -3.63 -9.81
CA LEU A 73 2.74 -2.97 -8.52
C LEU A 73 3.14 -3.88 -7.34
N CYS A 74 2.80 -5.17 -7.49
CA CYS A 74 3.13 -6.24 -6.51
C CYS A 74 4.67 -6.32 -6.30
N ARG A 75 5.40 -6.18 -7.42
CA ARG A 75 6.88 -6.22 -7.45
C ARG A 75 7.50 -4.93 -6.87
N MET A 76 6.93 -3.76 -7.22
CA MET A 76 7.41 -2.45 -6.71
C MET A 76 7.19 -2.36 -5.19
N LEU A 77 6.12 -3.01 -4.71
CA LEU A 77 5.79 -3.09 -3.28
C LEU A 77 6.81 -3.99 -2.57
N ASP A 78 7.10 -5.13 -3.22
CA ASP A 78 8.00 -6.17 -2.69
C ASP A 78 9.43 -5.63 -2.51
N GLU A 79 9.93 -4.96 -3.57
CA GLU A 79 11.30 -4.43 -3.62
C GLU A 79 11.46 -3.19 -2.76
N ARG A 80 10.37 -2.39 -2.53
CA ARG A 80 10.45 -1.17 -1.69
C ARG A 80 10.58 -1.56 -0.20
N LEU A 81 9.87 -2.66 0.19
CA LEU A 81 9.97 -3.22 1.56
C LEU A 81 11.39 -3.79 1.77
N GLN A 82 11.84 -4.62 0.81
CA GLN A 82 13.14 -5.33 0.88
C GLN A 82 14.33 -4.34 0.93
N ARG A 83 14.31 -3.36 0.00
CA ARG A 83 15.39 -2.36 -0.17
C ARG A 83 15.52 -1.45 1.07
N HIS A 84 14.36 -0.95 1.56
CA HIS A 84 14.32 0.00 2.69
C HIS A 84 14.64 -0.72 4.03
N ARG A 85 14.32 -2.03 4.09
CA ARG A 85 14.70 -2.90 5.23
C ARG A 85 16.23 -3.10 5.27
N THR A 86 16.85 -3.27 4.10
CA THR A 86 18.30 -3.42 3.97
C THR A 86 19.03 -2.10 4.35
N SER A 87 18.33 -0.95 4.14
CA SER A 87 18.86 0.39 4.44
C SER A 87 18.31 0.93 5.79
N GLY A 88 17.55 0.10 6.52
CA GLY A 88 16.93 0.50 7.79
C GLY A 88 16.41 -0.70 8.54
N GLY A 89 17.18 -1.16 9.55
CA GLY A 89 16.87 -2.38 10.30
C GLY A 89 17.59 -3.59 9.72
N ASP A 90 17.16 -4.80 10.11
CA ASP A 90 17.70 -6.08 9.60
C ASP A 90 16.68 -7.21 9.85
N ALA A 1 -17.52 21.70 8.23
CA ALA A 1 -16.62 21.86 9.40
C ALA A 1 -17.22 21.14 10.62
N ALA A 2 -16.81 19.88 10.83
CA ALA A 2 -17.32 19.02 11.92
C ALA A 2 -16.24 17.99 12.35
N ALA A 3 -16.62 17.11 13.29
CA ALA A 3 -15.72 16.05 13.80
C ALA A 3 -15.50 14.95 12.73
N PRO A 4 -14.26 14.35 12.64
CA PRO A 4 -13.97 13.25 11.70
C PRO A 4 -14.86 12.01 11.93
N VAL A 5 -15.10 11.23 10.85
CA VAL A 5 -15.89 9.99 10.91
C VAL A 5 -15.19 8.93 11.79
N ARG A 6 -15.96 8.31 12.71
CA ARG A 6 -15.43 7.30 13.63
C ARG A 6 -15.69 5.87 13.07
N LEU A 7 -14.63 5.23 12.58
CA LEU A 7 -14.70 3.87 12.03
C LEU A 7 -14.55 2.85 13.17
N GLY A 8 -15.70 2.25 13.56
CA GLY A 8 -15.74 1.25 14.63
C GLY A 8 -14.90 0.03 14.31
N ARG A 9 -13.78 -0.16 15.05
CA ARG A 9 -12.85 -1.28 14.84
C ARG A 9 -13.53 -2.57 15.31
N LYS A 10 -14.13 -3.29 14.35
CA LYS A 10 -14.76 -4.60 14.59
C LYS A 10 -13.68 -5.67 14.84
N ARG A 11 -13.99 -6.64 15.74
CA ARG A 11 -13.03 -7.69 16.15
C ARG A 11 -12.66 -8.65 14.98
N PRO A 12 -11.43 -9.27 14.96
CA PRO A 12 -10.42 -9.25 16.06
C PRO A 12 -9.76 -7.87 16.25
N LEU A 13 -9.16 -7.69 17.44
CA LEU A 13 -8.54 -6.43 17.89
C LEU A 13 -7.43 -5.97 16.91
N PRO A 14 -7.10 -4.63 16.87
CA PRO A 14 -5.98 -4.12 16.04
C PRO A 14 -4.59 -4.47 16.66
N ALA A 15 -4.35 -5.78 16.80
CA ALA A 15 -3.13 -6.34 17.39
C ALA A 15 -2.22 -6.78 16.24
N CYS A 16 -1.64 -5.76 15.62
CA CYS A 16 -0.84 -5.88 14.40
C CYS A 16 0.33 -4.86 14.48
N PRO A 17 1.36 -4.95 13.57
CA PRO A 17 2.39 -3.88 13.47
C PRO A 17 1.77 -2.55 12.97
N ASN A 18 2.55 -1.46 13.10
CA ASN A 18 2.14 -0.14 12.61
C ASN A 18 1.93 -0.20 11.08
N PRO A 19 0.79 0.36 10.54
CA PRO A 19 0.50 0.34 9.07
C PRO A 19 1.52 1.18 8.26
N LEU A 20 2.71 0.60 8.09
CA LEU A 20 3.86 1.22 7.40
C LEU A 20 3.60 1.22 5.88
N PHE A 21 2.99 0.11 5.41
CA PHE A 21 2.68 -0.12 3.99
C PHE A 21 1.78 1.00 3.45
N VAL A 22 0.62 1.20 4.10
CA VAL A 22 -0.43 2.11 3.61
C VAL A 22 0.05 3.58 3.55
N ARG A 23 0.98 3.95 4.46
CA ARG A 23 1.62 5.28 4.44
C ARG A 23 2.46 5.44 3.16
N TRP A 24 3.43 4.51 2.99
CA TRP A 24 4.38 4.54 1.86
C TRP A 24 3.67 4.38 0.50
N LEU A 25 2.48 3.74 0.55
CA LEU A 25 1.58 3.65 -0.60
C LEU A 25 0.96 5.04 -0.90
N THR A 26 0.53 5.76 0.15
CA THR A 26 -0.05 7.12 0.00
C THR A 26 1.03 8.14 -0.47
N GLU A 27 2.29 7.91 -0.08
CA GLU A 27 3.44 8.75 -0.48
C GLU A 27 3.67 8.64 -2.00
N TRP A 28 3.75 7.39 -2.46
CA TRP A 28 4.01 7.06 -3.87
C TRP A 28 2.76 7.43 -4.73
N ARG A 29 1.57 7.29 -4.13
CA ARG A 29 0.28 7.66 -4.77
C ARG A 29 0.24 9.19 -5.03
N ASP A 30 0.78 9.96 -4.06
CA ASP A 30 0.82 11.44 -4.14
C ASP A 30 1.74 11.88 -5.28
N GLU A 31 2.87 11.19 -5.43
CA GLU A 31 3.82 11.41 -6.53
C GLU A 31 3.22 10.95 -7.88
N ALA A 32 2.41 9.88 -7.82
CA ALA A 32 1.71 9.32 -8.99
C ALA A 32 0.57 10.25 -9.46
N THR A 33 -0.01 11.01 -8.50
CA THR A 33 -1.01 12.04 -8.76
C THR A 33 -0.33 13.23 -9.47
N ARG A 34 0.86 13.61 -8.96
CA ARG A 34 1.73 14.63 -9.57
C ARG A 34 2.17 14.22 -10.99
N SER A 35 2.31 12.89 -11.18
CA SER A 35 2.73 12.29 -12.44
C SER A 35 1.58 12.28 -13.49
N ARG A 36 0.33 12.39 -12.99
CA ARG A 36 -0.91 12.57 -13.82
C ARG A 36 -1.18 11.41 -14.81
N ARG A 37 -0.61 10.22 -14.52
CA ARG A 37 -0.80 9.02 -15.37
C ARG A 37 -1.73 7.99 -14.67
N ARG A 38 -2.09 6.94 -15.42
CA ARG A 38 -2.99 5.86 -14.95
C ARG A 38 -2.37 5.08 -13.77
N THR A 39 -1.03 5.20 -13.62
CA THR A 39 -0.27 4.62 -12.50
C THR A 39 -0.88 5.01 -11.14
N ARG A 40 -1.47 6.23 -11.09
CA ARG A 40 -2.15 6.76 -9.89
C ARG A 40 -3.42 5.95 -9.58
N PHE A 41 -4.26 5.74 -10.61
CA PHE A 41 -5.59 5.07 -10.47
C PHE A 41 -5.44 3.59 -10.10
N VAL A 42 -4.50 2.90 -10.74
CA VAL A 42 -4.25 1.47 -10.49
C VAL A 42 -3.58 1.27 -9.12
N PHE A 43 -2.80 2.30 -8.69
CA PHE A 43 -2.16 2.32 -7.37
C PHE A 43 -3.25 2.41 -6.28
N GLN A 44 -4.25 3.29 -6.52
CA GLN A 44 -5.39 3.50 -5.61
C GLN A 44 -6.16 2.18 -5.40
N LYS A 45 -6.49 1.50 -6.52
CA LYS A 45 -7.25 0.23 -6.51
C LYS A 45 -6.55 -0.81 -5.62
N ALA A 46 -5.22 -0.89 -5.77
CA ALA A 46 -4.36 -1.82 -5.01
C ALA A 46 -4.29 -1.45 -3.51
N LEU A 47 -4.17 -0.14 -3.24
CA LEU A 47 -4.05 0.42 -1.87
C LEU A 47 -5.31 0.07 -1.05
N ARG A 48 -6.48 0.37 -1.65
CA ARG A 48 -7.79 0.17 -1.02
C ARG A 48 -8.01 -1.33 -0.73
N SER A 49 -7.83 -2.17 -1.78
CA SER A 49 -8.05 -3.62 -1.72
C SER A 49 -7.12 -4.31 -0.70
N LEU A 50 -5.90 -3.76 -0.49
CA LEU A 50 -4.94 -4.29 0.50
C LEU A 50 -5.52 -4.13 1.92
N ARG A 51 -6.01 -2.91 2.23
CA ARG A 51 -6.54 -2.59 3.58
C ARG A 51 -8.02 -3.00 3.75
N ARG A 52 -8.68 -3.42 2.64
CA ARG A 52 -10.03 -4.05 2.69
C ARG A 52 -9.91 -5.53 3.02
N TYR A 53 -8.76 -6.13 2.63
CA TYR A 53 -8.50 -7.57 2.81
C TYR A 53 -7.73 -7.78 4.13
N PRO A 54 -8.35 -8.44 5.15
CA PRO A 54 -7.73 -8.60 6.49
C PRO A 54 -6.70 -9.74 6.54
N LEU A 55 -5.56 -9.52 5.86
CA LEU A 55 -4.42 -10.46 5.83
C LEU A 55 -3.41 -10.10 6.95
N PRO A 56 -2.60 -11.10 7.45
CA PRO A 56 -1.50 -10.82 8.39
C PRO A 56 -0.29 -10.13 7.68
N LEU A 57 -0.42 -8.80 7.48
CA LEU A 57 0.60 -7.96 6.80
C LEU A 57 1.87 -7.82 7.67
N ARG A 58 2.81 -8.76 7.48
CA ARG A 58 4.10 -8.80 8.20
C ARG A 58 5.26 -8.41 7.25
N SER A 59 5.04 -8.60 5.94
CA SER A 59 6.03 -8.31 4.89
C SER A 59 5.31 -7.87 3.61
N GLY A 60 6.09 -7.42 2.61
CA GLY A 60 5.56 -6.95 1.32
C GLY A 60 4.94 -8.07 0.48
N LYS A 61 5.29 -9.34 0.79
CA LYS A 61 4.74 -10.54 0.11
C LYS A 61 3.20 -10.58 0.21
N GLU A 62 2.69 -10.24 1.40
CA GLU A 62 1.24 -10.18 1.67
C GLU A 62 0.54 -9.12 0.81
N ALA A 63 1.26 -8.07 0.43
CA ALA A 63 0.73 -7.03 -0.46
C ALA A 63 0.76 -7.50 -1.93
N LYS A 64 1.80 -8.28 -2.29
CA LYS A 64 2.01 -8.77 -3.67
C LYS A 64 0.94 -9.78 -4.11
N ILE A 65 0.40 -10.57 -3.15
CA ILE A 65 -0.60 -11.62 -3.46
C ILE A 65 -1.95 -11.03 -3.91
N LEU A 66 -2.15 -9.71 -3.70
CA LEU A 66 -3.27 -8.99 -4.34
C LEU A 66 -2.93 -8.82 -5.84
N GLN A 67 -3.82 -9.32 -6.70
CA GLN A 67 -3.68 -9.26 -8.18
C GLN A 67 -3.71 -7.80 -8.69
N HIS A 68 -4.19 -6.89 -7.84
CA HIS A 68 -4.26 -5.44 -8.10
C HIS A 68 -2.84 -4.83 -8.18
N PHE A 69 -1.88 -5.42 -7.44
CA PHE A 69 -0.45 -5.05 -7.53
C PHE A 69 0.13 -5.66 -8.81
N GLY A 70 0.29 -4.82 -9.86
CA GLY A 70 0.77 -5.27 -11.18
C GLY A 70 2.26 -5.58 -11.21
N ASP A 71 2.77 -5.90 -12.41
CA ASP A 71 4.20 -6.24 -12.63
C ASP A 71 5.14 -5.15 -12.06
N GLY A 72 4.78 -3.90 -12.34
CA GLY A 72 5.51 -2.75 -11.87
C GLY A 72 5.39 -2.56 -10.35
N LEU A 73 4.14 -2.40 -9.88
CA LEU A 73 3.83 -2.04 -8.48
C LEU A 73 4.38 -3.09 -7.47
N CYS A 74 4.40 -4.37 -7.87
CA CYS A 74 4.92 -5.49 -7.05
C CYS A 74 6.42 -5.29 -6.75
N ARG A 75 7.22 -5.02 -7.81
CA ARG A 75 8.68 -4.83 -7.66
C ARG A 75 9.00 -3.43 -7.08
N MET A 76 8.13 -2.42 -7.34
CA MET A 76 8.33 -1.05 -6.83
C MET A 76 8.28 -1.03 -5.30
N LEU A 77 7.27 -1.73 -4.75
CA LEU A 77 7.06 -1.84 -3.31
C LEU A 77 8.20 -2.66 -2.67
N ASP A 78 8.60 -3.76 -3.34
CA ASP A 78 9.70 -4.63 -2.87
C ASP A 78 11.01 -3.83 -2.69
N GLU A 79 11.49 -3.27 -3.82
CA GLU A 79 12.79 -2.58 -3.91
C GLU A 79 12.81 -1.29 -3.07
N ARG A 80 11.62 -0.72 -2.78
CA ARG A 80 11.48 0.44 -1.90
C ARG A 80 11.87 0.09 -0.45
N LEU A 81 11.19 -0.93 0.09
CA LEU A 81 11.41 -1.41 1.48
C LEU A 81 12.78 -2.13 1.59
N GLN A 82 13.24 -2.71 0.47
CA GLN A 82 14.52 -3.45 0.39
C GLN A 82 15.72 -2.48 0.59
N ARG A 83 15.61 -1.31 -0.05
CA ARG A 83 16.62 -0.23 0.04
C ARG A 83 16.68 0.29 1.49
N HIS A 84 15.51 0.65 2.02
CA HIS A 84 15.35 1.21 3.38
C HIS A 84 15.64 0.16 4.49
N ARG A 85 15.54 -1.14 4.14
CA ARG A 85 15.92 -2.22 5.06
C ARG A 85 17.44 -2.20 5.29
N THR A 86 18.20 -2.04 4.22
CA THR A 86 19.68 -1.98 4.28
C THR A 86 20.14 -0.73 5.07
N SER A 87 19.37 0.37 4.90
CA SER A 87 19.63 1.66 5.57
C SER A 87 19.25 1.61 7.07
N GLY A 88 18.25 0.77 7.40
CA GLY A 88 17.68 0.74 8.76
C GLY A 88 17.49 -0.68 9.29
N GLY A 89 18.48 -1.54 9.05
CA GLY A 89 18.46 -2.93 9.52
C GLY A 89 19.50 -3.77 8.80
N ASP A 90 20.77 -3.57 9.18
CA ASP A 90 21.93 -4.30 8.63
C ASP A 90 21.83 -5.82 9.00
N ALA A 1 -17.44 12.35 -12.20
CA ALA A 1 -18.25 13.49 -11.75
C ALA A 1 -18.31 13.53 -10.21
N ALA A 2 -18.27 14.75 -9.65
CA ALA A 2 -18.34 15.00 -8.20
C ALA A 2 -19.81 14.96 -7.75
N ALA A 3 -20.29 13.75 -7.42
CA ALA A 3 -21.65 13.55 -6.91
C ALA A 3 -21.71 13.91 -5.42
N PRO A 4 -22.77 14.66 -4.95
CA PRO A 4 -22.92 15.03 -3.51
C PRO A 4 -23.54 13.89 -2.66
N VAL A 5 -23.37 12.64 -3.13
CA VAL A 5 -23.81 11.43 -2.40
C VAL A 5 -23.03 11.30 -1.07
N ARG A 6 -23.69 10.71 -0.06
CA ARG A 6 -23.10 10.44 1.26
C ARG A 6 -21.86 9.53 1.10
N LEU A 7 -20.67 10.13 1.25
CA LEU A 7 -19.38 9.49 0.96
C LEU A 7 -18.32 10.04 1.95
N GLY A 8 -17.49 9.16 2.50
CA GLY A 8 -16.44 9.53 3.45
C GLY A 8 -15.90 8.33 4.20
N ARG A 9 -15.24 8.60 5.34
CA ARG A 9 -14.62 7.56 6.17
C ARG A 9 -15.60 7.07 7.23
N LYS A 10 -16.03 5.81 7.12
CA LYS A 10 -16.88 5.16 8.12
C LYS A 10 -16.00 4.78 9.33
N ARG A 11 -16.20 5.46 10.45
CA ARG A 11 -15.41 5.24 11.68
C ARG A 11 -16.13 4.23 12.61
N PRO A 12 -15.39 3.38 13.41
CA PRO A 12 -13.90 3.29 13.43
C PRO A 12 -13.31 2.60 12.17
N LEU A 13 -12.15 3.13 11.72
CA LEU A 13 -11.41 2.62 10.55
C LEU A 13 -10.60 1.36 10.94
N PRO A 14 -10.34 0.40 9.98
CA PRO A 14 -9.56 -0.81 10.27
C PRO A 14 -8.04 -0.53 10.35
N ALA A 15 -7.54 -0.37 11.59
CA ALA A 15 -6.10 -0.15 11.88
C ALA A 15 -5.37 -1.50 12.14
N CYS A 16 -6.07 -2.63 11.90
CA CYS A 16 -5.54 -4.00 12.08
C CYS A 16 -4.25 -4.28 11.23
N PRO A 17 -4.18 -3.85 9.91
CA PRO A 17 -2.89 -3.80 9.18
C PRO A 17 -2.04 -2.59 9.64
N ASN A 18 -0.70 -2.79 9.77
CA ASN A 18 0.22 -1.75 10.29
C ASN A 18 0.24 -0.48 9.41
N PRO A 19 0.27 0.75 10.04
CA PRO A 19 0.33 2.05 9.32
C PRO A 19 1.61 2.24 8.46
N LEU A 20 2.62 1.38 8.68
CA LEU A 20 3.84 1.31 7.85
C LEU A 20 3.47 1.08 6.37
N PHE A 21 2.55 0.11 6.15
CA PHE A 21 2.06 -0.29 4.81
C PHE A 21 1.36 0.88 4.12
N VAL A 22 0.38 1.51 4.82
CA VAL A 22 -0.43 2.60 4.23
C VAL A 22 0.43 3.84 3.92
N ARG A 23 1.47 4.11 4.76
CA ARG A 23 2.38 5.24 4.56
C ARG A 23 3.08 5.13 3.19
N TRP A 24 3.80 4.01 2.98
CA TRP A 24 4.62 3.79 1.76
C TRP A 24 3.76 3.82 0.48
N LEU A 25 2.54 3.26 0.59
CA LEU A 25 1.55 3.29 -0.49
C LEU A 25 1.09 4.74 -0.78
N THR A 26 0.83 5.52 0.29
CA THR A 26 0.33 6.90 0.20
C THR A 26 1.37 7.85 -0.45
N GLU A 27 2.64 7.68 -0.05
CA GLU A 27 3.77 8.48 -0.58
C GLU A 27 3.89 8.27 -2.10
N TRP A 28 3.95 6.98 -2.49
CA TRP A 28 4.15 6.56 -3.89
C TRP A 28 2.94 6.99 -4.77
N ARG A 29 1.72 6.77 -4.25
CA ARG A 29 0.45 7.11 -4.92
C ARG A 29 0.36 8.62 -5.18
N ASP A 30 0.76 9.42 -4.17
CA ASP A 30 0.71 10.89 -4.23
C ASP A 30 1.62 11.40 -5.37
N GLU A 31 2.79 10.76 -5.51
CA GLU A 31 3.77 11.06 -6.58
C GLU A 31 3.25 10.65 -7.97
N ALA A 32 2.44 9.56 -7.99
CA ALA A 32 1.75 9.08 -9.19
C ALA A 32 0.56 10.01 -9.57
N THR A 33 -0.01 10.69 -8.55
CA THR A 33 -1.12 11.65 -8.72
C THR A 33 -0.60 12.97 -9.33
N ARG A 34 0.65 13.34 -8.98
CA ARG A 34 1.34 14.52 -9.55
C ARG A 34 1.56 14.34 -11.06
N SER A 35 1.80 13.08 -11.45
CA SER A 35 2.01 12.68 -12.85
C SER A 35 0.72 12.81 -13.69
N ARG A 36 -0.44 12.83 -13.00
CA ARG A 36 -1.79 12.95 -13.60
C ARG A 36 -2.06 11.80 -14.61
N ARG A 37 -1.30 10.71 -14.49
CA ARG A 37 -1.33 9.56 -15.43
C ARG A 37 -2.10 8.40 -14.77
N ARG A 38 -2.43 7.36 -15.55
CA ARG A 38 -3.20 6.18 -15.08
C ARG A 38 -2.52 5.47 -13.87
N THR A 39 -1.21 5.69 -13.72
CA THR A 39 -0.43 5.22 -12.55
C THR A 39 -1.06 5.62 -11.20
N ARG A 40 -1.68 6.83 -11.18
CA ARG A 40 -2.48 7.32 -10.05
C ARG A 40 -3.62 6.34 -9.72
N PHE A 41 -4.44 6.06 -10.76
CA PHE A 41 -5.67 5.27 -10.62
C PHE A 41 -5.36 3.82 -10.19
N VAL A 42 -4.50 3.14 -10.95
CA VAL A 42 -4.23 1.69 -10.77
C VAL A 42 -3.48 1.39 -9.47
N PHE A 43 -2.56 2.29 -9.04
CA PHE A 43 -1.82 2.12 -7.79
C PHE A 43 -2.76 2.39 -6.60
N GLN A 44 -3.66 3.40 -6.76
CA GLN A 44 -4.66 3.76 -5.73
C GLN A 44 -5.78 2.69 -5.65
N LYS A 45 -6.01 1.98 -6.76
CA LYS A 45 -6.97 0.87 -6.87
C LYS A 45 -6.47 -0.32 -6.02
N ALA A 46 -5.17 -0.63 -6.20
CA ALA A 46 -4.46 -1.67 -5.42
C ALA A 46 -4.30 -1.24 -3.94
N LEU A 47 -4.04 0.06 -3.73
CA LEU A 47 -3.84 0.67 -2.40
C LEU A 47 -5.11 0.47 -1.56
N ARG A 48 -6.23 1.00 -2.09
CA ARG A 48 -7.55 0.99 -1.44
C ARG A 48 -7.97 -0.45 -1.10
N SER A 49 -7.70 -1.38 -2.05
CA SER A 49 -7.97 -2.80 -1.89
C SER A 49 -7.22 -3.39 -0.67
N LEU A 50 -5.92 -3.08 -0.56
CA LEU A 50 -5.06 -3.60 0.52
C LEU A 50 -5.45 -3.03 1.89
N ARG A 51 -5.98 -1.80 1.90
CA ARG A 51 -6.30 -1.06 3.13
C ARG A 51 -7.70 -1.40 3.68
N ARG A 52 -8.61 -1.83 2.78
CA ARG A 52 -9.92 -2.36 3.21
C ARG A 52 -9.79 -3.83 3.64
N TYR A 53 -8.70 -4.49 3.20
CA TYR A 53 -8.33 -5.84 3.70
C TYR A 53 -7.56 -5.73 5.04
N PRO A 54 -8.13 -6.25 6.17
CA PRO A 54 -7.44 -6.31 7.46
C PRO A 54 -6.70 -7.65 7.66
N LEU A 55 -6.52 -8.42 6.55
CA LEU A 55 -5.94 -9.78 6.58
C LEU A 55 -4.48 -9.77 7.11
N PRO A 56 -3.99 -10.90 7.73
CA PRO A 56 -2.60 -11.03 8.24
C PRO A 56 -1.54 -10.92 7.12
N LEU A 57 -1.20 -9.67 6.73
CA LEU A 57 -0.16 -9.41 5.72
C LEU A 57 1.23 -9.61 6.33
N ARG A 58 1.71 -10.86 6.25
CA ARG A 58 3.02 -11.28 6.79
C ARG A 58 4.12 -11.13 5.73
N SER A 59 3.77 -11.36 4.46
CA SER A 59 4.72 -11.32 3.34
C SER A 59 4.00 -10.87 2.05
N GLY A 60 4.74 -10.88 0.93
CA GLY A 60 4.24 -10.45 -0.37
C GLY A 60 3.19 -11.38 -0.98
N LYS A 61 3.15 -12.65 -0.53
CA LYS A 61 2.21 -13.68 -1.03
C LYS A 61 0.73 -13.25 -0.83
N GLU A 62 0.42 -12.86 0.41
CA GLU A 62 -0.93 -12.42 0.83
C GLU A 62 -1.24 -10.98 0.36
N ALA A 63 -0.21 -10.26 -0.15
CA ALA A 63 -0.43 -9.02 -0.91
C ALA A 63 -0.81 -9.36 -2.37
N LYS A 64 -0.20 -10.46 -2.89
CA LYS A 64 -0.41 -10.92 -4.28
C LYS A 64 -1.79 -11.57 -4.48
N ILE A 65 -2.38 -12.17 -3.40
CA ILE A 65 -3.69 -12.87 -3.49
C ILE A 65 -4.83 -11.91 -3.90
N LEU A 66 -4.58 -10.59 -3.72
CA LEU A 66 -5.45 -9.53 -4.22
C LEU A 66 -5.28 -9.42 -5.74
N GLN A 67 -6.40 -9.50 -6.48
CA GLN A 67 -6.40 -9.43 -7.96
C GLN A 67 -5.93 -8.03 -8.46
N HIS A 68 -6.09 -7.03 -7.59
CA HIS A 68 -5.67 -5.64 -7.82
C HIS A 68 -4.14 -5.50 -7.86
N PHE A 69 -3.44 -6.38 -7.11
CA PHE A 69 -1.97 -6.48 -7.14
C PHE A 69 -1.57 -7.54 -8.17
N GLY A 70 -0.97 -7.10 -9.28
CA GLY A 70 -0.35 -8.00 -10.26
C GLY A 70 1.12 -8.23 -9.95
N ASP A 71 1.82 -8.91 -10.88
CA ASP A 71 3.26 -9.18 -10.75
C ASP A 71 4.09 -7.89 -10.81
N GLY A 72 3.61 -6.89 -11.57
CA GLY A 72 4.24 -5.58 -11.64
C GLY A 72 4.22 -4.84 -10.32
N LEU A 73 3.06 -4.90 -9.61
CA LEU A 73 2.91 -4.35 -8.25
C LEU A 73 3.82 -5.11 -7.27
N CYS A 74 3.89 -6.44 -7.44
CA CYS A 74 4.72 -7.33 -6.61
C CYS A 74 6.21 -6.98 -6.74
N ARG A 75 6.63 -6.57 -7.97
CA ARG A 75 8.02 -6.15 -8.25
C ARG A 75 8.37 -4.85 -7.51
N MET A 76 7.60 -3.78 -7.77
CA MET A 76 7.87 -2.41 -7.25
C MET A 76 7.76 -2.34 -5.71
N LEU A 77 6.88 -3.18 -5.13
CA LEU A 77 6.75 -3.31 -3.66
C LEU A 77 7.93 -4.11 -3.08
N ASP A 78 8.35 -5.18 -3.79
CA ASP A 78 9.50 -6.03 -3.36
C ASP A 78 10.79 -5.19 -3.30
N GLU A 79 10.94 -4.32 -4.31
CA GLU A 79 12.04 -3.34 -4.38
C GLU A 79 12.03 -2.43 -3.15
N ARG A 80 10.86 -1.80 -2.88
CA ARG A 80 10.67 -0.85 -1.76
C ARG A 80 10.99 -1.50 -0.39
N LEU A 81 10.49 -2.74 -0.18
CA LEU A 81 10.62 -3.46 1.11
C LEU A 81 12.08 -3.87 1.39
N GLN A 82 12.74 -4.51 0.39
CA GLN A 82 14.12 -5.05 0.54
C GLN A 82 15.16 -3.92 0.60
N ARG A 83 14.93 -2.85 -0.20
CA ARG A 83 15.83 -1.67 -0.25
C ARG A 83 15.82 -0.94 1.10
N HIS A 84 14.60 -0.68 1.63
CA HIS A 84 14.42 0.04 2.91
C HIS A 84 14.94 -0.79 4.10
N ARG A 85 14.79 -2.14 3.99
CA ARG A 85 15.36 -3.09 4.98
C ARG A 85 16.87 -2.84 5.15
N THR A 86 17.59 -2.89 4.02
CA THR A 86 19.06 -2.74 3.99
C THR A 86 19.48 -1.28 4.28
N SER A 87 18.57 -0.33 3.99
CA SER A 87 18.77 1.09 4.30
C SER A 87 18.69 1.33 5.82
N GLY A 88 17.92 0.46 6.50
CA GLY A 88 17.80 0.47 7.97
C GLY A 88 18.52 -0.70 8.62
N GLY A 89 19.71 -1.03 8.09
CA GLY A 89 20.56 -2.11 8.62
C GLY A 89 21.21 -2.92 7.53
N ASP A 90 20.80 -4.20 7.39
CA ASP A 90 21.31 -5.12 6.36
C ASP A 90 20.24 -6.22 6.09
N ALA A 1 -9.72 19.79 0.04
CA ALA A 1 -11.03 19.17 -0.27
C ALA A 1 -10.83 17.67 -0.53
N ALA A 2 -10.86 16.88 0.55
CA ALA A 2 -10.66 15.42 0.51
C ALA A 2 -11.29 14.77 1.75
N ALA A 3 -11.98 13.64 1.54
CA ALA A 3 -12.55 12.82 2.63
C ALA A 3 -11.43 12.00 3.32
N PRO A 4 -11.39 11.95 4.69
CA PRO A 4 -10.33 11.21 5.43
C PRO A 4 -10.39 9.69 5.15
N VAL A 5 -9.24 9.10 4.77
CA VAL A 5 -9.15 7.71 4.31
C VAL A 5 -9.54 6.73 5.46
N ARG A 6 -10.67 6.05 5.25
CA ARG A 6 -11.30 5.15 6.24
C ARG A 6 -10.80 3.70 6.00
N LEU A 7 -9.87 3.25 6.87
CA LEU A 7 -9.25 1.92 6.77
C LEU A 7 -9.66 1.08 7.99
N GLY A 8 -10.68 0.22 7.79
CA GLY A 8 -11.17 -0.68 8.83
C GLY A 8 -12.63 -1.07 8.60
N ARG A 9 -13.24 -1.62 9.67
CA ARG A 9 -14.63 -2.11 9.68
C ARG A 9 -15.28 -1.63 11.00
N LYS A 10 -16.43 -2.25 11.33
CA LYS A 10 -17.01 -2.20 12.68
C LYS A 10 -16.09 -2.97 13.66
N ARG A 11 -16.02 -2.46 14.91
CA ARG A 11 -15.24 -3.09 15.99
C ARG A 11 -15.75 -4.52 16.31
N PRO A 12 -14.87 -5.49 16.71
CA PRO A 12 -13.41 -5.31 16.85
C PRO A 12 -12.64 -5.52 15.53
N LEU A 13 -11.46 -4.91 15.46
CA LEU A 13 -10.54 -5.04 14.31
C LEU A 13 -9.38 -5.99 14.65
N PRO A 14 -8.71 -6.60 13.62
CA PRO A 14 -7.50 -7.42 13.84
C PRO A 14 -6.29 -6.54 14.19
N ALA A 15 -5.24 -7.17 14.72
CA ALA A 15 -3.99 -6.49 15.06
C ALA A 15 -3.21 -6.23 13.75
N CYS A 16 -3.46 -5.05 13.17
CA CYS A 16 -2.84 -4.62 11.91
C CYS A 16 -1.35 -4.27 12.13
N PRO A 17 -0.42 -4.57 11.15
CA PRO A 17 1.03 -4.25 11.29
C PRO A 17 1.34 -2.75 11.44
N ASN A 18 2.64 -2.42 11.54
CA ASN A 18 3.14 -1.03 11.61
C ASN A 18 2.66 -0.22 10.39
N PRO A 19 2.35 1.12 10.57
CA PRO A 19 1.78 1.98 9.49
C PRO A 19 2.73 2.26 8.29
N LEU A 20 3.84 1.50 8.20
CA LEU A 20 4.76 1.47 7.04
C LEU A 20 3.95 1.30 5.73
N PHE A 21 3.09 0.25 5.68
CA PHE A 21 2.32 -0.12 4.47
C PHE A 21 1.41 1.04 4.02
N VAL A 22 0.56 1.52 4.95
CA VAL A 22 -0.46 2.57 4.64
C VAL A 22 0.21 3.91 4.26
N ARG A 23 1.38 4.21 4.86
CA ARG A 23 2.15 5.44 4.59
C ARG A 23 2.71 5.43 3.16
N TRP A 24 3.45 4.35 2.85
CA TRP A 24 4.19 4.20 1.58
C TRP A 24 3.24 4.08 0.39
N LEU A 25 2.03 3.53 0.64
CA LEU A 25 0.94 3.48 -0.34
C LEU A 25 0.42 4.90 -0.63
N THR A 26 0.07 5.65 0.43
CA THR A 26 -0.46 7.03 0.32
C THR A 26 0.57 8.01 -0.29
N GLU A 27 1.86 7.75 -0.01
CA GLU A 27 3.00 8.55 -0.48
C GLU A 27 3.20 8.36 -1.99
N TRP A 28 3.21 7.08 -2.42
CA TRP A 28 3.48 6.71 -3.83
C TRP A 28 2.27 7.05 -4.71
N ARG A 29 1.08 6.95 -4.11
CA ARG A 29 -0.19 7.40 -4.70
C ARG A 29 -0.13 8.90 -5.01
N ASP A 30 0.45 9.66 -4.07
CA ASP A 30 0.62 11.12 -4.16
C ASP A 30 1.62 11.49 -5.28
N GLU A 31 2.71 10.71 -5.37
CA GLU A 31 3.73 10.85 -6.44
C GLU A 31 3.16 10.49 -7.83
N ALA A 32 2.25 9.50 -7.84
CA ALA A 32 1.59 9.03 -9.06
C ALA A 32 0.55 10.07 -9.55
N THR A 33 -0.06 10.79 -8.58
CA THR A 33 -1.00 11.90 -8.85
C THR A 33 -0.23 13.17 -9.27
N ARG A 34 0.99 13.32 -8.76
CA ARG A 34 1.93 14.37 -9.18
C ARG A 34 2.28 14.20 -10.68
N SER A 35 2.41 12.93 -11.10
CA SER A 35 2.66 12.59 -12.50
C SER A 35 1.39 12.79 -13.37
N ARG A 36 0.19 12.72 -12.73
CA ARG A 36 -1.13 12.91 -13.40
C ARG A 36 -1.39 11.90 -14.56
N ARG A 37 -0.69 10.75 -14.53
CA ARG A 37 -0.94 9.62 -15.46
C ARG A 37 -1.91 8.62 -14.80
N ARG A 38 -2.26 7.56 -15.55
CA ARG A 38 -3.18 6.48 -15.08
C ARG A 38 -2.58 5.71 -13.88
N THR A 39 -1.25 5.86 -13.70
CA THR A 39 -0.49 5.25 -12.59
C THR A 39 -1.11 5.53 -11.20
N ARG A 40 -1.76 6.71 -11.03
CA ARG A 40 -2.43 7.08 -9.77
C ARG A 40 -3.68 6.22 -9.53
N PHE A 41 -4.41 5.92 -10.61
CA PHE A 41 -5.68 5.17 -10.55
C PHE A 41 -5.42 3.69 -10.28
N VAL A 42 -4.54 3.07 -11.10
CA VAL A 42 -4.22 1.63 -10.98
C VAL A 42 -3.53 1.32 -9.62
N PHE A 43 -2.73 2.28 -9.12
CA PHE A 43 -2.06 2.14 -7.82
C PHE A 43 -3.08 2.34 -6.68
N GLN A 44 -4.08 3.22 -6.91
CA GLN A 44 -5.15 3.49 -5.91
C GLN A 44 -6.09 2.28 -5.78
N LYS A 45 -6.35 1.59 -6.92
CA LYS A 45 -7.17 0.36 -6.98
C LYS A 45 -6.46 -0.76 -6.22
N ALA A 46 -5.13 -0.82 -6.42
CA ALA A 46 -4.25 -1.79 -5.74
C ALA A 46 -4.13 -1.48 -4.23
N LEU A 47 -4.07 -0.18 -3.92
CA LEU A 47 -3.97 0.36 -2.54
C LEU A 47 -5.20 -0.08 -1.74
N ARG A 48 -6.39 0.32 -2.25
CA ARG A 48 -7.67 0.15 -1.56
C ARG A 48 -8.01 -1.34 -1.39
N SER A 49 -7.60 -2.17 -2.38
CA SER A 49 -7.80 -3.64 -2.34
C SER A 49 -6.93 -4.26 -1.24
N LEU A 50 -5.64 -3.84 -1.18
CA LEU A 50 -4.69 -4.32 -0.16
C LEU A 50 -5.14 -3.88 1.26
N ARG A 51 -5.79 -2.71 1.34
CA ARG A 51 -6.30 -2.15 2.62
C ARG A 51 -7.73 -2.64 2.95
N ARG A 52 -8.40 -3.24 1.95
CA ARG A 52 -9.70 -3.94 2.13
C ARG A 52 -9.44 -5.37 2.63
N TYR A 53 -8.25 -5.90 2.27
CA TYR A 53 -7.78 -7.23 2.68
C TYR A 53 -6.83 -7.11 3.90
N PRO A 54 -7.32 -7.40 5.15
CA PRO A 54 -6.48 -7.49 6.36
C PRO A 54 -5.96 -8.92 6.58
N LEU A 55 -5.66 -9.59 5.45
CA LEU A 55 -5.15 -10.98 5.41
C LEU A 55 -3.80 -11.11 6.18
N PRO A 56 -3.44 -12.32 6.70
CA PRO A 56 -2.17 -12.54 7.43
C PRO A 56 -0.93 -12.49 6.48
N LEU A 57 -0.55 -11.24 6.10
CA LEU A 57 0.62 -10.98 5.25
C LEU A 57 1.92 -11.20 6.06
N ARG A 58 2.58 -12.34 5.80
CA ARG A 58 3.87 -12.68 6.42
C ARG A 58 5.02 -12.13 5.56
N SER A 59 4.74 -11.98 4.25
CA SER A 59 5.70 -11.51 3.25
C SER A 59 4.94 -10.64 2.21
N GLY A 60 5.69 -10.09 1.24
CA GLY A 60 5.13 -9.27 0.17
C GLY A 60 4.24 -10.08 -0.78
N LYS A 61 4.44 -11.42 -0.81
CA LYS A 61 3.68 -12.36 -1.67
C LYS A 61 2.16 -12.23 -1.46
N GLU A 62 1.75 -12.15 -0.17
CA GLU A 62 0.33 -12.04 0.24
C GLU A 62 -0.31 -10.73 -0.24
N ALA A 63 0.52 -9.68 -0.42
CA ALA A 63 0.10 -8.38 -0.95
C ALA A 63 0.05 -8.42 -2.50
N LYS A 64 0.99 -9.17 -3.10
CA LYS A 64 1.20 -9.21 -4.56
C LYS A 64 0.22 -10.15 -5.28
N ILE A 65 -0.38 -11.12 -4.55
CA ILE A 65 -1.37 -12.07 -5.14
C ILE A 65 -2.70 -11.37 -5.47
N LEU A 66 -2.87 -10.13 -4.98
CA LEU A 66 -3.92 -9.22 -5.45
C LEU A 66 -3.57 -8.83 -6.91
N GLN A 67 -4.47 -9.24 -7.85
CA GLN A 67 -4.30 -9.03 -9.31
C GLN A 67 -4.12 -7.53 -9.66
N HIS A 68 -4.69 -6.66 -8.80
CA HIS A 68 -4.60 -5.20 -8.90
C HIS A 68 -3.14 -4.69 -8.95
N PHE A 69 -2.23 -5.38 -8.25
CA PHE A 69 -0.79 -5.15 -8.38
C PHE A 69 -0.29 -5.80 -9.67
N GLY A 70 -0.36 -5.03 -10.77
CA GLY A 70 -0.01 -5.51 -12.11
C GLY A 70 1.47 -5.78 -12.30
N ASP A 71 1.86 -5.99 -13.58
CA ASP A 71 3.24 -6.32 -14.00
C ASP A 71 4.29 -5.35 -13.39
N GLY A 72 3.98 -4.05 -13.49
CA GLY A 72 4.81 -3.00 -12.90
C GLY A 72 4.74 -3.00 -11.38
N LEU A 73 3.52 -2.75 -10.83
CA LEU A 73 3.29 -2.53 -9.37
C LEU A 73 3.90 -3.64 -8.49
N CYS A 74 3.85 -4.88 -9.00
CA CYS A 74 4.42 -6.07 -8.34
C CYS A 74 5.92 -5.86 -8.03
N ARG A 75 6.73 -5.66 -9.09
CA ARG A 75 8.20 -5.52 -8.98
C ARG A 75 8.60 -4.19 -8.35
N MET A 76 7.76 -3.16 -8.53
CA MET A 76 8.02 -1.79 -8.06
C MET A 76 7.96 -1.74 -6.52
N LEU A 77 6.94 -2.42 -5.96
CA LEU A 77 6.81 -2.57 -4.49
C LEU A 77 8.03 -3.33 -3.93
N ASP A 78 8.41 -4.45 -4.59
CA ASP A 78 9.57 -5.26 -4.18
C ASP A 78 10.84 -4.40 -4.07
N GLU A 79 11.25 -3.81 -5.20
CA GLU A 79 12.56 -3.14 -5.33
C GLU A 79 12.69 -1.89 -4.43
N ARG A 80 11.56 -1.19 -4.19
CA ARG A 80 11.59 0.05 -3.38
C ARG A 80 11.67 -0.30 -1.89
N LEU A 81 10.89 -1.32 -1.46
CA LEU A 81 10.92 -1.85 -0.07
C LEU A 81 12.32 -2.42 0.26
N GLN A 82 12.93 -3.12 -0.72
CA GLN A 82 14.23 -3.80 -0.56
C GLN A 82 15.42 -2.81 -0.58
N ARG A 83 15.31 -1.77 -1.43
CA ARG A 83 16.34 -0.70 -1.51
C ARG A 83 16.36 0.12 -0.20
N HIS A 84 15.16 0.46 0.30
CA HIS A 84 15.02 1.25 1.55
C HIS A 84 15.40 0.38 2.78
N ARG A 85 15.20 -0.96 2.64
CA ARG A 85 15.56 -1.96 3.68
C ARG A 85 17.09 -1.91 3.89
N THR A 86 17.82 -2.12 2.77
CA THR A 86 19.29 -2.21 2.77
C THR A 86 19.94 -0.84 3.07
N SER A 87 19.30 0.23 2.56
CA SER A 87 19.73 1.62 2.80
C SER A 87 19.41 2.05 4.24
N GLY A 88 18.46 1.33 4.88
CA GLY A 88 18.11 1.55 6.28
C GLY A 88 19.27 1.28 7.22
N GLY A 89 19.97 0.17 6.99
CA GLY A 89 21.17 -0.18 7.76
C GLY A 89 21.51 -1.66 7.66
N ASP A 90 21.90 -2.27 8.81
CA ASP A 90 22.23 -3.69 8.92
C ASP A 90 20.99 -4.55 8.57
N ALA A 1 -0.87 13.71 5.09
CA ALA A 1 -1.74 14.89 4.82
C ALA A 1 -3.21 14.52 5.05
N ALA A 2 -4.07 15.56 5.15
CA ALA A 2 -5.52 15.43 5.43
C ALA A 2 -5.76 14.63 6.73
N ALA A 3 -5.04 15.04 7.80
CA ALA A 3 -5.12 14.39 9.11
C ALA A 3 -6.52 14.58 9.74
N PRO A 4 -7.31 13.48 9.96
CA PRO A 4 -8.63 13.57 10.61
C PRO A 4 -8.48 13.80 12.13
N VAL A 5 -9.50 14.43 12.74
CA VAL A 5 -9.49 14.67 14.20
C VAL A 5 -9.80 13.35 14.94
N ARG A 6 -8.80 12.86 15.66
CA ARG A 6 -8.90 11.68 16.52
C ARG A 6 -8.85 12.15 17.98
N LEU A 7 -9.80 11.66 18.79
CA LEU A 7 -9.94 12.06 20.21
C LEU A 7 -10.70 10.96 20.97
N GLY A 8 -10.30 10.75 22.23
CA GLY A 8 -10.88 9.73 23.11
C GLY A 8 -10.66 8.30 22.60
N ARG A 9 -11.61 7.82 21.80
CA ARG A 9 -11.56 6.49 21.18
C ARG A 9 -10.87 6.59 19.80
N LYS A 10 -9.63 6.10 19.72
CA LYS A 10 -8.85 6.08 18.48
C LYS A 10 -9.30 4.91 17.60
N ARG A 11 -9.69 5.23 16.35
CA ARG A 11 -10.18 4.25 15.37
C ARG A 11 -9.17 4.11 14.20
N PRO A 12 -8.85 2.85 13.73
CA PRO A 12 -9.36 1.58 14.31
C PRO A 12 -8.57 1.12 15.56
N LEU A 13 -9.06 0.06 16.21
CA LEU A 13 -8.43 -0.55 17.38
C LEU A 13 -7.13 -1.30 16.99
N PRO A 14 -6.11 -1.37 17.90
CA PRO A 14 -4.79 -1.97 17.59
C PRO A 14 -4.86 -3.52 17.51
N ALA A 15 -5.33 -4.01 16.36
CA ALA A 15 -5.35 -5.45 16.00
C ALA A 15 -4.83 -5.64 14.55
N CYS A 16 -4.64 -4.51 13.85
CA CYS A 16 -4.19 -4.47 12.44
C CYS A 16 -2.65 -4.67 12.33
N PRO A 17 -2.06 -4.86 11.10
CA PRO A 17 -0.59 -4.91 10.94
C PRO A 17 0.07 -3.52 11.10
N ASN A 18 1.42 -3.50 11.03
CA ASN A 18 2.24 -2.29 11.12
C ASN A 18 1.88 -1.32 9.96
N PRO A 19 1.37 -0.07 10.25
CA PRO A 19 0.85 0.87 9.21
C PRO A 19 1.95 1.55 8.33
N LEU A 20 3.16 0.96 8.35
CA LEU A 20 4.29 1.36 7.48
C LEU A 20 3.86 1.29 6.00
N PHE A 21 3.20 0.17 5.62
CA PHE A 21 2.74 -0.04 4.23
C PHE A 21 1.73 1.05 3.82
N VAL A 22 0.80 1.38 4.74
CA VAL A 22 -0.26 2.41 4.52
C VAL A 22 0.36 3.75 4.13
N ARG A 23 1.44 4.12 4.86
CA ARG A 23 2.20 5.35 4.62
C ARG A 23 2.75 5.38 3.17
N TRP A 24 3.53 4.33 2.82
CA TRP A 24 4.20 4.22 1.50
C TRP A 24 3.19 4.23 0.35
N LEU A 25 2.03 3.58 0.56
CA LEU A 25 0.92 3.54 -0.41
C LEU A 25 0.37 4.95 -0.67
N THR A 26 0.12 5.71 0.42
CA THR A 26 -0.46 7.07 0.37
C THR A 26 0.50 8.08 -0.31
N GLU A 27 1.79 7.99 0.05
CA GLU A 27 2.83 8.90 -0.48
C GLU A 27 3.07 8.63 -1.98
N TRP A 28 3.07 7.33 -2.35
CA TRP A 28 3.38 6.88 -3.71
C TRP A 28 2.21 7.19 -4.67
N ARG A 29 0.95 6.96 -4.23
CA ARG A 29 -0.23 7.29 -5.06
C ARG A 29 -0.28 8.81 -5.35
N ASP A 30 0.21 9.62 -4.37
CA ASP A 30 0.30 11.08 -4.49
C ASP A 30 1.46 11.53 -5.40
N GLU A 31 2.55 10.75 -5.42
CA GLU A 31 3.64 10.93 -6.41
C GLU A 31 3.13 10.62 -7.83
N ALA A 32 2.28 9.58 -7.88
CA ALA A 32 1.63 9.12 -9.12
C ALA A 32 0.51 10.08 -9.55
N THR A 33 -0.09 10.77 -8.55
CA THR A 33 -1.08 11.83 -8.77
C THR A 33 -0.39 13.07 -9.36
N ARG A 34 0.80 13.38 -8.82
CA ARG A 34 1.67 14.48 -9.29
C ARG A 34 2.16 14.18 -10.72
N SER A 35 2.36 12.88 -11.01
CA SER A 35 2.72 12.37 -12.35
C SER A 35 1.56 12.53 -13.36
N ARG A 36 0.33 12.71 -12.83
CA ARG A 36 -0.91 13.01 -13.61
C ARG A 36 -1.28 11.83 -14.55
N ARG A 37 -0.76 10.63 -14.25
CA ARG A 37 -0.82 9.47 -15.18
C ARG A 37 -1.73 8.35 -14.62
N ARG A 38 -1.86 7.25 -15.38
CA ARG A 38 -2.73 6.10 -15.02
C ARG A 38 -2.20 5.36 -13.78
N THR A 39 -0.88 5.50 -13.52
CA THR A 39 -0.22 4.96 -12.30
C THR A 39 -0.95 5.41 -11.01
N ARG A 40 -1.50 6.64 -11.04
CA ARG A 40 -2.37 7.18 -9.97
C ARG A 40 -3.57 6.26 -9.71
N PHE A 41 -4.30 5.92 -10.78
CA PHE A 41 -5.56 5.17 -10.68
C PHE A 41 -5.32 3.70 -10.27
N VAL A 42 -4.41 3.02 -10.98
CA VAL A 42 -4.18 1.57 -10.81
C VAL A 42 -3.54 1.23 -9.45
N PHE A 43 -2.67 2.13 -8.96
CA PHE A 43 -2.01 1.97 -7.66
C PHE A 43 -3.00 2.28 -6.52
N GLN A 44 -3.87 3.29 -6.74
CA GLN A 44 -4.91 3.69 -5.76
C GLN A 44 -5.97 2.58 -5.64
N LYS A 45 -6.29 1.92 -6.76
CA LYS A 45 -7.27 0.81 -6.82
C LYS A 45 -6.75 -0.40 -6.02
N ALA A 46 -5.47 -0.74 -6.25
CA ALA A 46 -4.79 -1.82 -5.53
C ALA A 46 -4.66 -1.47 -4.02
N LEU A 47 -4.43 -0.16 -3.75
CA LEU A 47 -4.36 0.40 -2.38
C LEU A 47 -5.68 0.15 -1.66
N ARG A 48 -6.81 0.43 -2.35
CA ARG A 48 -8.18 0.28 -1.80
C ARG A 48 -8.41 -1.15 -1.30
N SER A 49 -7.98 -2.13 -2.12
CA SER A 49 -8.13 -3.56 -1.84
C SER A 49 -7.38 -3.99 -0.56
N LEU A 50 -6.12 -3.51 -0.43
CA LEU A 50 -5.23 -3.85 0.70
C LEU A 50 -5.66 -3.09 1.98
N ARG A 51 -6.12 -1.86 1.80
CA ARG A 51 -6.53 -0.96 2.91
C ARG A 51 -7.85 -1.48 3.51
N ARG A 52 -8.65 -2.16 2.66
CA ARG A 52 -9.92 -2.80 3.07
C ARG A 52 -9.65 -4.02 3.96
N TYR A 53 -8.48 -4.64 3.78
CA TYR A 53 -8.05 -5.83 4.54
C TYR A 53 -7.06 -5.44 5.67
N PRO A 54 -7.52 -5.38 6.95
CA PRO A 54 -6.65 -5.12 8.12
C PRO A 54 -6.07 -6.43 8.70
N LEU A 55 -5.91 -7.44 7.81
CA LEU A 55 -5.39 -8.77 8.18
C LEU A 55 -3.90 -8.64 8.59
N PRO A 56 -3.39 -9.46 9.57
CA PRO A 56 -1.98 -9.39 10.01
C PRO A 56 -1.00 -9.77 8.87
N LEU A 57 -0.36 -8.75 8.27
CA LEU A 57 0.61 -8.95 7.18
C LEU A 57 1.89 -9.58 7.77
N ARG A 58 1.91 -10.93 7.76
CA ARG A 58 3.06 -11.73 8.20
C ARG A 58 4.15 -11.74 7.11
N SER A 59 3.78 -11.28 5.91
CA SER A 59 4.65 -11.23 4.73
C SER A 59 4.06 -10.23 3.71
N GLY A 60 4.85 -9.89 2.69
CA GLY A 60 4.36 -9.15 1.53
C GLY A 60 3.36 -9.96 0.72
N LYS A 61 3.48 -11.31 0.83
CA LYS A 61 2.55 -12.28 0.25
C LYS A 61 1.09 -12.01 0.68
N GLU A 62 0.92 -11.64 1.95
CA GLU A 62 -0.40 -11.37 2.56
C GLU A 62 -1.08 -10.12 1.93
N ALA A 63 -0.26 -9.23 1.38
CA ALA A 63 -0.73 -8.05 0.63
C ALA A 63 -0.98 -8.40 -0.84
N LYS A 64 -0.25 -9.40 -1.35
CA LYS A 64 -0.29 -9.83 -2.76
C LYS A 64 -1.46 -10.80 -3.05
N ILE A 65 -2.05 -11.43 -1.99
CA ILE A 65 -3.22 -12.34 -2.18
C ILE A 65 -4.44 -11.57 -2.74
N LEU A 66 -4.43 -10.23 -2.54
CA LEU A 66 -5.35 -9.32 -3.22
C LEU A 66 -4.97 -9.31 -4.72
N GLN A 67 -5.81 -9.97 -5.53
CA GLN A 67 -5.58 -10.20 -6.98
C GLN A 67 -5.56 -8.87 -7.78
N HIS A 68 -6.04 -7.78 -7.14
CA HIS A 68 -5.99 -6.40 -7.66
C HIS A 68 -4.54 -5.89 -7.80
N PHE A 69 -3.59 -6.55 -7.10
CA PHE A 69 -2.16 -6.36 -7.30
C PHE A 69 -1.69 -7.21 -8.49
N GLY A 70 -1.47 -6.55 -9.64
CA GLY A 70 -0.99 -7.21 -10.86
C GLY A 70 0.53 -7.29 -10.92
N ASP A 71 1.03 -7.64 -12.11
CA ASP A 71 2.48 -7.77 -12.38
C ASP A 71 3.21 -6.47 -12.05
N GLY A 72 2.71 -5.37 -12.64
CA GLY A 72 3.28 -4.03 -12.46
C GLY A 72 3.33 -3.58 -11.01
N LEU A 73 2.25 -3.88 -10.24
CA LEU A 73 2.18 -3.57 -8.80
C LEU A 73 3.31 -4.31 -8.03
N CYS A 74 3.31 -5.65 -8.12
CA CYS A 74 4.25 -6.51 -7.38
C CYS A 74 5.72 -6.24 -7.77
N ARG A 75 5.95 -5.85 -9.03
CA ARG A 75 7.28 -5.45 -9.54
C ARG A 75 7.76 -4.19 -8.82
N MET A 76 6.93 -3.12 -8.89
CA MET A 76 7.30 -1.80 -8.34
C MET A 76 7.48 -1.87 -6.81
N LEU A 77 6.56 -2.57 -6.13
CA LEU A 77 6.59 -2.75 -4.65
C LEU A 77 7.89 -3.46 -4.24
N ASP A 78 8.29 -4.48 -5.02
CA ASP A 78 9.56 -5.19 -4.81
C ASP A 78 10.75 -4.19 -4.98
N GLU A 79 10.73 -3.45 -6.10
CA GLU A 79 11.81 -2.48 -6.46
C GLU A 79 11.96 -1.37 -5.39
N ARG A 80 10.85 -0.98 -4.75
CA ARG A 80 10.82 0.14 -3.78
C ARG A 80 11.28 -0.32 -2.38
N LEU A 81 10.71 -1.44 -1.92
CA LEU A 81 11.01 -2.03 -0.60
C LEU A 81 12.49 -2.46 -0.55
N GLN A 82 12.96 -3.10 -1.63
CA GLN A 82 14.36 -3.55 -1.77
C GLN A 82 15.31 -2.34 -1.89
N ARG A 83 14.89 -1.29 -2.63
CA ARG A 83 15.65 -0.04 -2.78
C ARG A 83 16.03 0.55 -1.42
N HIS A 84 15.03 0.60 -0.53
CA HIS A 84 15.12 1.25 0.78
C HIS A 84 16.03 0.46 1.74
N ARG A 85 15.87 -0.87 1.79
CA ARG A 85 16.63 -1.73 2.73
C ARG A 85 18.09 -1.94 2.26
N THR A 86 18.34 -1.79 0.94
CA THR A 86 19.70 -1.89 0.35
C THR A 86 20.49 -0.59 0.60
N SER A 87 19.80 0.55 0.57
CA SER A 87 20.39 1.86 0.91
C SER A 87 20.37 2.10 2.45
N GLY A 88 19.54 1.33 3.16
CA GLY A 88 19.44 1.38 4.63
C GLY A 88 20.14 0.20 5.29
N GLY A 89 19.82 -0.03 6.58
CA GLY A 89 20.40 -1.14 7.33
C GLY A 89 20.15 -1.02 8.84
N ASP A 90 20.66 -1.98 9.60
CA ASP A 90 20.49 -2.07 11.06
C ASP A 90 21.85 -2.39 11.72
N ALA A 1 -23.92 5.75 8.59
CA ALA A 1 -22.92 6.82 8.43
C ALA A 1 -23.64 8.17 8.31
N ALA A 2 -23.37 9.09 9.25
CA ALA A 2 -23.94 10.45 9.25
C ALA A 2 -23.35 11.30 8.11
N ALA A 3 -22.11 10.97 7.72
CA ALA A 3 -21.41 11.58 6.58
C ALA A 3 -21.90 10.96 5.24
N PRO A 4 -21.79 11.69 4.08
CA PRO A 4 -22.28 11.18 2.76
C PRO A 4 -21.41 10.05 2.17
N VAL A 5 -20.22 9.83 2.78
CA VAL A 5 -19.29 8.77 2.37
C VAL A 5 -19.89 7.37 2.66
N ARG A 6 -19.84 6.51 1.64
CA ARG A 6 -20.36 5.13 1.70
C ARG A 6 -19.22 4.19 2.09
N LEU A 7 -19.30 3.62 3.30
CA LEU A 7 -18.31 2.64 3.80
C LEU A 7 -19.05 1.39 4.27
N GLY A 8 -18.31 0.29 4.49
CA GLY A 8 -18.87 -0.96 4.96
C GLY A 8 -17.82 -1.93 5.42
N ARG A 9 -18.15 -2.69 6.48
CA ARG A 9 -17.31 -3.79 6.98
C ARG A 9 -17.37 -4.97 6.00
N LYS A 10 -16.20 -5.49 5.63
CA LYS A 10 -16.09 -6.63 4.71
C LYS A 10 -16.39 -7.94 5.47
N ARG A 11 -17.28 -8.76 4.90
CA ARG A 11 -17.61 -10.10 5.42
C ARG A 11 -16.63 -11.13 4.82
N PRO A 12 -16.05 -12.09 5.62
CA PRO A 12 -16.27 -12.19 7.10
C PRO A 12 -15.50 -11.10 7.89
N LEU A 13 -14.21 -10.91 7.57
CA LEU A 13 -13.35 -9.88 8.18
C LEU A 13 -12.61 -9.09 7.06
N PRO A 14 -12.40 -7.74 7.25
CA PRO A 14 -11.51 -6.94 6.38
C PRO A 14 -10.04 -7.06 6.85
N ALA A 15 -9.18 -6.08 6.47
CA ALA A 15 -7.78 -6.02 6.92
C ALA A 15 -7.44 -4.64 7.50
N CYS A 16 -6.36 -4.60 8.29
CA CYS A 16 -5.79 -3.39 8.85
C CYS A 16 -4.25 -3.49 8.73
N PRO A 17 -3.66 -3.09 7.56
CA PRO A 17 -2.18 -3.13 7.35
C PRO A 17 -1.41 -2.26 8.37
N ASN A 18 -0.12 -2.57 8.55
CA ASN A 18 0.78 -1.78 9.41
C ASN A 18 0.87 -0.32 8.88
N PRO A 19 1.03 0.71 9.78
CA PRO A 19 1.22 2.12 9.38
C PRO A 19 2.30 2.31 8.30
N LEU A 20 3.31 1.42 8.34
CA LEU A 20 4.44 1.40 7.39
C LEU A 20 3.96 1.17 5.94
N PHE A 21 3.05 0.20 5.76
CA PHE A 21 2.47 -0.12 4.43
C PHE A 21 1.64 1.05 3.91
N VAL A 22 0.65 1.49 4.71
CA VAL A 22 -0.34 2.48 4.29
C VAL A 22 0.28 3.86 4.04
N ARG A 23 1.37 4.21 4.78
CA ARG A 23 2.08 5.50 4.55
C ARG A 23 2.81 5.45 3.20
N TRP A 24 3.50 4.32 2.92
CA TRP A 24 4.25 4.12 1.66
C TRP A 24 3.30 4.18 0.45
N LEU A 25 2.10 3.62 0.64
CA LEU A 25 1.05 3.61 -0.37
C LEU A 25 0.48 5.04 -0.60
N THR A 26 0.38 5.85 0.47
CA THR A 26 -0.15 7.23 0.36
C THR A 26 0.88 8.18 -0.32
N GLU A 27 2.17 8.03 0.07
CA GLU A 27 3.28 8.84 -0.44
C GLU A 27 3.50 8.61 -1.94
N TRP A 28 3.41 7.33 -2.35
CA TRP A 28 3.70 6.91 -3.72
C TRP A 28 2.47 7.10 -4.63
N ARG A 29 1.26 7.02 -4.03
CA ARG A 29 0.01 7.42 -4.72
C ARG A 29 0.04 8.92 -5.01
N ASP A 30 0.64 9.69 -4.08
CA ASP A 30 0.81 11.16 -4.22
C ASP A 30 1.80 11.47 -5.37
N GLU A 31 2.88 10.65 -5.48
CA GLU A 31 3.84 10.72 -6.61
C GLU A 31 3.15 10.37 -7.93
N ALA A 32 2.24 9.40 -7.86
CA ALA A 32 1.41 8.97 -8.99
C ALA A 32 0.36 10.05 -9.35
N THR A 33 -0.06 10.85 -8.34
CA THR A 33 -1.01 11.95 -8.52
C THR A 33 -0.34 13.12 -9.26
N ARG A 34 0.84 13.54 -8.78
CA ARG A 34 1.60 14.66 -9.38
C ARG A 34 2.18 14.26 -10.77
N SER A 35 2.29 12.93 -11.01
CA SER A 35 2.65 12.39 -12.33
C SER A 35 1.52 12.61 -13.36
N ARG A 36 0.29 12.85 -12.85
CA ARG A 36 -0.93 13.12 -13.65
C ARG A 36 -1.24 11.96 -14.64
N ARG A 37 -0.85 10.74 -14.24
CA ARG A 37 -0.85 9.57 -15.15
C ARG A 37 -1.81 8.48 -14.62
N ARG A 38 -2.03 7.44 -15.46
CA ARG A 38 -2.92 6.29 -15.14
C ARG A 38 -2.41 5.51 -13.92
N THR A 39 -1.10 5.63 -13.63
CA THR A 39 -0.45 5.02 -12.47
C THR A 39 -1.16 5.40 -11.15
N ARG A 40 -1.77 6.61 -11.09
CA ARG A 40 -2.54 7.05 -9.91
C ARG A 40 -3.77 6.15 -9.70
N PHE A 41 -4.53 5.92 -10.77
CA PHE A 41 -5.78 5.15 -10.74
C PHE A 41 -5.52 3.69 -10.35
N VAL A 42 -4.54 3.07 -11.01
CA VAL A 42 -4.27 1.62 -10.86
C VAL A 42 -3.52 1.33 -9.55
N PHE A 43 -2.70 2.29 -9.06
CA PHE A 43 -2.00 2.17 -7.77
C PHE A 43 -3.02 2.28 -6.63
N GLN A 44 -3.97 3.24 -6.77
CA GLN A 44 -5.02 3.49 -5.76
C GLN A 44 -6.04 2.34 -5.75
N LYS A 45 -6.25 1.72 -6.93
CA LYS A 45 -7.11 0.52 -7.07
C LYS A 45 -6.47 -0.66 -6.32
N ALA A 46 -5.17 -0.86 -6.58
CA ALA A 46 -4.37 -1.90 -5.91
C ALA A 46 -4.22 -1.63 -4.39
N LEU A 47 -4.21 -0.34 -4.04
CA LEU A 47 -4.09 0.15 -2.65
C LEU A 47 -5.34 -0.29 -1.85
N ARG A 48 -6.52 0.11 -2.36
CA ARG A 48 -7.82 -0.15 -1.70
C ARG A 48 -8.08 -1.66 -1.53
N SER A 49 -7.73 -2.42 -2.58
CA SER A 49 -7.85 -3.88 -2.61
C SER A 49 -6.95 -4.51 -1.52
N LEU A 50 -5.66 -4.12 -1.49
CA LEU A 50 -4.67 -4.67 -0.54
C LEU A 50 -5.02 -4.30 0.92
N ARG A 51 -5.51 -3.07 1.09
CA ARG A 51 -5.76 -2.47 2.41
C ARG A 51 -6.95 -3.17 3.09
N ARG A 52 -7.92 -3.62 2.29
CA ARG A 52 -9.10 -4.34 2.78
C ARG A 52 -8.90 -5.88 2.73
N TYR A 53 -7.84 -6.34 2.00
CA TYR A 53 -7.61 -7.79 1.75
C TYR A 53 -6.99 -8.47 2.99
N PRO A 54 -7.75 -9.38 3.69
CA PRO A 54 -7.23 -10.06 4.90
C PRO A 54 -6.15 -11.11 4.53
N LEU A 55 -4.87 -10.68 4.60
CA LEU A 55 -3.70 -11.54 4.33
C LEU A 55 -2.55 -11.20 5.30
N PRO A 56 -1.68 -12.18 5.67
CA PRO A 56 -0.51 -11.93 6.54
C PRO A 56 0.63 -11.16 5.82
N LEU A 57 0.49 -9.82 5.77
CA LEU A 57 1.48 -8.94 5.13
C LEU A 57 2.72 -8.75 6.05
N ARG A 58 3.65 -9.70 5.90
CA ARG A 58 4.98 -9.67 6.54
C ARG A 58 6.05 -9.65 5.43
N SER A 59 5.63 -10.00 4.21
CA SER A 59 6.48 -10.08 3.03
C SER A 59 5.78 -9.39 1.85
N GLY A 60 6.59 -8.96 0.86
CA GLY A 60 6.10 -8.23 -0.30
C GLY A 60 5.28 -9.08 -1.24
N LYS A 61 5.64 -10.38 -1.34
CA LYS A 61 4.98 -11.33 -2.26
C LYS A 61 3.47 -11.44 -1.97
N GLU A 62 3.12 -11.41 -0.67
CA GLU A 62 1.71 -11.44 -0.20
C GLU A 62 0.87 -10.33 -0.84
N ALA A 63 1.50 -9.17 -1.06
CA ALA A 63 0.88 -7.99 -1.67
C ALA A 63 0.98 -8.02 -3.21
N LYS A 64 2.06 -8.62 -3.75
CA LYS A 64 2.35 -8.61 -5.21
C LYS A 64 1.54 -9.68 -5.98
N ILE A 65 1.05 -10.73 -5.27
CA ILE A 65 0.33 -11.86 -5.92
C ILE A 65 -1.09 -11.48 -6.38
N LEU A 66 -1.61 -10.34 -5.90
CA LEU A 66 -2.96 -9.86 -6.31
C LEU A 66 -2.94 -9.43 -7.80
N GLN A 67 -4.07 -9.70 -8.48
CA GLN A 67 -4.23 -9.46 -9.93
C GLN A 67 -4.26 -7.95 -10.25
N HIS A 68 -4.60 -7.13 -9.22
CA HIS A 68 -4.56 -5.65 -9.30
C HIS A 68 -3.13 -5.13 -9.54
N PHE A 69 -2.14 -5.91 -9.08
CA PHE A 69 -0.71 -5.60 -9.25
C PHE A 69 -0.18 -6.26 -10.54
N GLY A 70 0.04 -5.43 -11.58
CA GLY A 70 0.69 -5.89 -12.82
C GLY A 70 2.19 -6.08 -12.64
N ASP A 71 2.87 -6.68 -13.64
CA ASP A 71 4.31 -7.03 -13.57
C ASP A 71 5.20 -5.83 -13.18
N GLY A 72 4.88 -4.67 -13.78
CA GLY A 72 5.58 -3.42 -13.48
C GLY A 72 5.34 -2.94 -12.05
N LEU A 73 4.07 -3.02 -11.60
CA LEU A 73 3.67 -2.57 -10.26
C LEU A 73 4.21 -3.52 -9.16
N CYS A 74 4.40 -4.81 -9.52
CA CYS A 74 4.91 -5.85 -8.60
C CYS A 74 6.39 -5.59 -8.28
N ARG A 75 7.22 -5.42 -9.33
CA ARG A 75 8.68 -5.20 -9.20
C ARG A 75 8.97 -3.86 -8.48
N MET A 76 8.08 -2.87 -8.72
CA MET A 76 8.15 -1.55 -8.07
C MET A 76 7.81 -1.67 -6.57
N LEU A 77 6.77 -2.45 -6.25
CA LEU A 77 6.34 -2.66 -4.85
C LEU A 77 7.42 -3.45 -4.08
N ASP A 78 8.09 -4.36 -4.79
CA ASP A 78 9.21 -5.15 -4.25
C ASP A 78 10.37 -4.22 -3.87
N GLU A 79 10.62 -3.20 -4.72
CA GLU A 79 11.61 -2.16 -4.44
C GLU A 79 11.19 -1.28 -3.25
N ARG A 80 9.89 -0.92 -3.15
CA ARG A 80 9.40 -0.08 -2.04
C ARG A 80 9.72 -0.73 -0.67
N LEU A 81 9.28 -1.99 -0.54
CA LEU A 81 9.44 -2.75 0.70
C LEU A 81 10.92 -3.10 0.95
N GLN A 82 11.56 -3.82 -0.01
CA GLN A 82 12.93 -4.37 0.18
C GLN A 82 14.01 -3.27 0.27
N ARG A 83 13.90 -2.22 -0.56
CA ARG A 83 14.92 -1.14 -0.60
C ARG A 83 14.88 -0.33 0.71
N HIS A 84 13.65 0.00 1.18
CA HIS A 84 13.49 0.76 2.45
C HIS A 84 13.75 -0.16 3.67
N ARG A 85 13.61 -1.50 3.47
CA ARG A 85 13.94 -2.51 4.50
C ARG A 85 15.47 -2.54 4.70
N THR A 86 16.21 -2.59 3.58
CA THR A 86 17.69 -2.62 3.59
C THR A 86 18.26 -1.23 3.98
N SER A 87 17.41 -0.18 3.87
CA SER A 87 17.76 1.20 4.24
C SER A 87 17.30 1.54 5.68
N GLY A 88 16.37 0.75 6.23
CA GLY A 88 15.78 1.02 7.54
C GLY A 88 15.24 -0.24 8.21
N GLY A 89 16.16 -1.18 8.46
CA GLY A 89 15.82 -2.47 9.08
C GLY A 89 16.78 -3.56 8.62
N ASP A 90 18.08 -3.20 8.58
CA ASP A 90 19.14 -4.07 8.06
C ASP A 90 20.28 -4.18 9.09
N ALA A 1 -10.45 28.94 5.65
CA ALA A 1 -10.86 27.99 6.71
C ALA A 1 -9.92 26.78 6.70
N ALA A 2 -9.72 26.18 7.89
CA ALA A 2 -8.82 25.01 8.08
C ALA A 2 -9.56 23.70 7.75
N ALA A 3 -8.78 22.67 7.37
CA ALA A 3 -9.28 21.32 7.02
C ALA A 3 -9.95 20.62 8.24
N PRO A 4 -10.92 19.68 8.02
CA PRO A 4 -11.55 18.91 9.12
C PRO A 4 -10.52 18.03 9.87
N VAL A 5 -10.63 17.98 11.21
CA VAL A 5 -9.70 17.22 12.07
C VAL A 5 -9.85 15.70 11.83
N ARG A 6 -8.73 14.97 11.99
CA ARG A 6 -8.72 13.50 11.92
C ARG A 6 -9.32 12.94 13.23
N LEU A 7 -10.50 12.31 13.09
CA LEU A 7 -11.18 11.61 14.19
C LEU A 7 -12.08 10.50 13.61
N GLY A 8 -12.51 9.59 14.48
CA GLY A 8 -13.32 8.43 14.08
C GLY A 8 -12.50 7.15 14.13
N ARG A 9 -12.78 6.31 15.14
CA ARG A 9 -12.15 5.00 15.33
C ARG A 9 -13.15 4.05 16.01
N LYS A 10 -13.56 2.99 15.29
CA LYS A 10 -14.55 2.02 15.79
C LYS A 10 -13.89 1.10 16.82
N ARG A 11 -14.31 1.22 18.09
CA ARG A 11 -13.80 0.38 19.18
C ARG A 11 -14.60 -0.95 19.29
N PRO A 12 -13.92 -2.12 19.51
CA PRO A 12 -12.44 -2.24 19.56
C PRO A 12 -11.83 -2.25 18.14
N LEU A 13 -10.67 -1.58 17.97
CA LEU A 13 -9.91 -1.63 16.71
C LEU A 13 -9.39 -3.06 16.47
N PRO A 14 -9.25 -3.52 15.19
CA PRO A 14 -8.77 -4.90 14.88
C PRO A 14 -7.27 -5.05 15.16
N ALA A 15 -6.78 -6.30 15.13
CA ALA A 15 -5.36 -6.63 15.32
C ALA A 15 -4.59 -6.46 13.99
N CYS A 16 -4.72 -5.28 13.39
CA CYS A 16 -4.07 -4.92 12.13
C CYS A 16 -2.68 -4.31 12.42
N PRO A 17 -1.67 -4.51 11.50
CA PRO A 17 -0.28 -4.00 11.69
C PRO A 17 -0.19 -2.45 11.76
N ASN A 18 1.03 -1.96 12.03
CA ASN A 18 1.35 -0.52 12.08
C ASN A 18 1.09 0.14 10.69
N PRO A 19 0.96 1.51 10.58
CA PRO A 19 0.74 2.22 9.27
C PRO A 19 2.02 2.30 8.39
N LEU A 20 2.83 1.22 8.37
CA LEU A 20 4.04 1.11 7.51
C LEU A 20 3.61 1.10 6.03
N PHE A 21 2.74 0.11 5.70
CA PHE A 21 2.22 -0.06 4.32
C PHE A 21 1.41 1.18 3.91
N VAL A 22 0.54 1.66 4.82
CA VAL A 22 -0.30 2.87 4.60
C VAL A 22 0.58 4.07 4.19
N ARG A 23 1.69 4.27 4.94
CA ARG A 23 2.64 5.37 4.71
C ARG A 23 3.25 5.30 3.30
N TRP A 24 3.89 4.16 2.99
CA TRP A 24 4.63 3.95 1.72
C TRP A 24 3.70 4.06 0.50
N LEU A 25 2.47 3.51 0.67
CA LEU A 25 1.41 3.60 -0.34
C LEU A 25 0.97 5.06 -0.55
N THR A 26 0.93 5.86 0.55
CA THR A 26 0.54 7.29 0.48
C THR A 26 1.58 8.12 -0.30
N GLU A 27 2.88 7.83 -0.06
CA GLU A 27 4.00 8.57 -0.70
C GLU A 27 3.99 8.33 -2.22
N TRP A 28 3.89 7.06 -2.60
CA TRP A 28 3.96 6.63 -4.00
C TRP A 28 2.67 7.04 -4.75
N ARG A 29 1.51 6.97 -4.04
CA ARG A 29 0.21 7.40 -4.60
C ARG A 29 0.22 8.92 -4.85
N ASP A 30 0.84 9.67 -3.92
CA ASP A 30 0.94 11.13 -4.01
C ASP A 30 1.85 11.53 -5.20
N GLU A 31 2.90 10.73 -5.43
CA GLU A 31 3.78 10.87 -6.61
C GLU A 31 3.04 10.48 -7.91
N ALA A 32 2.16 9.47 -7.81
CA ALA A 32 1.37 8.97 -8.96
C ALA A 32 0.26 9.99 -9.34
N THR A 33 -0.28 10.67 -8.30
CA THR A 33 -1.29 11.74 -8.45
C THR A 33 -0.62 13.00 -9.04
N ARG A 34 0.64 13.21 -8.62
CA ARG A 34 1.53 14.25 -9.14
C ARG A 34 1.81 14.05 -10.64
N SER A 35 1.99 12.77 -11.04
CA SER A 35 2.25 12.38 -12.44
C SER A 35 0.95 12.38 -13.28
N ARG A 36 -0.20 12.27 -12.58
CA ARG A 36 -1.58 12.18 -13.15
C ARG A 36 -1.74 11.12 -14.29
N ARG A 37 -0.80 10.15 -14.34
CA ARG A 37 -0.78 9.11 -15.39
C ARG A 37 -1.64 7.91 -15.01
N ARG A 38 -1.57 6.83 -15.81
CA ARG A 38 -2.34 5.58 -15.58
C ARG A 38 -1.95 4.95 -14.21
N THR A 39 -0.68 5.18 -13.80
CA THR A 39 -0.14 4.73 -12.50
C THR A 39 -0.98 5.25 -11.31
N ARG A 40 -1.56 6.47 -11.47
CA ARG A 40 -2.44 7.09 -10.47
C ARG A 40 -3.70 6.23 -10.21
N PHE A 41 -4.32 5.78 -11.31
CA PHE A 41 -5.56 4.99 -11.27
C PHE A 41 -5.31 3.59 -10.66
N VAL A 42 -4.29 2.90 -11.19
CA VAL A 42 -4.01 1.49 -10.84
C VAL A 42 -3.41 1.37 -9.43
N PHE A 43 -2.69 2.42 -8.98
CA PHE A 43 -2.11 2.45 -7.62
C PHE A 43 -3.23 2.74 -6.61
N GLN A 44 -4.16 3.65 -6.97
CA GLN A 44 -5.34 3.96 -6.12
C GLN A 44 -6.14 2.68 -5.87
N LYS A 45 -6.29 1.87 -6.93
CA LYS A 45 -7.06 0.63 -6.91
C LYS A 45 -6.41 -0.42 -6.00
N ALA A 46 -5.08 -0.57 -6.14
CA ALA A 46 -4.28 -1.53 -5.35
C ALA A 46 -4.27 -1.15 -3.85
N LEU A 47 -4.00 0.14 -3.59
CA LEU A 47 -3.98 0.75 -2.23
C LEU A 47 -5.32 0.52 -1.52
N ARG A 48 -6.39 0.89 -2.23
CA ARG A 48 -7.76 0.92 -1.70
C ARG A 48 -8.21 -0.49 -1.28
N SER A 49 -8.05 -1.45 -2.20
CA SER A 49 -8.49 -2.84 -2.03
C SER A 49 -7.63 -3.60 -1.00
N LEU A 50 -6.33 -3.23 -0.89
CA LEU A 50 -5.42 -3.81 0.12
C LEU A 50 -5.88 -3.39 1.53
N ARG A 51 -6.22 -2.11 1.69
CA ARG A 51 -6.65 -1.53 2.98
C ARG A 51 -8.17 -1.68 3.20
N ARG A 52 -8.89 -2.16 2.16
CA ARG A 52 -10.31 -2.56 2.29
C ARG A 52 -10.38 -3.99 2.84
N TYR A 53 -9.35 -4.80 2.57
CA TYR A 53 -9.27 -6.19 3.06
C TYR A 53 -8.49 -6.19 4.39
N PRO A 54 -9.15 -6.51 5.57
CA PRO A 54 -8.51 -6.52 6.90
C PRO A 54 -7.73 -7.82 7.18
N LEU A 55 -6.96 -8.30 6.18
CA LEU A 55 -6.15 -9.53 6.28
C LEU A 55 -4.89 -9.30 7.18
N PRO A 56 -4.32 -10.38 7.81
CA PRO A 56 -3.06 -10.27 8.59
C PRO A 56 -1.85 -9.99 7.66
N LEU A 57 -1.64 -8.70 7.36
CA LEU A 57 -0.62 -8.24 6.39
C LEU A 57 0.77 -8.20 7.05
N ARG A 58 1.49 -9.32 6.96
CA ARG A 58 2.87 -9.44 7.43
C ARG A 58 3.81 -9.71 6.24
N SER A 59 3.21 -10.02 5.07
CA SER A 59 3.92 -10.44 3.87
C SER A 59 3.38 -9.68 2.65
N GLY A 60 4.31 -9.35 1.71
CA GLY A 60 3.97 -8.73 0.43
C GLY A 60 3.18 -9.66 -0.50
N LYS A 61 3.22 -10.97 -0.19
CA LYS A 61 2.37 -11.99 -0.82
C LYS A 61 0.89 -11.69 -0.54
N GLU A 62 0.58 -11.44 0.74
CA GLU A 62 -0.79 -11.16 1.22
C GLU A 62 -1.29 -9.80 0.68
N ALA A 63 -0.35 -8.96 0.20
CA ALA A 63 -0.67 -7.72 -0.48
C ALA A 63 -1.11 -8.00 -1.94
N LYS A 64 -0.31 -8.83 -2.64
CA LYS A 64 -0.47 -9.06 -4.10
C LYS A 64 -1.55 -10.10 -4.44
N ILE A 65 -2.14 -10.78 -3.41
CA ILE A 65 -3.27 -11.73 -3.63
C ILE A 65 -4.52 -10.99 -4.13
N LEU A 66 -4.58 -9.66 -3.91
CA LEU A 66 -5.59 -8.80 -4.53
C LEU A 66 -5.23 -8.64 -6.03
N GLN A 67 -6.20 -8.98 -6.91
CA GLN A 67 -6.07 -8.89 -8.39
C GLN A 67 -5.85 -7.44 -8.89
N HIS A 68 -6.07 -6.48 -7.99
CA HIS A 68 -5.94 -5.04 -8.24
C HIS A 68 -4.45 -4.62 -8.35
N PHE A 69 -3.55 -5.49 -7.85
CA PHE A 69 -2.10 -5.36 -8.02
C PHE A 69 -1.68 -5.93 -9.39
N GLY A 70 -1.25 -5.05 -10.29
CA GLY A 70 -0.75 -5.43 -11.62
C GLY A 70 0.69 -5.96 -11.59
N ASP A 71 1.24 -6.28 -12.77
CA ASP A 71 2.62 -6.78 -12.90
C ASP A 71 3.63 -5.72 -12.43
N GLY A 72 3.56 -4.53 -13.04
CA GLY A 72 4.42 -3.41 -12.70
C GLY A 72 4.27 -2.95 -11.25
N LEU A 73 3.01 -2.92 -10.79
CA LEU A 73 2.65 -2.48 -9.41
C LEU A 73 3.35 -3.39 -8.38
N CYS A 74 3.06 -4.70 -8.48
CA CYS A 74 3.52 -5.72 -7.53
C CYS A 74 5.06 -5.83 -7.51
N ARG A 75 5.68 -5.67 -8.69
CA ARG A 75 7.16 -5.76 -8.82
C ARG A 75 7.84 -4.57 -8.12
N MET A 76 7.41 -3.33 -8.43
CA MET A 76 7.99 -2.10 -7.83
C MET A 76 7.83 -2.09 -6.31
N LEU A 77 6.66 -2.59 -5.84
CA LEU A 77 6.33 -2.72 -4.41
C LEU A 77 7.32 -3.68 -3.73
N ASP A 78 7.52 -4.86 -4.38
CA ASP A 78 8.42 -5.93 -3.89
C ASP A 78 9.87 -5.43 -3.82
N GLU A 79 10.28 -4.68 -4.85
CA GLU A 79 11.62 -4.10 -4.95
C GLU A 79 11.85 -3.04 -3.87
N ARG A 80 10.79 -2.32 -3.50
CA ARG A 80 10.86 -1.25 -2.49
C ARG A 80 11.08 -1.86 -1.09
N LEU A 81 10.32 -2.93 -0.79
CA LEU A 81 10.44 -3.68 0.49
C LEU A 81 11.82 -4.37 0.60
N GLN A 82 12.26 -5.00 -0.50
CA GLN A 82 13.52 -5.78 -0.56
C GLN A 82 14.76 -4.86 -0.45
N ARG A 83 14.72 -3.73 -1.15
CA ARG A 83 15.83 -2.76 -1.16
C ARG A 83 15.93 -2.01 0.18
N HIS A 84 14.76 -1.64 0.75
CA HIS A 84 14.70 -0.98 2.08
C HIS A 84 15.12 -1.96 3.20
N ARG A 85 14.95 -3.27 2.93
CA ARG A 85 15.40 -4.35 3.83
C ARG A 85 16.95 -4.36 3.90
N THR A 86 17.57 -4.19 2.72
CA THR A 86 19.03 -4.15 2.54
C THR A 86 19.62 -2.78 3.01
N SER A 87 18.82 -1.71 2.83
CA SER A 87 19.20 -0.34 3.19
C SER A 87 19.00 -0.08 4.69
N GLY A 88 18.07 -0.83 5.30
CA GLY A 88 17.79 -0.75 6.72
C GLY A 88 18.67 -1.70 7.53
N GLY A 89 19.38 -1.16 8.53
CA GLY A 89 20.29 -1.95 9.36
C GLY A 89 21.36 -1.09 10.02
N ASP A 90 22.22 -1.75 10.83
CA ASP A 90 23.33 -1.11 11.53
C ASP A 90 24.51 -0.88 10.55
N ALA A 1 -19.85 14.66 -4.62
CA ALA A 1 -20.52 14.67 -3.29
C ALA A 1 -20.18 13.40 -2.52
N ALA A 2 -20.11 13.51 -1.17
CA ALA A 2 -19.70 12.42 -0.26
C ALA A 2 -20.79 11.32 -0.19
N ALA A 3 -20.45 10.13 -0.73
CA ALA A 3 -21.38 8.99 -0.81
C ALA A 3 -21.62 8.34 0.58
N PRO A 4 -22.88 7.94 0.92
CA PRO A 4 -23.20 7.22 2.19
C PRO A 4 -22.87 5.70 2.11
N VAL A 5 -21.62 5.42 1.70
CA VAL A 5 -21.10 4.04 1.56
C VAL A 5 -20.88 3.41 2.95
N ARG A 6 -21.41 2.19 3.13
CA ARG A 6 -21.17 1.40 4.33
C ARG A 6 -19.78 0.72 4.22
N LEU A 7 -18.95 0.87 5.26
CA LEU A 7 -17.59 0.29 5.27
C LEU A 7 -17.67 -1.16 5.78
N GLY A 8 -17.44 -2.12 4.87
CA GLY A 8 -17.36 -3.55 5.22
C GLY A 8 -15.98 -3.96 5.71
N ARG A 9 -15.48 -3.17 6.67
CA ARG A 9 -14.13 -3.30 7.25
C ARG A 9 -14.19 -2.92 8.75
N LYS A 10 -13.01 -2.79 9.38
CA LYS A 10 -12.88 -2.35 10.77
C LYS A 10 -13.43 -0.92 10.95
N ARG A 11 -14.26 -0.73 11.98
CA ARG A 11 -14.85 0.57 12.32
C ARG A 11 -14.29 1.03 13.70
N PRO A 12 -13.95 2.35 13.93
CA PRO A 12 -14.16 3.48 12.97
C PRO A 12 -13.18 3.46 11.76
N LEU A 13 -11.86 3.48 12.02
CA LEU A 13 -10.84 3.48 10.95
C LEU A 13 -10.54 2.03 10.53
N PRO A 14 -10.57 1.71 9.20
CA PRO A 14 -10.28 0.37 8.70
C PRO A 14 -8.78 0.10 8.45
N ALA A 15 -8.30 -1.05 8.92
CA ALA A 15 -6.92 -1.52 8.70
C ALA A 15 -6.83 -3.04 8.89
N CYS A 16 -5.65 -3.60 8.57
CA CYS A 16 -5.36 -5.04 8.71
C CYS A 16 -3.83 -5.28 8.62
N PRO A 17 -3.07 -4.65 7.62
CA PRO A 17 -1.59 -4.65 7.65
C PRO A 17 -1.03 -3.59 8.61
N ASN A 18 0.30 -3.46 8.66
CA ASN A 18 0.98 -2.40 9.40
C ASN A 18 0.70 -1.05 8.74
N PRO A 19 0.47 0.06 9.52
CA PRO A 19 0.32 1.43 8.96
C PRO A 19 1.51 1.88 8.07
N LEU A 20 2.67 1.20 8.24
CA LEU A 20 3.86 1.37 7.38
C LEU A 20 3.51 1.16 5.89
N PHE A 21 2.73 0.09 5.62
CA PHE A 21 2.31 -0.29 4.25
C PHE A 21 1.54 0.88 3.60
N VAL A 22 0.43 1.28 4.25
CA VAL A 22 -0.48 2.30 3.69
C VAL A 22 0.17 3.70 3.70
N ARG A 23 1.18 3.90 4.57
CA ARG A 23 1.96 5.16 4.65
C ARG A 23 2.76 5.37 3.35
N TRP A 24 3.58 4.36 3.00
CA TRP A 24 4.49 4.41 1.85
C TRP A 24 3.71 4.41 0.52
N LEU A 25 2.57 3.70 0.54
CA LEU A 25 1.65 3.63 -0.60
C LEU A 25 0.97 5.01 -0.84
N THR A 26 0.56 5.68 0.25
CA THR A 26 -0.06 7.04 0.18
C THR A 26 0.95 8.09 -0.32
N GLU A 27 2.22 7.92 0.08
CA GLU A 27 3.33 8.77 -0.37
C GLU A 27 3.54 8.61 -1.90
N TRP A 28 3.42 7.35 -2.37
CA TRP A 28 3.57 7.01 -3.79
C TRP A 28 2.34 7.53 -4.58
N ARG A 29 1.14 7.49 -3.95
CA ARG A 29 -0.10 8.04 -4.57
C ARG A 29 0.08 9.53 -4.88
N ASP A 30 0.79 10.22 -3.96
CA ASP A 30 1.07 11.66 -4.09
C ASP A 30 1.91 11.93 -5.35
N GLU A 31 3.00 11.16 -5.51
CA GLU A 31 3.93 11.28 -6.66
C GLU A 31 3.31 10.81 -8.00
N ALA A 32 2.39 9.84 -7.91
CA ALA A 32 1.69 9.29 -9.08
C ALA A 32 0.60 10.26 -9.58
N THR A 33 -0.06 10.94 -8.62
CA THR A 33 -1.06 11.99 -8.90
C THR A 33 -0.38 13.30 -9.33
N ARG A 34 0.88 13.47 -8.89
CA ARG A 34 1.77 14.55 -9.35
C ARG A 34 2.08 14.38 -10.85
N SER A 35 2.37 13.13 -11.24
CA SER A 35 2.65 12.75 -12.63
C SER A 35 1.34 12.73 -13.48
N ARG A 36 0.18 12.62 -12.78
CA ARG A 36 -1.18 12.68 -13.39
C ARG A 36 -1.42 11.56 -14.45
N ARG A 37 -0.64 10.49 -14.35
CA ARG A 37 -0.76 9.30 -15.23
C ARG A 37 -1.71 8.28 -14.58
N ARG A 38 -2.20 7.33 -15.40
CA ARG A 38 -3.14 6.27 -14.96
C ARG A 38 -2.55 5.38 -13.84
N THR A 39 -1.20 5.42 -13.69
CA THR A 39 -0.46 4.71 -12.64
C THR A 39 -1.03 4.99 -11.23
N ARG A 40 -1.54 6.23 -11.01
CA ARG A 40 -2.17 6.62 -9.73
C ARG A 40 -3.47 5.82 -9.49
N PHE A 41 -4.30 5.71 -10.54
CA PHE A 41 -5.64 5.13 -10.47
C PHE A 41 -5.57 3.64 -10.12
N VAL A 42 -4.72 2.92 -10.87
CA VAL A 42 -4.51 1.47 -10.69
C VAL A 42 -3.77 1.18 -9.37
N PHE A 43 -2.93 2.14 -8.92
CA PHE A 43 -2.18 2.03 -7.64
C PHE A 43 -3.15 2.17 -6.46
N GLN A 44 -4.12 3.10 -6.59
CA GLN A 44 -5.15 3.36 -5.56
C GLN A 44 -6.07 2.14 -5.39
N LYS A 45 -6.42 1.49 -6.52
CA LYS A 45 -7.27 0.27 -6.52
C LYS A 45 -6.50 -0.95 -5.99
N ALA A 46 -5.18 -0.98 -6.24
CA ALA A 46 -4.26 -2.03 -5.71
C ALA A 46 -4.08 -1.86 -4.19
N LEU A 47 -4.10 -0.59 -3.74
CA LEU A 47 -4.00 -0.23 -2.30
C LEU A 47 -5.30 -0.71 -1.60
N ARG A 48 -6.45 -0.37 -2.21
CA ARG A 48 -7.79 -0.75 -1.69
C ARG A 48 -7.97 -2.28 -1.70
N SER A 49 -7.29 -2.96 -2.66
CA SER A 49 -7.27 -4.43 -2.73
C SER A 49 -6.54 -5.02 -1.51
N LEU A 50 -5.45 -4.36 -1.09
CA LEU A 50 -4.70 -4.76 0.12
C LEU A 50 -5.55 -4.56 1.39
N ARG A 51 -6.30 -3.44 1.45
CA ARG A 51 -7.11 -3.06 2.63
C ARG A 51 -8.25 -4.08 2.88
N ARG A 52 -8.88 -4.56 1.79
CA ARG A 52 -10.02 -5.51 1.87
C ARG A 52 -9.57 -6.94 2.15
N TYR A 53 -8.24 -7.18 2.17
CA TYR A 53 -7.66 -8.49 2.50
C TYR A 53 -7.33 -8.58 4.01
N PRO A 54 -8.09 -9.42 4.79
CA PRO A 54 -7.81 -9.70 6.20
C PRO A 54 -7.03 -11.03 6.38
N LEU A 55 -6.24 -11.40 5.35
CA LEU A 55 -5.42 -12.64 5.36
C LEU A 55 -4.15 -12.43 6.24
N PRO A 56 -3.46 -13.54 6.70
CA PRO A 56 -2.17 -13.44 7.44
C PRO A 56 -1.02 -12.89 6.57
N LEU A 57 -0.93 -11.55 6.49
CA LEU A 57 0.14 -10.82 5.75
C LEU A 57 1.29 -10.45 6.70
N ARG A 58 2.29 -11.35 6.76
CA ARG A 58 3.46 -11.24 7.67
C ARG A 58 4.78 -11.16 6.86
N SER A 59 4.64 -10.96 5.54
CA SER A 59 5.74 -10.72 4.60
C SER A 59 5.21 -9.89 3.42
N GLY A 60 6.12 -9.47 2.53
CA GLY A 60 5.75 -8.73 1.33
C GLY A 60 4.97 -9.59 0.33
N LYS A 61 5.32 -10.89 0.28
CA LYS A 61 4.74 -11.87 -0.67
C LYS A 61 3.20 -11.90 -0.64
N GLU A 62 2.61 -11.95 0.56
CA GLU A 62 1.13 -12.04 0.73
C GLU A 62 0.42 -10.76 0.24
N ALA A 63 1.15 -9.63 0.26
CA ALA A 63 0.66 -8.34 -0.24
C ALA A 63 0.86 -8.22 -1.77
N LYS A 64 1.89 -8.89 -2.29
CA LYS A 64 2.30 -8.79 -3.71
C LYS A 64 1.60 -9.83 -4.61
N ILE A 65 1.16 -10.98 -4.04
CA ILE A 65 0.50 -12.07 -4.82
C ILE A 65 -0.87 -11.63 -5.39
N LEU A 66 -1.31 -10.44 -4.97
CA LEU A 66 -2.42 -9.72 -5.60
C LEU A 66 -2.04 -9.39 -7.06
N GLN A 67 -2.82 -9.93 -8.01
CA GLN A 67 -2.65 -9.68 -9.47
C GLN A 67 -2.73 -8.17 -9.82
N HIS A 68 -3.41 -7.38 -8.94
CA HIS A 68 -3.46 -5.91 -9.01
C HIS A 68 -2.04 -5.29 -9.07
N PHE A 69 -1.10 -5.95 -8.39
CA PHE A 69 0.33 -5.65 -8.47
C PHE A 69 0.90 -6.34 -9.72
N GLY A 70 1.06 -5.57 -10.82
CA GLY A 70 1.63 -6.08 -12.07
C GLY A 70 3.16 -6.12 -12.05
N ASP A 71 3.79 -6.28 -13.22
CA ASP A 71 5.27 -6.30 -13.36
C ASP A 71 5.88 -4.97 -12.90
N GLY A 72 5.22 -3.87 -13.30
CA GLY A 72 5.61 -2.53 -12.90
C GLY A 72 5.44 -2.29 -11.41
N LEU A 73 4.21 -2.54 -10.92
CA LEU A 73 3.82 -2.29 -9.50
C LEU A 73 4.70 -3.13 -8.53
N CYS A 74 5.01 -4.38 -8.94
CA CYS A 74 5.82 -5.33 -8.15
C CYS A 74 7.21 -4.74 -7.86
N ARG A 75 7.93 -4.37 -8.94
CA ARG A 75 9.29 -3.81 -8.82
C ARG A 75 9.26 -2.41 -8.15
N MET A 76 8.19 -1.62 -8.43
CA MET A 76 7.98 -0.28 -7.83
C MET A 76 7.94 -0.37 -6.30
N LEU A 77 7.22 -1.38 -5.81
CA LEU A 77 7.10 -1.64 -4.38
C LEU A 77 8.48 -2.02 -3.80
N ASP A 78 9.22 -2.87 -4.55
CA ASP A 78 10.59 -3.29 -4.19
C ASP A 78 11.57 -2.12 -4.22
N GLU A 79 11.30 -1.10 -5.08
CA GLU A 79 12.16 0.11 -5.18
C GLU A 79 12.00 0.97 -3.92
N ARG A 80 10.78 1.03 -3.38
CA ARG A 80 10.47 1.78 -2.15
C ARG A 80 11.14 1.07 -0.96
N LEU A 81 10.90 -0.25 -0.84
CA LEU A 81 11.45 -1.10 0.23
C LEU A 81 13.01 -1.09 0.23
N GLN A 82 13.60 -1.14 -0.98
CA GLN A 82 15.07 -1.15 -1.18
C GLN A 82 15.69 0.19 -0.76
N ARG A 83 15.07 1.30 -1.24
CA ARG A 83 15.54 2.68 -0.97
C ARG A 83 15.57 2.95 0.55
N HIS A 84 14.44 2.63 1.22
CA HIS A 84 14.27 2.87 2.67
C HIS A 84 15.17 1.91 3.49
N ARG A 85 15.45 0.71 2.94
CA ARG A 85 16.30 -0.29 3.60
C ARG A 85 17.77 0.20 3.64
N THR A 86 18.21 0.79 2.53
CA THR A 86 19.55 1.38 2.40
C THR A 86 19.69 2.64 3.28
N SER A 87 18.58 3.39 3.37
CA SER A 87 18.48 4.58 4.26
C SER A 87 18.23 4.18 5.72
N GLY A 88 17.87 2.90 5.92
CA GLY A 88 17.61 2.34 7.24
C GLY A 88 18.88 2.03 8.01
N GLY A 89 19.52 3.10 8.50
CA GLY A 89 20.75 3.02 9.28
C GLY A 89 21.07 4.36 9.95
N ASP A 90 20.03 5.19 10.13
CA ASP A 90 20.13 6.54 10.69
C ASP A 90 18.87 6.82 11.52
N ALA A 1 0.97 15.33 0.36
CA ALA A 1 0.64 14.27 1.35
C ALA A 1 -0.87 14.22 1.57
N ALA A 2 -1.48 13.02 1.42
CA ALA A 2 -2.93 12.82 1.56
C ALA A 2 -3.21 11.36 1.89
N ALA A 3 -3.35 11.06 3.20
CA ALA A 3 -3.64 9.70 3.70
C ALA A 3 -5.08 9.28 3.36
N PRO A 4 -5.32 7.97 3.02
CA PRO A 4 -6.67 7.45 2.68
C PRO A 4 -7.68 7.61 3.85
N VAL A 5 -8.89 8.07 3.53
CA VAL A 5 -9.96 8.27 4.53
C VAL A 5 -10.56 6.91 4.97
N ARG A 6 -10.47 6.62 6.28
CA ARG A 6 -11.07 5.42 6.88
C ARG A 6 -12.51 5.73 7.31
N LEU A 7 -13.48 5.04 6.69
CA LEU A 7 -14.91 5.28 6.92
C LEU A 7 -15.48 4.20 7.86
N GLY A 8 -16.30 4.64 8.83
CA GLY A 8 -16.94 3.75 9.80
C GLY A 8 -15.96 3.26 10.88
N ARG A 9 -15.37 2.08 10.61
CA ARG A 9 -14.53 1.26 11.54
C ARG A 9 -15.15 1.03 12.96
N LYS A 10 -15.01 -0.20 13.48
CA LYS A 10 -15.50 -0.62 14.82
C LYS A 10 -14.40 -0.46 15.89
N ARG A 11 -14.85 -0.40 17.15
CA ARG A 11 -13.98 -0.49 18.33
C ARG A 11 -14.26 -1.84 19.06
N PRO A 12 -13.23 -2.57 19.58
CA PRO A 12 -11.79 -2.23 19.43
C PRO A 12 -11.17 -2.81 18.13
N LEU A 13 -9.91 -2.41 17.87
CA LEU A 13 -9.06 -3.00 16.82
C LEU A 13 -8.45 -4.33 17.36
N PRO A 14 -8.06 -5.30 16.47
CA PRO A 14 -7.49 -6.62 16.90
C PRO A 14 -5.98 -6.54 17.23
N ALA A 15 -5.54 -5.38 17.77
CA ALA A 15 -4.13 -5.01 17.95
C ALA A 15 -3.44 -4.94 16.57
N CYS A 16 -3.68 -3.82 15.88
CA CYS A 16 -3.16 -3.57 14.53
C CYS A 16 -1.66 -3.22 14.57
N PRO A 17 -0.85 -3.63 13.54
CA PRO A 17 0.59 -3.26 13.45
C PRO A 17 0.82 -1.76 13.13
N ASN A 18 2.10 -1.37 13.08
CA ASN A 18 2.52 0.01 12.78
C ASN A 18 2.12 0.41 11.33
N PRO A 19 1.85 1.73 11.03
CA PRO A 19 1.31 2.18 9.71
C PRO A 19 2.39 2.30 8.59
N LEU A 20 3.34 1.34 8.58
CA LEU A 20 4.43 1.26 7.57
C LEU A 20 3.84 1.14 6.14
N PHE A 21 2.89 0.20 5.99
CA PHE A 21 2.27 -0.12 4.68
C PHE A 21 1.52 1.10 4.12
N VAL A 22 0.55 1.61 4.91
CA VAL A 22 -0.34 2.71 4.45
C VAL A 22 0.46 4.02 4.23
N ARG A 23 1.62 4.16 4.91
CA ARG A 23 2.56 5.28 4.67
C ARG A 23 3.12 5.23 3.23
N TRP A 24 3.76 4.09 2.88
CA TRP A 24 4.47 3.91 1.59
C TRP A 24 3.48 3.94 0.41
N LEU A 25 2.28 3.37 0.65
CA LEU A 25 1.16 3.44 -0.29
C LEU A 25 0.78 4.92 -0.54
N THR A 26 0.62 5.71 0.54
CA THR A 26 0.27 7.15 0.45
C THR A 26 1.37 7.99 -0.27
N GLU A 27 2.65 7.62 -0.06
CA GLU A 27 3.79 8.32 -0.67
C GLU A 27 3.75 8.22 -2.21
N TRP A 28 3.76 6.96 -2.69
CA TRP A 28 3.78 6.65 -4.14
C TRP A 28 2.47 7.14 -4.81
N ARG A 29 1.35 7.05 -4.07
CA ARG A 29 0.02 7.54 -4.50
C ARG A 29 0.06 9.04 -4.88
N ASP A 30 0.65 9.83 -3.97
CA ASP A 30 0.76 11.30 -4.10
C ASP A 30 1.65 11.68 -5.30
N GLU A 31 2.75 10.93 -5.45
CA GLU A 31 3.74 11.12 -6.53
C GLU A 31 3.15 10.76 -7.91
N ALA A 32 2.29 9.72 -7.91
CA ALA A 32 1.62 9.23 -9.14
C ALA A 32 0.55 10.24 -9.62
N THR A 33 -0.18 10.80 -8.64
CA THR A 33 -1.18 11.87 -8.86
C THR A 33 -0.49 13.13 -9.41
N ARG A 34 0.72 13.41 -8.88
CA ARG A 34 1.54 14.58 -9.27
C ARG A 34 2.15 14.38 -10.68
N SER A 35 2.35 13.12 -11.08
CA SER A 35 2.82 12.77 -12.42
C SER A 35 1.66 12.84 -13.46
N ARG A 36 0.40 12.81 -12.93
CA ARG A 36 -0.85 12.80 -13.72
C ARG A 36 -0.95 11.56 -14.65
N ARG A 37 -0.17 10.51 -14.36
CA ARG A 37 -0.15 9.27 -15.16
C ARG A 37 -1.21 8.30 -14.63
N ARG A 38 -1.69 7.38 -15.49
CA ARG A 38 -2.77 6.42 -15.14
C ARG A 38 -2.33 5.44 -14.02
N THR A 39 -1.01 5.41 -13.74
CA THR A 39 -0.43 4.69 -12.61
C THR A 39 -1.10 5.07 -11.27
N ARG A 40 -1.61 6.33 -11.15
CA ARG A 40 -2.34 6.80 -9.95
C ARG A 40 -3.66 6.02 -9.77
N PHE A 41 -4.35 5.74 -10.89
CA PHE A 41 -5.66 5.08 -10.89
C PHE A 41 -5.50 3.61 -10.47
N VAL A 42 -4.55 2.92 -11.13
CA VAL A 42 -4.32 1.48 -10.92
C VAL A 42 -3.63 1.23 -9.55
N PHE A 43 -2.89 2.24 -9.05
CA PHE A 43 -2.23 2.18 -7.74
C PHE A 43 -3.30 2.28 -6.64
N GLN A 44 -4.20 3.27 -6.77
CA GLN A 44 -5.31 3.48 -5.81
C GLN A 44 -6.35 2.33 -5.88
N LYS A 45 -6.43 1.67 -7.06
CA LYS A 45 -7.25 0.45 -7.23
C LYS A 45 -6.74 -0.64 -6.27
N ALA A 46 -5.41 -0.84 -6.31
CA ALA A 46 -4.70 -1.82 -5.48
C ALA A 46 -4.64 -1.38 -4.00
N LEU A 47 -4.56 -0.06 -3.78
CA LEU A 47 -4.43 0.56 -2.45
C LEU A 47 -5.72 0.33 -1.67
N ARG A 48 -6.85 0.74 -2.28
CA ARG A 48 -8.20 0.60 -1.69
C ARG A 48 -8.58 -0.89 -1.53
N SER A 49 -8.01 -1.75 -2.38
CA SER A 49 -8.17 -3.22 -2.29
C SER A 49 -7.56 -3.75 -0.98
N LEU A 50 -6.30 -3.36 -0.70
CA LEU A 50 -5.57 -3.74 0.53
C LEU A 50 -6.20 -3.05 1.77
N ARG A 51 -6.68 -1.82 1.57
CA ARG A 51 -7.24 -0.96 2.64
C ARG A 51 -8.69 -1.41 2.99
N ARG A 52 -9.29 -2.23 2.10
CA ARG A 52 -10.62 -2.84 2.34
C ARG A 52 -10.50 -3.95 3.41
N TYR A 53 -9.30 -4.54 3.51
CA TYR A 53 -9.00 -5.64 4.44
C TYR A 53 -8.32 -5.13 5.72
N PRO A 54 -8.86 -5.48 6.93
CA PRO A 54 -8.17 -5.26 8.22
C PRO A 54 -7.31 -6.47 8.64
N LEU A 55 -6.87 -7.29 7.65
CA LEU A 55 -6.09 -8.51 7.91
C LEU A 55 -4.71 -8.16 8.53
N PRO A 56 -4.12 -9.05 9.41
CA PRO A 56 -2.81 -8.81 10.04
C PRO A 56 -1.65 -9.10 9.05
N LEU A 57 -1.34 -8.08 8.24
CA LEU A 57 -0.27 -8.15 7.22
C LEU A 57 1.13 -8.17 7.89
N ARG A 58 1.81 -9.32 7.78
CA ARG A 58 3.16 -9.53 8.36
C ARG A 58 4.23 -9.05 7.37
N SER A 59 3.95 -9.27 6.07
CA SER A 59 4.84 -8.92 4.97
C SER A 59 4.01 -8.39 3.78
N GLY A 60 4.72 -7.95 2.73
CA GLY A 60 4.12 -7.45 1.48
C GLY A 60 3.37 -8.53 0.71
N LYS A 61 3.59 -9.81 1.06
CA LYS A 61 2.94 -10.97 0.42
C LYS A 61 1.41 -10.92 0.61
N GLU A 62 0.96 -10.46 1.80
CA GLU A 62 -0.47 -10.30 2.12
C GLU A 62 -1.11 -9.16 1.31
N ALA A 63 -0.26 -8.28 0.73
CA ALA A 63 -0.70 -7.23 -0.21
C ALA A 63 -0.71 -7.78 -1.66
N LYS A 64 0.34 -8.57 -2.00
CA LYS A 64 0.55 -9.09 -3.38
C LYS A 64 -0.56 -10.07 -3.82
N ILE A 65 -1.18 -10.76 -2.83
CA ILE A 65 -2.24 -11.75 -3.09
C ILE A 65 -3.56 -11.10 -3.55
N LEU A 66 -3.68 -9.76 -3.43
CA LEU A 66 -4.83 -9.01 -3.98
C LEU A 66 -4.70 -8.88 -5.51
N GLN A 67 -5.78 -9.20 -6.22
CA GLN A 67 -5.81 -9.28 -7.70
C GLN A 67 -5.71 -7.89 -8.37
N HIS A 68 -6.09 -6.84 -7.60
CA HIS A 68 -6.10 -5.44 -8.07
C HIS A 68 -4.67 -4.89 -8.25
N PHE A 69 -3.67 -5.55 -7.61
CA PHE A 69 -2.25 -5.25 -7.84
C PHE A 69 -1.82 -5.79 -9.22
N GLY A 70 -1.26 -4.89 -10.05
CA GLY A 70 -0.81 -5.25 -11.40
C GLY A 70 0.48 -6.06 -11.39
N ASP A 71 0.89 -6.57 -12.57
CA ASP A 71 2.11 -7.39 -12.71
C ASP A 71 3.36 -6.55 -12.38
N GLY A 72 3.35 -5.30 -12.85
CA GLY A 72 4.42 -4.34 -12.58
C GLY A 72 4.41 -3.85 -11.15
N LEU A 73 3.21 -3.56 -10.62
CA LEU A 73 3.04 -3.00 -9.26
C LEU A 73 3.43 -4.02 -8.18
N CYS A 74 3.04 -5.28 -8.41
CA CYS A 74 3.25 -6.38 -7.46
C CYS A 74 4.76 -6.66 -7.27
N ARG A 75 5.53 -6.58 -8.38
CA ARG A 75 6.99 -6.80 -8.36
C ARG A 75 7.71 -5.56 -7.79
N MET A 76 7.22 -4.33 -8.12
CA MET A 76 7.85 -3.07 -7.66
C MET A 76 7.80 -2.97 -6.13
N LEU A 77 6.61 -3.29 -5.55
CA LEU A 77 6.40 -3.24 -4.10
C LEU A 77 7.11 -4.41 -3.41
N ASP A 78 7.21 -5.57 -4.09
CA ASP A 78 7.94 -6.74 -3.56
C ASP A 78 9.40 -6.36 -3.29
N GLU A 79 10.09 -5.90 -4.35
CA GLU A 79 11.52 -5.55 -4.31
C GLU A 79 11.76 -4.25 -3.51
N ARG A 80 10.73 -3.38 -3.40
CA ARG A 80 10.82 -2.13 -2.59
C ARG A 80 10.92 -2.46 -1.10
N LEU A 81 9.96 -3.28 -0.61
CA LEU A 81 9.87 -3.67 0.81
C LEU A 81 11.10 -4.48 1.26
N GLN A 82 11.58 -5.37 0.37
CA GLN A 82 12.74 -6.25 0.67
C GLN A 82 14.06 -5.45 0.66
N ARG A 83 14.21 -4.55 -0.33
CA ARG A 83 15.45 -3.75 -0.53
C ARG A 83 15.62 -2.70 0.60
N HIS A 84 14.50 -2.09 1.00
CA HIS A 84 14.48 -1.08 2.08
C HIS A 84 14.73 -1.76 3.44
N ARG A 85 14.25 -3.02 3.56
CA ARG A 85 14.54 -3.87 4.75
C ARG A 85 16.05 -4.23 4.80
N THR A 86 16.67 -4.39 3.62
CA THR A 86 18.13 -4.61 3.50
C THR A 86 18.91 -3.34 3.94
N SER A 87 18.28 -2.17 3.76
CA SER A 87 18.88 -0.86 4.08
C SER A 87 18.38 -0.29 5.43
N GLY A 88 17.52 -1.06 6.13
CA GLY A 88 16.89 -0.59 7.39
C GLY A 88 16.53 -1.73 8.32
N GLY A 89 17.09 -1.70 9.55
CA GLY A 89 16.83 -2.73 10.56
C GLY A 89 17.28 -2.29 11.95
N ASP A 90 18.18 -1.27 11.99
CA ASP A 90 18.71 -0.64 13.21
C ASP A 90 19.62 -1.62 14.01
N ALA A 1 4.58 12.74 -0.30
CA ALA A 1 5.91 12.79 0.39
C ALA A 1 5.69 12.70 1.90
N ALA A 2 6.27 11.65 2.52
CA ALA A 2 5.99 11.27 3.93
C ALA A 2 6.30 12.38 4.94
N ALA A 3 5.26 13.15 5.27
CA ALA A 3 5.29 14.19 6.33
C ALA A 3 4.96 13.57 7.71
N PRO A 4 5.32 14.25 8.86
CA PRO A 4 4.84 13.85 10.22
C PRO A 4 3.31 14.06 10.38
N VAL A 5 2.54 13.14 9.77
CA VAL A 5 1.06 13.22 9.72
C VAL A 5 0.42 12.51 10.95
N ARG A 6 -0.41 13.27 11.69
CA ARG A 6 -1.17 12.73 12.84
C ARG A 6 -2.42 12.01 12.32
N LEU A 7 -2.48 10.68 12.52
CA LEU A 7 -3.56 9.83 12.03
C LEU A 7 -4.65 9.65 13.11
N GLY A 8 -5.92 9.59 12.67
CA GLY A 8 -7.07 9.37 13.55
C GLY A 8 -7.99 8.28 13.00
N ARG A 9 -8.75 7.64 13.89
CA ARG A 9 -9.66 6.52 13.55
C ARG A 9 -10.89 6.50 14.48
N LYS A 10 -11.84 5.61 14.19
CA LYS A 10 -13.04 5.37 15.03
C LYS A 10 -12.72 4.26 16.05
N ARG A 11 -13.49 4.22 17.16
CA ARG A 11 -13.39 3.13 18.15
C ARG A 11 -14.14 1.87 17.64
N PRO A 12 -13.73 0.62 18.04
CA PRO A 12 -12.58 0.34 18.95
C PRO A 12 -11.21 0.36 18.24
N LEU A 13 -10.18 -0.11 18.95
CA LEU A 13 -8.82 -0.22 18.41
C LEU A 13 -8.72 -1.47 17.51
N PRO A 14 -7.93 -1.41 16.39
CA PRO A 14 -7.81 -2.53 15.43
C PRO A 14 -6.78 -3.58 15.91
N ALA A 15 -6.84 -4.78 15.32
CA ALA A 15 -5.83 -5.85 15.58
C ALA A 15 -4.61 -5.69 14.64
N CYS A 16 -4.71 -4.72 13.70
CA CYS A 16 -3.62 -4.38 12.76
C CYS A 16 -2.64 -3.36 13.40
N PRO A 17 -1.30 -3.47 13.14
CA PRO A 17 -0.25 -2.60 13.76
C PRO A 17 -0.20 -1.20 13.10
N ASN A 18 0.99 -0.54 13.17
CA ASN A 18 1.27 0.70 12.40
C ASN A 18 0.97 0.46 10.89
N PRO A 19 0.23 1.39 10.21
CA PRO A 19 -0.07 1.28 8.77
C PRO A 19 1.13 1.71 7.91
N LEU A 20 2.26 0.98 8.10
CA LEU A 20 3.57 1.30 7.46
C LEU A 20 3.47 1.18 5.93
N PHE A 21 2.88 0.06 5.48
CA PHE A 21 2.67 -0.23 4.04
C PHE A 21 1.74 0.84 3.43
N VAL A 22 0.57 1.00 4.07
CA VAL A 22 -0.47 1.98 3.66
C VAL A 22 0.11 3.41 3.53
N ARG A 23 0.99 3.77 4.49
CA ARG A 23 1.66 5.09 4.55
C ARG A 23 2.51 5.34 3.29
N TRP A 24 3.43 4.40 3.02
CA TRP A 24 4.37 4.47 1.88
C TRP A 24 3.61 4.48 0.56
N LEU A 25 2.52 3.70 0.51
CA LEU A 25 1.66 3.59 -0.66
C LEU A 25 0.89 4.90 -0.91
N THR A 26 0.38 5.56 0.16
CA THR A 26 -0.41 6.81 0.05
C THR A 26 0.45 7.92 -0.56
N GLU A 27 1.67 8.05 -0.03
CA GLU A 27 2.60 9.10 -0.44
C GLU A 27 3.12 8.85 -1.87
N TRP A 28 3.48 7.58 -2.16
CA TRP A 28 3.96 7.17 -3.52
C TRP A 28 2.85 7.45 -4.56
N ARG A 29 1.61 7.10 -4.18
CA ARG A 29 0.40 7.34 -4.99
C ARG A 29 0.29 8.82 -5.39
N ASP A 30 0.43 9.71 -4.37
CA ASP A 30 0.30 11.17 -4.55
C ASP A 30 1.47 11.75 -5.37
N GLU A 31 2.67 11.18 -5.20
CA GLU A 31 3.86 11.54 -6.00
C GLU A 31 3.66 11.12 -7.48
N ALA A 32 2.97 9.99 -7.66
CA ALA A 32 2.64 9.43 -8.99
C ALA A 32 1.48 10.22 -9.64
N THR A 33 0.59 10.79 -8.79
CA THR A 33 -0.56 11.61 -9.25
C THR A 33 -0.09 13.01 -9.66
N ARG A 34 1.10 13.41 -9.17
CA ARG A 34 1.79 14.64 -9.62
C ARG A 34 2.11 14.55 -11.13
N SER A 35 2.43 13.32 -11.58
CA SER A 35 2.65 13.01 -13.01
C SER A 35 1.31 13.01 -13.80
N ARG A 36 0.18 12.79 -13.07
CA ARG A 36 -1.19 12.83 -13.62
C ARG A 36 -1.40 11.77 -14.71
N ARG A 37 -1.29 10.50 -14.31
CA ARG A 37 -1.37 9.34 -15.22
C ARG A 37 -2.27 8.25 -14.61
N ARG A 38 -2.49 7.16 -15.38
CA ARG A 38 -3.22 5.94 -14.96
C ARG A 38 -2.71 5.37 -13.62
N THR A 39 -1.43 5.65 -13.31
CA THR A 39 -0.76 5.24 -12.05
C THR A 39 -1.55 5.65 -10.78
N ARG A 40 -2.30 6.78 -10.83
CA ARG A 40 -3.21 7.18 -9.72
C ARG A 40 -4.25 6.06 -9.46
N PHE A 41 -4.90 5.62 -10.53
CA PHE A 41 -6.10 4.76 -10.46
C PHE A 41 -5.74 3.31 -10.08
N VAL A 42 -4.71 2.75 -10.74
CA VAL A 42 -4.28 1.37 -10.51
C VAL A 42 -3.55 1.20 -9.17
N PHE A 43 -2.77 2.22 -8.76
CA PHE A 43 -1.99 2.17 -7.50
C PHE A 43 -2.96 2.36 -6.30
N GLN A 44 -3.95 3.26 -6.45
CA GLN A 44 -4.94 3.53 -5.40
C GLN A 44 -5.83 2.29 -5.16
N LYS A 45 -6.19 1.58 -6.24
CA LYS A 45 -6.99 0.33 -6.13
C LYS A 45 -6.19 -0.75 -5.36
N ALA A 46 -4.89 -0.88 -5.65
CA ALA A 46 -3.99 -1.81 -4.94
C ALA A 46 -3.93 -1.46 -3.44
N LEU A 47 -3.84 -0.15 -3.17
CA LEU A 47 -3.76 0.43 -1.83
C LEU A 47 -5.04 0.10 -1.04
N ARG A 48 -6.20 0.37 -1.67
CA ARG A 48 -7.53 0.21 -1.07
C ARG A 48 -7.82 -1.26 -0.72
N SER A 49 -7.40 -2.16 -1.63
CA SER A 49 -7.53 -3.61 -1.43
C SER A 49 -6.76 -4.07 -0.19
N LEU A 50 -5.55 -3.52 0.01
CA LEU A 50 -4.67 -3.91 1.13
C LEU A 50 -5.23 -3.42 2.50
N ARG A 51 -5.57 -2.13 2.58
CA ARG A 51 -6.05 -1.49 3.84
C ARG A 51 -7.46 -1.97 4.24
N ARG A 52 -8.23 -2.48 3.25
CA ARG A 52 -9.59 -3.03 3.48
C ARG A 52 -9.53 -4.56 3.67
N TYR A 53 -8.36 -5.17 3.40
CA TYR A 53 -8.15 -6.62 3.62
C TYR A 53 -7.63 -6.81 5.07
N PRO A 54 -8.45 -7.39 6.01
CA PRO A 54 -8.02 -7.63 7.39
C PRO A 54 -7.06 -8.84 7.45
N LEU A 55 -5.75 -8.56 7.33
CA LEU A 55 -4.70 -9.58 7.44
C LEU A 55 -3.59 -9.06 8.38
N PRO A 56 -2.80 -9.96 9.04
CA PRO A 56 -1.65 -9.53 9.87
C PRO A 56 -0.49 -8.95 9.01
N LEU A 57 -0.43 -7.61 8.94
CA LEU A 57 0.65 -6.86 8.27
C LEU A 57 1.91 -6.87 9.15
N ARG A 58 2.75 -7.90 8.97
CA ARG A 58 4.03 -8.03 9.71
C ARG A 58 5.19 -8.15 8.69
N SER A 59 4.87 -8.64 7.49
CA SER A 59 5.85 -8.85 6.41
C SER A 59 5.33 -8.25 5.11
N GLY A 60 6.26 -7.78 4.27
CA GLY A 60 5.94 -7.25 2.95
C GLY A 60 5.39 -8.30 2.00
N LYS A 61 5.72 -9.57 2.31
CA LYS A 61 5.19 -10.76 1.61
C LYS A 61 3.65 -10.68 1.48
N GLU A 62 2.98 -10.52 2.64
CA GLU A 62 1.51 -10.56 2.76
C GLU A 62 0.86 -9.29 2.16
N ALA A 63 1.66 -8.23 1.97
CA ALA A 63 1.21 -6.95 1.43
C ALA A 63 1.25 -6.94 -0.12
N LYS A 64 2.30 -7.53 -0.71
CA LYS A 64 2.56 -7.46 -2.16
C LYS A 64 1.91 -8.62 -2.96
N ILE A 65 1.52 -9.73 -2.28
CA ILE A 65 0.94 -10.92 -2.97
C ILE A 65 -0.50 -10.71 -3.48
N LEU A 66 -1.12 -9.56 -3.15
CA LEU A 66 -2.43 -9.20 -3.71
C LEU A 66 -2.26 -8.89 -5.22
N GLN A 67 -3.11 -9.52 -6.06
CA GLN A 67 -3.02 -9.42 -7.54
C GLN A 67 -3.33 -8.01 -8.06
N HIS A 68 -3.92 -7.18 -7.18
CA HIS A 68 -4.17 -5.75 -7.43
C HIS A 68 -2.84 -5.00 -7.60
N PHE A 69 -1.83 -5.38 -6.80
CA PHE A 69 -0.45 -4.95 -7.01
C PHE A 69 0.09 -5.66 -8.26
N GLY A 70 0.18 -4.93 -9.38
CA GLY A 70 0.73 -5.47 -10.64
C GLY A 70 2.17 -5.96 -10.50
N ASP A 71 2.69 -6.70 -11.49
CA ASP A 71 4.04 -7.33 -11.41
C ASP A 71 5.14 -6.26 -11.19
N GLY A 72 5.05 -5.16 -11.94
CA GLY A 72 5.98 -4.04 -11.82
C GLY A 72 5.84 -3.30 -10.49
N LEU A 73 4.58 -3.17 -10.02
CA LEU A 73 4.25 -2.49 -8.75
C LEU A 73 4.84 -3.30 -7.57
N CYS A 74 4.64 -4.62 -7.62
CA CYS A 74 5.04 -5.55 -6.56
C CYS A 74 6.57 -5.64 -6.43
N ARG A 75 7.27 -5.56 -7.57
CA ARG A 75 8.73 -5.57 -7.62
C ARG A 75 9.33 -4.27 -7.02
N MET A 76 8.83 -3.11 -7.48
CA MET A 76 9.34 -1.80 -7.01
C MET A 76 8.96 -1.55 -5.54
N LEU A 77 7.87 -2.20 -5.08
CA LEU A 77 7.44 -2.18 -3.66
C LEU A 77 8.37 -3.07 -2.82
N ASP A 78 8.67 -4.27 -3.36
CA ASP A 78 9.54 -5.27 -2.71
C ASP A 78 10.93 -4.69 -2.40
N GLU A 79 11.55 -4.11 -3.44
CA GLU A 79 12.89 -3.54 -3.32
C GLU A 79 12.86 -2.16 -2.62
N ARG A 80 11.68 -1.50 -2.56
CA ARG A 80 11.47 -0.29 -1.72
C ARG A 80 11.73 -0.61 -0.24
N LEU A 81 11.11 -1.71 0.24
CA LEU A 81 11.31 -2.22 1.62
C LEU A 81 12.79 -2.60 1.84
N GLN A 82 13.37 -3.25 0.82
CA GLN A 82 14.78 -3.70 0.83
C GLN A 82 15.76 -2.50 0.94
N ARG A 83 15.50 -1.44 0.15
CA ARG A 83 16.36 -0.23 0.13
C ARG A 83 16.24 0.54 1.45
N HIS A 84 15.01 0.63 1.97
CA HIS A 84 14.72 1.31 3.24
C HIS A 84 15.41 0.59 4.42
N ARG A 85 15.45 -0.75 4.35
CA ARG A 85 16.09 -1.59 5.37
C ARG A 85 17.62 -1.44 5.32
N THR A 86 18.15 -1.36 4.10
CA THR A 86 19.60 -1.16 3.84
C THR A 86 20.06 0.24 4.31
N SER A 87 19.15 1.22 4.24
CA SER A 87 19.43 2.63 4.60
C SER A 87 18.95 2.98 6.03
N GLY A 88 18.16 2.09 6.63
CA GLY A 88 17.57 2.31 7.95
C GLY A 88 18.15 1.37 8.98
N GLY A 89 18.96 1.94 9.91
CA GLY A 89 19.53 1.17 11.02
C GLY A 89 18.56 1.04 12.20
N ASP A 90 19.10 1.02 13.42
CA ASP A 90 18.32 0.82 14.67
C ASP A 90 18.61 1.97 15.68
N ALA A 1 0.47 15.58 8.67
CA ALA A 1 -0.97 15.56 8.95
C ALA A 1 -1.62 16.89 8.53
N ALA A 2 -2.44 16.84 7.47
CA ALA A 2 -3.26 17.98 7.00
C ALA A 2 -4.73 17.53 6.95
N ALA A 3 -4.94 16.36 6.33
CA ALA A 3 -6.24 15.67 6.32
C ALA A 3 -6.47 14.98 7.69
N PRO A 4 -7.70 15.14 8.30
CA PRO A 4 -8.04 14.43 9.57
C PRO A 4 -8.12 12.91 9.37
N VAL A 5 -7.83 12.15 10.44
CA VAL A 5 -7.76 10.68 10.39
C VAL A 5 -9.14 10.05 10.06
N ARG A 6 -9.21 9.37 8.91
CA ARG A 6 -10.38 8.56 8.52
C ARG A 6 -10.14 7.11 8.96
N LEU A 7 -10.81 6.72 10.04
CA LEU A 7 -10.74 5.36 10.60
C LEU A 7 -11.95 4.52 10.12
N GLY A 8 -11.77 3.20 10.17
CA GLY A 8 -12.83 2.26 9.77
C GLY A 8 -12.55 0.87 10.31
N ARG A 9 -12.12 0.82 11.59
CA ARG A 9 -11.81 -0.44 12.29
C ARG A 9 -13.12 -1.11 12.79
N LYS A 10 -13.83 -1.74 11.85
CA LYS A 10 -15.07 -2.48 12.14
C LYS A 10 -14.69 -3.75 12.92
N ARG A 11 -15.02 -3.77 14.23
CA ARG A 11 -14.61 -4.86 15.14
C ARG A 11 -15.68 -5.99 15.13
N PRO A 12 -15.29 -7.32 15.08
CA PRO A 12 -13.88 -7.83 15.17
C PRO A 12 -13.02 -7.45 13.93
N LEU A 13 -12.01 -6.60 14.18
CA LEU A 13 -11.17 -5.99 13.12
C LEU A 13 -10.44 -7.08 12.30
N PRO A 14 -10.22 -6.85 10.97
CA PRO A 14 -9.60 -7.86 10.08
C PRO A 14 -8.06 -7.92 10.27
N ALA A 15 -7.35 -8.41 9.24
CA ALA A 15 -5.88 -8.36 9.21
C ALA A 15 -5.45 -6.94 8.83
N CYS A 16 -5.62 -6.03 9.80
CA CYS A 16 -5.29 -4.63 9.67
C CYS A 16 -4.14 -4.27 10.62
N PRO A 17 -2.85 -4.40 10.13
CA PRO A 17 -1.65 -4.08 10.94
C PRO A 17 -1.43 -2.56 11.07
N ASN A 18 -0.24 -2.17 11.55
CA ASN A 18 0.18 -0.76 11.62
C ASN A 18 0.19 -0.11 10.21
N PRO A 19 -0.11 1.23 10.10
CA PRO A 19 -0.05 1.98 8.81
C PRO A 19 1.40 2.18 8.24
N LEU A 20 2.30 1.19 8.44
CA LEU A 20 3.66 1.18 7.87
C LEU A 20 3.61 1.17 6.33
N PHE A 21 2.94 0.12 5.77
CA PHE A 21 2.75 -0.03 4.31
C PHE A 21 1.90 1.12 3.75
N VAL A 22 0.86 1.52 4.53
CA VAL A 22 -0.07 2.60 4.16
C VAL A 22 0.67 3.94 3.96
N ARG A 23 1.67 4.20 4.85
CA ARG A 23 2.48 5.43 4.80
C ARG A 23 3.36 5.46 3.53
N TRP A 24 3.95 4.30 3.19
CA TRP A 24 4.77 4.13 1.96
C TRP A 24 3.90 4.41 0.72
N LEU A 25 2.63 3.93 0.79
CA LEU A 25 1.63 4.12 -0.26
C LEU A 25 1.07 5.56 -0.27
N THR A 26 1.23 6.31 0.84
CA THR A 26 0.79 7.74 0.94
C THR A 26 1.70 8.65 0.10
N GLU A 27 3.03 8.50 0.28
CA GLU A 27 4.01 9.25 -0.55
C GLU A 27 4.01 8.74 -2.00
N TRP A 28 3.61 7.47 -2.18
CA TRP A 28 3.57 6.83 -3.52
C TRP A 28 2.34 7.34 -4.32
N ARG A 29 1.18 7.54 -3.64
CA ARG A 29 -0.03 8.11 -4.29
C ARG A 29 0.15 9.62 -4.52
N ASP A 30 1.04 10.23 -3.72
CA ASP A 30 1.43 11.64 -3.91
C ASP A 30 2.22 11.78 -5.24
N GLU A 31 3.17 10.85 -5.45
CA GLU A 31 3.97 10.75 -6.68
C GLU A 31 3.09 10.42 -7.91
N ALA A 32 2.09 9.55 -7.69
CA ALA A 32 1.10 9.20 -8.73
C ALA A 32 0.32 10.45 -9.16
N THR A 33 -0.14 11.23 -8.15
CA THR A 33 -0.90 12.49 -8.36
C THR A 33 0.00 13.64 -8.88
N ARG A 34 1.31 13.52 -8.66
CA ARG A 34 2.29 14.47 -9.19
C ARG A 34 2.45 14.26 -10.71
N SER A 35 2.44 12.98 -11.13
CA SER A 35 2.55 12.60 -12.56
C SER A 35 1.17 12.68 -13.28
N ARG A 36 0.09 12.60 -12.48
CA ARG A 36 -1.32 12.67 -12.95
C ARG A 36 -1.66 11.64 -14.06
N ARG A 37 -0.92 10.52 -14.11
CA ARG A 37 -1.05 9.50 -15.18
C ARG A 37 -1.96 8.34 -14.73
N ARG A 38 -2.04 7.28 -15.59
CA ARG A 38 -2.85 6.06 -15.35
C ARG A 38 -2.39 5.31 -14.08
N THR A 39 -1.14 5.59 -13.67
CA THR A 39 -0.56 5.12 -12.40
C THR A 39 -1.49 5.37 -11.20
N ARG A 40 -2.22 6.51 -11.21
CA ARG A 40 -3.16 6.88 -10.14
C ARG A 40 -4.30 5.84 -10.03
N PHE A 41 -4.83 5.45 -11.20
CA PHE A 41 -6.01 4.56 -11.31
C PHE A 41 -5.66 3.14 -10.82
N VAL A 42 -4.56 2.59 -11.37
CA VAL A 42 -4.12 1.20 -11.08
C VAL A 42 -3.63 1.06 -9.63
N PHE A 43 -3.02 2.15 -9.10
CA PHE A 43 -2.50 2.21 -7.73
C PHE A 43 -3.64 2.45 -6.74
N GLN A 44 -4.69 3.16 -7.18
CA GLN A 44 -5.91 3.37 -6.37
C GLN A 44 -6.59 2.03 -6.12
N LYS A 45 -6.70 1.23 -7.20
CA LYS A 45 -7.26 -0.13 -7.15
C LYS A 45 -6.42 -1.03 -6.22
N ALA A 46 -5.09 -0.92 -6.37
CA ALA A 46 -4.12 -1.72 -5.59
C ALA A 46 -4.21 -1.42 -4.07
N LEU A 47 -4.16 -0.12 -3.73
CA LEU A 47 -4.16 0.39 -2.33
C LEU A 47 -5.51 0.07 -1.65
N ARG A 48 -6.59 0.44 -2.36
CA ARG A 48 -7.97 0.33 -1.83
C ARG A 48 -8.33 -1.14 -1.57
N SER A 49 -8.02 -2.01 -2.56
CA SER A 49 -8.25 -3.45 -2.46
C SER A 49 -7.36 -4.09 -1.38
N LEU A 50 -6.16 -3.52 -1.13
CA LEU A 50 -5.23 -4.04 -0.09
C LEU A 50 -5.90 -3.94 1.30
N ARG A 51 -6.59 -2.81 1.55
CA ARG A 51 -7.36 -2.56 2.80
C ARG A 51 -8.83 -3.01 2.74
N ARG A 52 -9.32 -3.34 1.53
CA ARG A 52 -10.69 -3.87 1.33
C ARG A 52 -10.71 -5.40 1.48
N TYR A 53 -9.58 -6.04 1.18
CA TYR A 53 -9.38 -7.49 1.35
C TYR A 53 -9.06 -7.79 2.83
N PRO A 54 -9.97 -8.52 3.56
CA PRO A 54 -9.78 -8.87 4.99
C PRO A 54 -9.04 -10.21 5.19
N LEU A 55 -8.34 -10.67 4.15
CA LEU A 55 -7.54 -11.91 4.18
C LEU A 55 -6.33 -11.76 5.14
N PRO A 56 -5.78 -12.89 5.70
CA PRO A 56 -4.59 -12.82 6.59
C PRO A 56 -3.31 -12.43 5.81
N LEU A 57 -2.91 -11.14 5.91
CA LEU A 57 -1.62 -10.66 5.39
C LEU A 57 -0.51 -11.23 6.29
N ARG A 58 -0.02 -12.43 5.93
CA ARG A 58 1.05 -13.13 6.66
C ARG A 58 2.32 -13.25 5.80
N SER A 59 2.25 -12.77 4.54
CA SER A 59 3.37 -12.78 3.59
C SER A 59 3.07 -11.80 2.45
N GLY A 60 4.11 -11.51 1.64
CA GLY A 60 3.98 -10.65 0.47
C GLY A 60 3.21 -11.31 -0.66
N LYS A 61 3.10 -12.66 -0.64
CA LYS A 61 2.29 -13.43 -1.60
C LYS A 61 0.80 -13.08 -1.44
N GLU A 62 0.38 -12.91 -0.18
CA GLU A 62 -1.01 -12.54 0.19
C GLU A 62 -1.37 -11.11 -0.25
N ALA A 63 -0.35 -10.30 -0.58
CA ALA A 63 -0.53 -9.00 -1.23
C ALA A 63 -0.59 -9.16 -2.77
N LYS A 64 0.19 -10.12 -3.30
CA LYS A 64 0.32 -10.36 -4.76
C LYS A 64 -0.90 -11.08 -5.35
N ILE A 65 -1.61 -11.89 -4.52
CA ILE A 65 -2.79 -12.66 -5.00
C ILE A 65 -3.96 -11.72 -5.39
N LEU A 66 -3.87 -10.45 -4.95
CA LEU A 66 -4.76 -9.36 -5.42
C LEU A 66 -4.36 -9.00 -6.86
N GLN A 67 -5.25 -9.31 -7.81
CA GLN A 67 -5.02 -9.11 -9.25
C GLN A 67 -4.96 -7.62 -9.66
N HIS A 68 -5.39 -6.73 -8.73
CA HIS A 68 -5.40 -5.26 -8.94
C HIS A 68 -3.97 -4.70 -9.11
N PHE A 69 -3.01 -5.36 -8.44
CA PHE A 69 -1.58 -5.08 -8.59
C PHE A 69 -1.12 -5.57 -9.98
N GLY A 70 -0.78 -4.61 -10.87
CA GLY A 70 -0.22 -4.93 -12.19
C GLY A 70 1.17 -5.56 -12.11
N ASP A 71 1.72 -5.99 -13.25
CA ASP A 71 3.10 -6.54 -13.34
C ASP A 71 4.10 -5.58 -12.69
N GLY A 72 4.07 -4.32 -13.18
CA GLY A 72 4.92 -3.26 -12.67
C GLY A 72 4.71 -2.96 -11.20
N LEU A 73 3.43 -2.76 -10.80
CA LEU A 73 3.07 -2.33 -9.41
C LEU A 73 3.52 -3.40 -8.38
N CYS A 74 3.26 -4.68 -8.70
CA CYS A 74 3.58 -5.84 -7.84
C CYS A 74 5.10 -5.97 -7.62
N ARG A 75 5.88 -5.70 -8.70
CA ARG A 75 7.36 -5.65 -8.65
C ARG A 75 7.83 -4.47 -7.78
N MET A 76 7.24 -3.29 -8.03
CA MET A 76 7.60 -2.02 -7.34
C MET A 76 7.31 -2.11 -5.82
N LEU A 77 6.23 -2.82 -5.46
CA LEU A 77 5.82 -3.00 -4.05
C LEU A 77 6.74 -4.00 -3.36
N ASP A 78 6.96 -5.16 -4.03
CA ASP A 78 7.81 -6.26 -3.52
C ASP A 78 9.26 -5.77 -3.29
N GLU A 79 9.75 -4.98 -4.24
CA GLU A 79 11.09 -4.38 -4.22
C GLU A 79 11.15 -3.16 -3.29
N ARG A 80 9.99 -2.57 -2.92
CA ARG A 80 9.91 -1.52 -1.90
C ARG A 80 10.16 -2.10 -0.48
N LEU A 81 9.48 -3.22 -0.17
CA LEU A 81 9.69 -3.98 1.09
C LEU A 81 11.14 -4.49 1.16
N GLN A 82 11.64 -4.92 -0.01
CA GLN A 82 13.05 -5.35 -0.20
C GLN A 82 14.01 -4.17 0.05
N ARG A 83 13.65 -2.98 -0.49
CA ARG A 83 14.47 -1.74 -0.44
C ARG A 83 14.65 -1.26 1.02
N HIS A 84 13.56 -1.39 1.79
CA HIS A 84 13.52 -1.05 3.23
C HIS A 84 14.44 -2.00 4.02
N ARG A 85 14.41 -3.29 3.63
CA ARG A 85 15.23 -4.36 4.24
C ARG A 85 16.73 -4.17 3.86
N THR A 86 16.96 -3.64 2.64
CA THR A 86 18.32 -3.35 2.10
C THR A 86 18.89 -2.07 2.79
N SER A 87 17.98 -1.21 3.24
CA SER A 87 18.32 -0.04 4.08
C SER A 87 18.69 -0.48 5.52
N GLY A 88 18.47 -1.77 5.83
CA GLY A 88 18.81 -2.37 7.12
C GLY A 88 17.58 -2.74 7.93
N GLY A 89 16.39 -2.60 7.30
CA GLY A 89 15.10 -2.86 7.97
C GLY A 89 14.80 -1.89 9.10
N ASP A 90 13.77 -2.21 9.89
CA ASP A 90 13.43 -1.44 11.11
C ASP A 90 14.06 -2.13 12.33
N ALA A 1 16.74 4.77 10.93
CA ALA A 1 16.69 3.43 10.29
C ALA A 1 15.23 2.93 10.24
N ALA A 2 14.96 1.98 9.32
CA ALA A 2 13.61 1.41 9.11
C ALA A 2 13.28 0.35 10.19
N ALA A 3 12.48 0.75 11.19
CA ALA A 3 12.05 -0.13 12.31
C ALA A 3 10.94 -1.11 11.83
N PRO A 4 11.19 -2.46 11.84
CA PRO A 4 10.21 -3.47 11.36
C PRO A 4 9.08 -3.77 12.38
N VAL A 5 9.02 -3.01 13.49
CA VAL A 5 7.91 -3.07 14.45
C VAL A 5 6.58 -2.70 13.77
N ARG A 6 5.61 -3.61 13.85
CA ARG A 6 4.27 -3.36 13.32
C ARG A 6 3.50 -2.49 14.32
N LEU A 7 3.17 -1.25 13.91
CA LEU A 7 2.37 -0.31 14.71
C LEU A 7 0.90 -0.76 14.71
N GLY A 8 0.64 -1.88 15.41
CA GLY A 8 -0.66 -2.55 15.41
C GLY A 8 -1.24 -2.65 16.81
N ARG A 9 -0.98 -1.63 17.63
CA ARG A 9 -1.63 -1.47 18.95
C ARG A 9 -2.74 -0.41 18.80
N LYS A 10 -3.53 -0.57 17.72
CA LYS A 10 -4.57 0.39 17.31
C LYS A 10 -5.92 0.00 17.95
N ARG A 11 -6.68 1.03 18.37
CA ARG A 11 -8.05 0.88 18.87
C ARG A 11 -9.06 1.00 17.69
N PRO A 12 -10.11 0.11 17.60
CA PRO A 12 -10.26 -1.11 18.42
C PRO A 12 -9.52 -2.33 17.82
N LEU A 13 -9.24 -2.27 16.51
CA LEU A 13 -8.71 -3.40 15.73
C LEU A 13 -7.16 -3.34 15.68
N PRO A 14 -6.43 -4.42 16.13
CA PRO A 14 -4.97 -4.45 16.16
C PRO A 14 -4.33 -4.84 14.80
N ALA A 15 -4.70 -6.03 14.28
CA ALA A 15 -4.09 -6.61 13.06
C ALA A 15 -4.81 -6.10 11.80
N CYS A 16 -4.62 -4.80 11.54
CA CYS A 16 -5.14 -4.12 10.35
C CYS A 16 -4.03 -3.98 9.29
N PRO A 17 -4.37 -3.58 8.03
CA PRO A 17 -3.38 -2.98 7.09
C PRO A 17 -2.57 -1.87 7.79
N ASN A 18 -1.34 -2.25 8.18
CA ASN A 18 -0.50 -1.52 9.15
C ASN A 18 -0.13 -0.09 8.64
N PRO A 19 -0.14 0.96 9.54
CA PRO A 19 0.24 2.37 9.20
C PRO A 19 1.53 2.51 8.38
N LEU A 20 2.49 1.57 8.58
CA LEU A 20 3.76 1.50 7.83
C LEU A 20 3.45 1.32 6.32
N PHE A 21 2.65 0.27 6.02
CA PHE A 21 2.28 -0.09 4.63
C PHE A 21 1.46 1.03 3.99
N VAL A 22 0.45 1.54 4.73
CA VAL A 22 -0.42 2.63 4.25
C VAL A 22 0.41 3.90 3.92
N ARG A 23 1.44 4.17 4.75
CA ARG A 23 2.31 5.36 4.62
C ARG A 23 3.14 5.31 3.31
N TRP A 24 3.80 4.17 3.08
CA TRP A 24 4.71 3.96 1.93
C TRP A 24 3.93 3.90 0.60
N LEU A 25 2.78 3.22 0.64
CA LEU A 25 1.87 3.09 -0.50
C LEU A 25 1.31 4.48 -0.89
N THR A 26 0.80 5.24 0.10
CA THR A 26 0.22 6.59 -0.12
C THR A 26 1.30 7.60 -0.59
N GLU A 27 2.58 7.35 -0.23
CA GLU A 27 3.73 8.18 -0.65
C GLU A 27 3.93 8.08 -2.17
N TRP A 28 4.04 6.83 -2.66
CA TRP A 28 4.25 6.56 -4.09
C TRP A 28 3.00 6.98 -4.90
N ARG A 29 1.82 6.77 -4.28
CA ARG A 29 0.52 7.22 -4.81
C ARG A 29 0.48 8.75 -4.97
N ASP A 30 1.11 9.48 -4.02
CA ASP A 30 1.15 10.97 -4.03
C ASP A 30 1.92 11.46 -5.26
N GLU A 31 3.03 10.76 -5.57
CA GLU A 31 3.84 11.02 -6.76
C GLU A 31 3.09 10.60 -8.05
N ALA A 32 2.33 9.50 -7.96
CA ALA A 32 1.55 8.96 -9.09
C ALA A 32 0.38 9.92 -9.46
N THR A 33 -0.18 10.56 -8.43
CA THR A 33 -1.26 11.55 -8.57
C THR A 33 -0.68 12.88 -9.10
N ARG A 34 0.58 13.17 -8.69
CA ARG A 34 1.34 14.34 -9.18
C ARG A 34 1.73 14.13 -10.68
N SER A 35 1.85 12.86 -11.10
CA SER A 35 2.11 12.49 -12.50
C SER A 35 0.85 12.62 -13.37
N ARG A 36 -0.34 12.59 -12.70
CA ARG A 36 -1.67 12.77 -13.34
C ARG A 36 -1.97 11.71 -14.44
N ARG A 37 -1.25 10.59 -14.39
CA ARG A 37 -1.26 9.57 -15.46
C ARG A 37 -2.17 8.40 -15.03
N ARG A 38 -2.21 7.33 -15.86
CA ARG A 38 -2.93 6.07 -15.54
C ARG A 38 -2.40 5.45 -14.23
N THR A 39 -1.13 5.75 -13.90
CA THR A 39 -0.46 5.29 -12.67
C THR A 39 -1.26 5.63 -11.40
N ARG A 40 -1.90 6.83 -11.35
CA ARG A 40 -2.66 7.29 -10.17
C ARG A 40 -3.91 6.39 -9.95
N PHE A 41 -4.51 5.93 -11.07
CA PHE A 41 -5.74 5.12 -11.07
C PHE A 41 -5.44 3.72 -10.53
N VAL A 42 -4.50 3.04 -11.21
CA VAL A 42 -4.19 1.63 -10.97
C VAL A 42 -3.46 1.42 -9.63
N PHE A 43 -2.68 2.44 -9.18
CA PHE A 43 -1.95 2.37 -7.90
C PHE A 43 -2.94 2.54 -6.73
N GLN A 44 -3.84 3.54 -6.85
CA GLN A 44 -4.87 3.84 -5.83
C GLN A 44 -5.81 2.63 -5.63
N LYS A 45 -6.18 1.98 -6.75
CA LYS A 45 -7.08 0.83 -6.76
C LYS A 45 -6.43 -0.38 -6.06
N ALA A 46 -5.15 -0.62 -6.37
CA ALA A 46 -4.35 -1.71 -5.77
C ALA A 46 -4.10 -1.46 -4.27
N LEU A 47 -3.91 -0.17 -3.94
CA LEU A 47 -3.67 0.34 -2.57
C LEU A 47 -4.92 0.05 -1.70
N ARG A 48 -6.10 0.33 -2.28
CA ARG A 48 -7.39 0.09 -1.63
C ARG A 48 -7.65 -1.40 -1.43
N SER A 49 -7.29 -2.22 -2.45
CA SER A 49 -7.44 -3.69 -2.39
C SER A 49 -6.65 -4.26 -1.20
N LEU A 50 -5.41 -3.76 -1.02
CA LEU A 50 -4.53 -4.11 0.12
C LEU A 50 -5.19 -3.75 1.47
N ARG A 51 -5.87 -2.59 1.50
CA ARG A 51 -6.55 -2.09 2.71
C ARG A 51 -7.92 -2.77 2.95
N ARG A 52 -8.51 -3.34 1.89
CA ARG A 52 -9.81 -4.06 1.97
C ARG A 52 -9.61 -5.50 2.44
N TYR A 53 -8.42 -6.07 2.17
CA TYR A 53 -8.02 -7.40 2.66
C TYR A 53 -7.59 -7.32 4.13
N PRO A 54 -8.31 -8.01 5.08
CA PRO A 54 -7.91 -8.11 6.49
C PRO A 54 -7.06 -9.37 6.76
N LEU A 55 -6.21 -9.74 5.78
CA LEU A 55 -5.25 -10.86 5.90
C LEU A 55 -4.14 -10.51 6.94
N PRO A 56 -3.37 -11.52 7.47
CA PRO A 56 -2.19 -11.24 8.33
C PRO A 56 -1.07 -10.49 7.56
N LEU A 57 -1.23 -9.16 7.45
CA LEU A 57 -0.25 -8.26 6.81
C LEU A 57 0.84 -7.91 7.84
N ARG A 58 1.88 -8.76 7.88
CA ARG A 58 3.01 -8.63 8.81
C ARG A 58 4.36 -8.70 8.06
N SER A 59 4.28 -8.51 6.72
CA SER A 59 5.45 -8.40 5.83
C SER A 59 5.00 -7.89 4.44
N GLY A 60 5.97 -7.41 3.64
CA GLY A 60 5.71 -6.85 2.31
C GLY A 60 5.26 -7.88 1.27
N LYS A 61 5.48 -9.16 1.59
CA LYS A 61 5.10 -10.29 0.74
C LYS A 61 3.57 -10.39 0.62
N GLU A 62 2.85 -10.22 1.76
CA GLU A 62 1.37 -10.25 1.79
C GLU A 62 0.78 -8.98 1.15
N ALA A 63 1.63 -7.95 0.91
CA ALA A 63 1.23 -6.71 0.26
C ALA A 63 1.29 -6.85 -1.28
N LYS A 64 2.32 -7.57 -1.77
CA LYS A 64 2.58 -7.69 -3.22
C LYS A 64 1.81 -8.86 -3.87
N ILE A 65 1.39 -9.88 -3.08
CA ILE A 65 0.72 -11.10 -3.61
C ILE A 65 -0.70 -10.82 -4.15
N LEU A 66 -1.25 -9.62 -3.85
CA LEU A 66 -2.51 -9.17 -4.44
C LEU A 66 -2.26 -8.89 -5.94
N GLN A 67 -2.95 -9.67 -6.79
CA GLN A 67 -2.80 -9.60 -8.26
C GLN A 67 -3.35 -8.27 -8.82
N HIS A 68 -4.06 -7.52 -7.95
CA HIS A 68 -4.52 -6.15 -8.20
C HIS A 68 -3.32 -5.22 -8.53
N PHE A 69 -2.17 -5.53 -7.89
CA PHE A 69 -0.87 -4.96 -8.24
C PHE A 69 -0.35 -5.70 -9.49
N GLY A 70 -0.41 -5.06 -10.67
CA GLY A 70 0.08 -5.66 -11.93
C GLY A 70 1.59 -5.87 -11.93
N ASP A 71 2.12 -6.76 -12.81
CA ASP A 71 3.54 -7.22 -12.79
C ASP A 71 4.57 -6.09 -12.57
N GLY A 72 4.43 -5.01 -13.37
CA GLY A 72 5.33 -3.86 -13.27
C GLY A 72 5.27 -3.16 -11.91
N LEU A 73 4.04 -2.79 -11.49
CA LEU A 73 3.76 -2.10 -10.20
C LEU A 73 4.24 -2.97 -9.01
N CYS A 74 3.99 -4.28 -9.12
CA CYS A 74 4.30 -5.27 -8.08
C CYS A 74 5.81 -5.40 -7.89
N ARG A 75 6.58 -5.25 -8.99
CA ARG A 75 8.06 -5.26 -8.98
C ARG A 75 8.63 -3.95 -8.42
N MET A 76 7.95 -2.82 -8.68
CA MET A 76 8.36 -1.49 -8.17
C MET A 76 8.14 -1.43 -6.65
N LEU A 77 7.06 -2.08 -6.19
CA LEU A 77 6.71 -2.20 -4.77
C LEU A 77 7.68 -3.18 -4.10
N ASP A 78 7.96 -4.30 -4.79
CA ASP A 78 8.87 -5.36 -4.33
C ASP A 78 10.27 -4.81 -4.06
N GLU A 79 10.82 -4.10 -5.07
CA GLU A 79 12.19 -3.57 -5.00
C GLU A 79 12.29 -2.48 -3.94
N ARG A 80 11.21 -1.70 -3.75
CA ARG A 80 11.17 -0.58 -2.80
C ARG A 80 11.26 -1.07 -1.35
N LEU A 81 10.38 -2.02 -1.00
CA LEU A 81 10.31 -2.59 0.36
C LEU A 81 11.57 -3.41 0.67
N GLN A 82 12.13 -4.06 -0.37
CA GLN A 82 13.41 -4.82 -0.29
C GLN A 82 14.60 -3.87 -0.06
N ARG A 83 14.56 -2.71 -0.74
CA ARG A 83 15.65 -1.71 -0.75
C ARG A 83 15.80 -1.05 0.63
N HIS A 84 14.66 -0.61 1.17
CA HIS A 84 14.59 0.19 2.40
C HIS A 84 14.72 -0.70 3.66
N ARG A 85 14.34 -2.00 3.57
CA ARG A 85 14.47 -2.94 4.71
C ARG A 85 15.95 -3.33 4.93
N THR A 86 16.74 -3.32 3.84
CA THR A 86 18.21 -3.55 3.89
C THR A 86 18.90 -2.39 4.67
N SER A 87 18.29 -1.19 4.58
CA SER A 87 18.70 0.01 5.33
C SER A 87 17.96 0.07 6.70
N GLY A 88 17.38 -1.08 7.10
CA GLY A 88 16.61 -1.19 8.34
C GLY A 88 17.46 -1.12 9.61
N GLY A 89 18.65 -1.73 9.57
CA GLY A 89 19.57 -1.77 10.71
C GLY A 89 18.97 -2.50 11.93
N ASP A 90 18.67 -1.73 12.99
CA ASP A 90 18.05 -2.23 14.24
C ASP A 90 17.72 -1.05 15.19
#